data_9CT0
#
_entry.id   9CT0
#
_cell.length_a   1.00
_cell.length_b   1.00
_cell.length_c   1.00
_cell.angle_alpha   90.00
_cell.angle_beta   90.00
_cell.angle_gamma   90.00
#
_symmetry.space_group_name_H-M   'P 1'
#
loop_
_entity.id
_entity.type
_entity.pdbx_description
1 polymer 'Gamma-aminobutyric acid receptor subunit beta-2'
2 polymer 'Gamma-aminobutyric acid receptor subunit alpha-1'
3 polymer 'Gamma-aminobutyric acid receptor subunit alpha-2'
4 polymer 'Gamma-aminobutyric acid receptor subunit gamma-2'
5 polymer 'Kappa Fab_1F4 Light Chain'
6 polymer 'IgG2b Fab_1F4 Heavy Chain'
7 branched 2-acetamido-2-deoxy-beta-D-glucopyranose-(1-4)-2-acetamido-2-deoxy-beta-D-glucopyranose
8 branched beta-D-mannopyranose-(1-4)-2-acetamido-2-deoxy-beta-D-glucopyranose-(1-4)-2-acetamido-2-deoxy-beta-D-glucopyranose
9 branched alpha-D-mannopyranose-(1-2)-alpha-D-mannopyranose-(1-3)-[alpha-D-mannopyranose-(1-3)-alpha-D-mannopyranose-(1-6)]beta-D-mannopyranose-(1-4)-2-acetamido-2-deoxy-beta-D-glucopyranose-(1-4)-2-acetamido-2-deoxy-beta-D-glucopyranose
10 non-polymer 'GAMMA-AMINO-BUTANOIC ACID'
11 non-polymer '[(2R)-2-octanoyloxy-3-[oxidanyl-[(1R,2R,3S,4R,5R,6S)-2,3,6-tris(oxidanyl)-4,5-diphosphonooxy-cyclohexyl]oxy-phosphoryl]oxy-propyl] octanoate'
12 non-polymer '(2S)-3-(hexadecanoyloxy)-2-[(9Z)-octadec-9-enoyloxy]propyl 2-(trimethylammonio)ethyl phosphate'
13 non-polymer 2-acetamido-2-deoxy-beta-D-glucopyranose
#
loop_
_entity_poly.entity_id
_entity_poly.type
_entity_poly.pdbx_seq_one_letter_code
_entity_poly.pdbx_strand_id
1 'polypeptide(L)'
;QSVNDPSNMSLVKETVDRLLKGYDIRLRPDFGGPPVAVGMNIDIASIDMVSEVNMDYTLTMYFQQAWRDKRLSYNVIPLN
LTLDNRVADQLWVPDTYFLNDKKSFVHGVTVKNRMIRLHPDGTVLYGLRITTTAACMMDLRRYPLDEQNCTLEIESYGYT
TDDIEFYWRGDDNAVTGVTKIELPQFSIVDYKLITKKVVFSTGSYPRLSLSFKLKRNIGYFILQTYMPSILITILSWVSF
WINYDASAARVALGITTVLTMTTINTHLRETLPKIPYVKAIDMYLMGCFVFVFMALLEYALVNYIFFGRGPQRQKKAAEK
AASANNEKMRLDVNKIFYKDIKQNGTQYRSLWDPTGNLSPTRRTTNYDFSLYTMDPHENILLSTLEIKNEMATSEAVMGL
GDPRSTMLAYDASSIQYRKAGLPRHSFGRNALERHVAQKKSRLRRRASQLKITIPDLTDVNAIDRWSRIFFPVVFSFFNI
VYWLYYVN
;
A,C
2 'polypeptide(L)'
;QPSLQDELKDNTTVFTRILDRLLDGYDNRLRPGLGERVTEVKTDIFVTSFGPVSDHDMEYTIDVFFRQSWKDERLKFKGP
MTVLRLNNLMASKIWTPDTFFHNGKKSVAHNMTMPNKLLRITEDGTLLYTMRLTVRAECPMHLEDFPMDAHACPLKFGSY
AYTRAEVVYEWTREPARSVVVAEDGSRLNQYDLLGQTVDSGIVQSSTGEYVVMTTHFHLKRKIGYFVIQTYLPCIMTVIL
SQVSFWLNRESVPARTVFGVTTVLTMTTLSISARNSLPKVAYATAMDWFIAVCYAFVFSALIEFATVNYFTKRGYAWDGK
SVVPEKPKKVKDPLIKKNNTYAPTATSYTPNLARGDPGLATIAKSATIEPKEVKPETKPPEPKKTFNSVSKIDRLSRIAF
PLLFGIFNLVYWATYLNREPQLKAPTPHQ
;
B
3 'polypeptide(L)'
;NIQEDEAKNNITIFTRILDRLLDGYDNRLRPGLGDSITEVFTNIYVTSFGPVSDTDMEYTIDVFFRQKWKDERLKFKGPM
NILRLNNLMASKIWTPDTFFHNGKKSVAHNMTMPNKLLRIQDDGTLLYTMRLTVQAECPMHLEDFPMDAHSCPLKFGSYA
YTTSEVTYIWTYNASDSVQVAPDGSRLNQYDLLGQSIGKETIKSSTGEYTVMTAHFHLKRKIGYFVIQTYLPCIMTVILS
QVSFWLNRESVPARTVFGVTTVLTMTTLSISARNSLPKVAYATAMDWFIAVCYAFVFSALIEFATVNYFTKRGWAWDGKS
VVNDKKKEKASVMIQNNAYAVAVANYAPNLSKDPVLSTISKSATTPEPNKKPENKPAEAKKTFNSVSKIDRMSRIVFPVL
FGTFNLVYWATYLNREPVLGVSP
;
D
4 'polypeptide(L)'
;QKSDDDYEDYASNKTWVLTPKVPEGDVTVILNNLLEGYDNKLRPDIGVKPTLIHTDMYVNSIGPVNAINMEYTIDIFFAQ
TWYDRRLKFNSTIKVLRLNSNMVGKIWIPDTFFRNSKKADAHWITTPNRMLRIWNDGRVLYTLRLTIDAECQLQLHNFPM
DEHSCPLEFSSYGYPREEIVYQWKRSSVEVGDTRSWRLYQFSFVGLRNTTEVVKTTSGDYVVMSVYFDLSRRMGYFTIQT
YIPCTLIVVLSWVSFWINKDAVPARTSLGITTVLTMTTLSTIARKSLPKVSYVTAMDLFVSVCFIFVFSALVEYGTLHYF
VSNRKPSKDKDKKKKNPLLRMFSFKAPTIDIRPRSATIQMNNATHLQERDEEYGYECLDGKDCASFFCCFEDCRTGAWRH
GRIHIRIAKMDSYARIFFPTAFCLFNLVYWVSYLYL
;
E
5 'polypeptide(L)'
;NIVMTQSPKSMSMSVGERVTLSCKASEYVGTYVSWYQQKPEQSPKLLIYGASNRYTGVPDRFTGSGSATDFTLTIGSVQA
EDLADYHCGQSYSYPTFGAGTKLELKRADAAPTVSIFPPSSEQLTSGGASVVCFLNNFYPKDINVKWKIDGSERQNGVLN
SWTDQDSKDSTYSMSSTLTLTKDEYERHNSYTCEATHKTSTSPIVKSFNRNEC
;
I
6 'polypeptide(L)'
;EVQLQQSGAELVKPGASVKLSCTASGFNIKDTYMYWVKQRPEQGLEWIGRIDPANGDTKYDPKFQGKATITTDTFSNTAY
LQLSSLTSEDTAVYYCARKGLRWAMDYWGQGTSVTVSTAKTTPPSVYPLAPGCGDTTGSSVTLGCLVKGYFPESVTVTWN
SGSLSSSVHTFPALLQSGLYTMSSSVTVPSSTWPSQTVTCSVAHPASSTTVDKKLEPSGPISTINPCPPCKECHKCPAPN
LEGGPSVFIFPPNIKDVLMISLTPKVTCVVVDVSEDDPDVQISWFVNNVEVHTAQTQTHREDYNSTIRVVSTLPIQHQDW
MSGKEFKCKVNNKDLPSPIERTISKIKGLVRAPQVYILPPPAEQLSRKDVSLTCLVVGFNPGDISVEWTSNGHTEENYKD
TAPVLDSDGSYFIYSKLNMKTSKWEKTDSFSCNVRHEGLKNYYLKKTISRSPGK
;
J
#
loop_
_chem_comp.id
_chem_comp.type
_chem_comp.name
_chem_comp.formula
ABU non-polymer 'GAMMA-AMINO-BUTANOIC ACID' 'C4 H9 N O2'
BMA D-saccharide, beta linking beta-D-mannopyranose 'C6 H12 O6'
MAN D-saccharide, alpha linking alpha-D-mannopyranose 'C6 H12 O6'
NAG D-saccharide, beta linking 2-acetamido-2-deoxy-beta-D-glucopyranose 'C8 H15 N O6'
PIO non-polymer '[(2R)-2-octanoyloxy-3-[oxidanyl-[(1R,2R,3S,4R,5R,6S)-2,3,6-tris(oxidanyl)-4,5-diphosphonooxy-cyclohexyl]oxy-phosphoryl]oxy-propyl] octanoate' 'C25 H49 O19 P3'
POV non-polymer '(2S)-3-(hexadecanoyloxy)-2-[(9Z)-octadec-9-enoyloxy]propyl 2-(trimethylammonio)ethyl phosphate' 'C42 H82 N O8 P'
#
# COMPACT_ATOMS: atom_id res chain seq x y z
N SER A 7 -1.62 -56.27 1.05
CA SER A 7 -1.59 -55.51 -0.19
C SER A 7 -2.58 -54.35 -0.15
N ASN A 8 -2.47 -53.54 0.91
CA ASN A 8 -3.38 -52.39 1.05
C ASN A 8 -2.96 -51.26 0.13
N MET A 9 -1.65 -51.11 -0.12
CA MET A 9 -1.08 -50.03 -0.92
C MET A 9 -1.60 -50.04 -2.35
N SER A 10 -1.61 -51.21 -2.99
CA SER A 10 -2.09 -51.33 -4.36
C SER A 10 -3.59 -51.08 -4.47
N LEU A 11 -4.34 -51.50 -3.44
CA LEU A 11 -5.79 -51.30 -3.44
C LEU A 11 -6.14 -49.82 -3.30
N VAL A 12 -5.47 -49.12 -2.37
CA VAL A 12 -5.70 -47.69 -2.20
C VAL A 12 -5.22 -46.92 -3.42
N LYS A 13 -4.12 -47.39 -4.04
CA LYS A 13 -3.58 -46.75 -5.24
C LYS A 13 -4.54 -46.86 -6.41
N GLU A 14 -5.08 -48.06 -6.65
CA GLU A 14 -6.01 -48.22 -7.78
C GLU A 14 -7.35 -47.56 -7.49
N THR A 15 -7.73 -47.44 -6.21
CA THR A 15 -8.96 -46.74 -5.87
C THR A 15 -8.84 -45.25 -6.15
N VAL A 16 -7.74 -44.63 -5.72
CA VAL A 16 -7.54 -43.20 -5.94
C VAL A 16 -7.33 -42.91 -7.43
N ASP A 17 -6.64 -43.81 -8.12
CA ASP A 17 -6.45 -43.64 -9.58
C ASP A 17 -7.82 -43.45 -10.24
N ARG A 18 -8.70 -44.44 -10.14
CA ARG A 18 -10.03 -44.38 -10.81
C ARG A 18 -10.80 -43.13 -10.37
N LEU A 19 -10.66 -42.71 -9.11
CA LEU A 19 -11.45 -41.56 -8.59
C LEU A 19 -11.33 -40.33 -9.49
N LEU A 20 -10.17 -40.09 -10.10
CA LEU A 20 -9.99 -38.84 -10.89
C LEU A 20 -9.82 -39.16 -12.38
N LYS A 21 -10.19 -40.37 -12.80
CA LYS A 21 -10.11 -40.77 -14.23
C LYS A 21 -11.29 -40.11 -14.96
N GLY A 22 -11.13 -38.86 -15.36
CA GLY A 22 -12.23 -38.13 -16.02
C GLY A 22 -12.91 -37.16 -15.07
N TYR A 23 -12.59 -37.24 -13.77
CA TYR A 23 -13.15 -36.28 -12.79
C TYR A 23 -13.12 -34.88 -13.40
N ASP A 24 -14.29 -34.29 -13.64
CA ASP A 24 -14.33 -32.99 -14.32
C ASP A 24 -14.26 -31.89 -13.27
N ILE A 25 -13.11 -31.24 -13.22
CA ILE A 25 -12.82 -30.14 -12.28
C ILE A 25 -13.73 -28.95 -12.59
N ARG A 26 -14.11 -28.80 -13.86
CA ARG A 26 -14.91 -27.66 -14.30
C ARG A 26 -16.36 -27.75 -13.87
N LEU A 27 -16.85 -28.93 -13.50
CA LEU A 27 -18.25 -29.14 -13.17
C LEU A 27 -18.40 -29.39 -11.68
N ARG A 28 -19.40 -28.73 -11.08
CA ARG A 28 -19.71 -28.93 -9.68
C ARG A 28 -20.44 -30.27 -9.49
N PRO A 29 -20.51 -30.79 -8.26
CA PRO A 29 -21.36 -31.97 -8.01
C PRO A 29 -22.81 -31.66 -8.32
N ASP A 30 -23.48 -32.61 -8.98
CA ASP A 30 -24.90 -32.38 -9.40
C ASP A 30 -24.95 -31.09 -10.21
N PHE A 31 -24.02 -30.91 -11.16
CA PHE A 31 -23.96 -29.65 -11.95
C PHE A 31 -25.36 -29.26 -12.41
N GLY A 32 -26.09 -30.20 -13.00
CA GLY A 32 -27.48 -29.92 -13.43
C GLY A 32 -28.49 -30.41 -12.41
N GLY A 33 -28.02 -30.90 -11.26
CA GLY A 33 -28.92 -31.44 -10.22
C GLY A 33 -29.14 -30.45 -9.09
N PRO A 34 -29.53 -30.92 -7.88
CA PRO A 34 -29.84 -30.02 -6.76
C PRO A 34 -28.63 -29.21 -6.26
N PRO A 35 -28.85 -28.02 -5.66
CA PRO A 35 -27.73 -27.23 -5.10
C PRO A 35 -26.94 -28.02 -4.05
N VAL A 36 -25.68 -28.31 -4.33
CA VAL A 36 -24.83 -29.05 -3.40
C VAL A 36 -24.84 -28.33 -2.04
N ALA A 37 -24.91 -29.13 -0.98
CA ALA A 37 -25.01 -28.60 0.38
C ALA A 37 -23.61 -28.61 0.99
N VAL A 38 -23.11 -27.42 1.32
CA VAL A 38 -21.76 -27.27 1.86
C VAL A 38 -21.87 -26.75 3.29
N GLY A 39 -21.37 -27.54 4.24
CA GLY A 39 -21.37 -27.16 5.65
C GLY A 39 -20.03 -26.60 6.07
N MET A 40 -20.07 -25.68 7.02
CA MET A 40 -18.89 -24.91 7.41
C MET A 40 -18.58 -25.13 8.88
N ASN A 41 -17.30 -25.33 9.19
CA ASN A 41 -16.80 -25.34 10.55
C ASN A 41 -15.60 -24.41 10.64
N ILE A 42 -15.60 -23.55 11.66
CA ILE A 42 -14.53 -22.59 11.87
C ILE A 42 -13.99 -22.79 13.28
N ASP A 43 -12.69 -23.05 13.39
CA ASP A 43 -12.02 -23.12 14.68
C ASP A 43 -11.13 -21.89 14.81
N ILE A 44 -11.53 -20.95 15.66
CA ILE A 44 -10.78 -19.71 15.80
C ILE A 44 -9.50 -19.99 16.59
N ALA A 45 -8.37 -19.62 16.02
CA ALA A 45 -7.08 -19.77 16.69
C ALA A 45 -6.70 -18.52 17.47
N SER A 46 -6.81 -17.35 16.85
CA SER A 46 -6.50 -16.10 17.52
C SER A 46 -7.19 -14.95 16.78
N ILE A 47 -7.33 -13.83 17.49
CA ILE A 47 -7.70 -12.55 16.90
C ILE A 47 -6.57 -11.59 17.25
N ASP A 48 -5.89 -11.06 16.23
CA ASP A 48 -4.58 -10.46 16.44
C ASP A 48 -4.64 -8.96 16.70
N MET A 49 -5.12 -8.19 15.72
CA MET A 49 -5.03 -6.72 15.76
C MET A 49 -6.38 -6.13 15.39
N VAL A 50 -7.24 -5.89 16.38
CA VAL A 50 -8.46 -5.16 16.14
C VAL A 50 -8.11 -3.68 16.14
N SER A 51 -7.85 -3.13 14.95
CA SER A 51 -7.23 -1.82 14.80
C SER A 51 -8.28 -0.80 14.41
N GLU A 52 -8.27 0.35 15.10
CA GLU A 52 -9.21 1.42 14.78
C GLU A 52 -8.66 2.36 13.71
N VAL A 53 -7.34 2.49 13.60
CA VAL A 53 -6.76 3.43 12.65
C VAL A 53 -6.94 2.94 11.21
N ASN A 54 -7.00 1.63 11.02
CA ASN A 54 -7.23 1.04 9.70
C ASN A 54 -8.63 0.46 9.56
N MET A 55 -9.39 0.38 10.66
CA MET A 55 -10.76 -0.14 10.72
C MET A 55 -10.84 -1.58 10.22
N ASP A 56 -10.10 -2.45 10.89
CA ASP A 56 -10.04 -3.86 10.52
C ASP A 56 -9.60 -4.68 11.73
N TYR A 57 -9.83 -5.99 11.64
CA TYR A 57 -9.35 -6.93 12.64
C TYR A 57 -8.71 -8.11 11.92
N THR A 58 -7.70 -8.70 12.53
CA THR A 58 -7.02 -9.84 11.94
C THR A 58 -7.46 -11.13 12.62
N LEU A 59 -7.99 -12.05 11.82
CA LEU A 59 -8.51 -13.32 12.30
C LEU A 59 -7.63 -14.45 11.79
N THR A 60 -7.38 -15.44 12.64
CA THR A 60 -6.71 -16.66 12.22
C THR A 60 -7.58 -17.84 12.62
N MET A 61 -7.97 -18.66 11.65
CA MET A 61 -8.95 -19.70 11.86
C MET A 61 -8.49 -20.99 11.21
N TYR A 62 -9.23 -22.06 11.50
CA TYR A 62 -9.11 -23.33 10.79
C TYR A 62 -10.42 -23.48 10.02
N PHE A 63 -10.49 -22.85 8.84
CA PHE A 63 -11.75 -22.90 8.03
C PHE A 63 -11.94 -24.28 7.43
N GLN A 64 -13.03 -24.96 7.79
CA GLN A 64 -13.29 -26.33 7.29
C GLN A 64 -14.56 -26.34 6.42
N GLN A 65 -14.49 -26.97 5.25
CA GLN A 65 -15.69 -27.07 4.36
C GLN A 65 -16.00 -28.55 4.14
N ALA A 66 -17.27 -28.94 4.30
CA ALA A 66 -17.68 -30.35 4.14
C ALA A 66 -18.87 -30.46 3.19
N TRP A 67 -18.73 -31.26 2.12
CA TRP A 67 -19.87 -31.47 1.18
C TRP A 67 -19.79 -32.89 0.62
N ARG A 68 -20.79 -33.30 -0.17
CA ARG A 68 -20.82 -34.65 -0.71
C ARG A 68 -20.64 -34.61 -2.22
N ASP A 69 -19.65 -35.35 -2.72
CA ASP A 69 -19.40 -35.55 -4.14
C ASP A 69 -19.57 -37.05 -4.37
N LYS A 70 -20.56 -37.43 -5.18
CA LYS A 70 -20.83 -38.85 -5.37
C LYS A 70 -19.96 -39.45 -6.46
N ARG A 71 -19.16 -38.63 -7.15
CA ARG A 71 -18.08 -39.13 -7.98
C ARG A 71 -16.87 -39.56 -7.19
N LEU A 72 -16.66 -38.99 -5.99
CA LEU A 72 -15.58 -39.40 -5.11
C LEU A 72 -16.05 -40.42 -4.08
N SER A 73 -16.63 -41.53 -4.53
CA SER A 73 -17.17 -42.55 -3.63
C SER A 73 -16.47 -43.87 -3.91
N TYR A 74 -16.11 -44.57 -2.84
CA TYR A 74 -15.38 -45.83 -2.93
C TYR A 74 -16.01 -46.84 -1.98
N ASN A 75 -16.13 -48.09 -2.43
CA ASN A 75 -16.79 -49.14 -1.67
C ASN A 75 -15.91 -50.38 -1.51
N VAL A 76 -14.60 -50.19 -1.40
CA VAL A 76 -13.68 -51.31 -1.27
C VAL A 76 -12.82 -51.13 -0.02
N ILE A 77 -12.75 -49.89 0.47
CA ILE A 77 -11.87 -49.54 1.59
C ILE A 77 -12.69 -48.98 2.73
N PRO A 78 -12.63 -49.58 3.92
CA PRO A 78 -13.35 -49.00 5.07
C PRO A 78 -12.50 -48.02 5.87
N LEU A 79 -11.89 -47.04 5.21
CA LEU A 79 -11.06 -46.05 5.87
C LEU A 79 -11.38 -44.66 5.34
N ASN A 80 -11.32 -43.67 6.22
CA ASN A 80 -11.45 -42.28 5.76
C ASN A 80 -10.11 -41.84 5.17
N LEU A 81 -9.92 -41.91 3.87
CA LEU A 81 -8.68 -41.66 3.16
C LEU A 81 -8.28 -40.18 3.24
N THR A 82 -7.28 -39.88 4.07
CA THR A 82 -6.66 -38.56 4.05
C THR A 82 -5.54 -38.57 3.01
N LEU A 83 -5.70 -37.76 1.98
CA LEU A 83 -4.74 -37.69 0.89
C LEU A 83 -3.82 -36.49 1.10
N ASP A 84 -2.76 -36.44 0.30
CA ASP A 84 -1.89 -35.28 0.27
C ASP A 84 -2.65 -34.10 -0.29
N ASN A 85 -2.30 -32.88 0.15
CA ASN A 85 -3.07 -31.70 -0.20
C ASN A 85 -2.88 -31.23 -1.64
N ARG A 86 -2.04 -31.93 -2.41
CA ARG A 86 -1.85 -31.65 -3.83
C ARG A 86 -2.96 -32.24 -4.70
N VAL A 87 -3.83 -33.08 -4.14
CA VAL A 87 -4.97 -33.56 -4.92
C VAL A 87 -6.11 -32.55 -4.83
N ALA A 88 -6.01 -31.59 -3.90
CA ALA A 88 -7.05 -30.58 -3.74
C ALA A 88 -7.09 -29.62 -4.91
N ASP A 89 -6.01 -29.54 -5.68
CA ASP A 89 -5.99 -28.80 -6.93
C ASP A 89 -6.52 -29.63 -8.08
N GLN A 90 -6.86 -30.90 -7.84
CA GLN A 90 -7.48 -31.75 -8.84
C GLN A 90 -8.93 -32.05 -8.57
N LEU A 91 -9.43 -31.75 -7.39
CA LEU A 91 -10.82 -31.99 -7.01
C LEU A 91 -11.60 -30.68 -7.01
N TRP A 92 -12.90 -30.78 -7.27
CA TRP A 92 -13.76 -29.62 -7.18
C TRP A 92 -13.88 -29.18 -5.72
N VAL A 93 -13.63 -27.91 -5.48
CA VAL A 93 -13.85 -27.31 -4.17
C VAL A 93 -14.75 -26.11 -4.40
N PRO A 94 -15.55 -25.69 -3.42
CA PRO A 94 -16.37 -24.49 -3.61
C PRO A 94 -15.52 -23.24 -3.66
N ASP A 95 -16.10 -22.20 -4.25
CA ASP A 95 -15.43 -20.93 -4.53
C ASP A 95 -15.72 -19.91 -3.43
N THR A 96 -15.76 -20.38 -2.19
CA THR A 96 -16.06 -19.57 -1.02
C THR A 96 -15.06 -18.43 -0.85
N TYR A 97 -15.57 -17.21 -0.76
CA TYR A 97 -14.76 -16.04 -0.49
C TYR A 97 -15.35 -15.29 0.69
N PHE A 98 -14.57 -14.35 1.22
CA PHE A 98 -15.02 -13.50 2.32
C PHE A 98 -15.18 -12.09 1.78
N LEU A 99 -16.36 -11.49 2.01
CA LEU A 99 -16.67 -10.21 1.39
C LEU A 99 -15.86 -9.07 1.99
N ASN A 100 -15.80 -8.98 3.32
CA ASN A 100 -15.06 -7.91 3.98
C ASN A 100 -13.57 -8.20 4.11
N ASP A 101 -13.06 -9.18 3.38
CA ASP A 101 -11.65 -9.49 3.35
C ASP A 101 -10.87 -8.36 2.69
N LYS A 102 -9.67 -8.09 3.21
CA LYS A 102 -8.75 -7.15 2.60
C LYS A 102 -7.45 -7.81 2.17
N LYS A 103 -6.85 -8.62 3.02
CA LYS A 103 -5.63 -9.35 2.67
C LYS A 103 -5.63 -10.66 3.42
N SER A 104 -5.52 -11.77 2.70
CA SER A 104 -5.56 -13.10 3.28
C SER A 104 -4.47 -13.96 2.67
N PHE A 105 -4.10 -15.01 3.41
CA PHE A 105 -3.16 -15.99 2.92
C PHE A 105 -3.44 -17.31 3.62
N VAL A 106 -3.01 -18.41 2.98
CA VAL A 106 -3.09 -19.74 3.65
C VAL A 106 -1.66 -20.12 4.01
N HIS A 107 -1.38 -20.44 5.28
CA HIS A 107 0.02 -20.70 5.70
C HIS A 107 0.64 -21.79 4.82
N GLY A 108 1.95 -21.74 4.60
CA GLY A 108 2.61 -22.71 3.71
C GLY A 108 3.88 -23.31 4.31
N VAL A 109 4.03 -23.27 5.64
CA VAL A 109 5.19 -23.89 6.28
C VAL A 109 4.69 -25.08 7.09
N THR A 110 5.27 -26.27 6.82
CA THR A 110 6.33 -26.57 5.87
C THR A 110 5.76 -26.86 4.49
N VAL A 111 4.46 -27.18 4.44
CA VAL A 111 3.76 -27.40 3.14
C VAL A 111 2.52 -26.51 3.15
N LYS A 112 1.80 -26.41 2.02
CA LYS A 112 0.53 -25.64 2.03
C LYS A 112 -0.36 -26.20 3.13
N ASN A 113 -0.90 -25.34 3.99
CA ASN A 113 -1.71 -25.81 5.10
C ASN A 113 -3.16 -25.99 4.72
N ARG A 114 -3.47 -27.18 4.25
CA ARG A 114 -4.74 -27.51 3.65
C ARG A 114 -4.95 -29.02 3.81
N MET A 115 -6.17 -29.39 4.14
CA MET A 115 -6.53 -30.77 4.41
C MET A 115 -7.53 -31.27 3.38
N ILE A 116 -7.32 -32.51 2.94
CA ILE A 116 -8.27 -33.18 2.07
C ILE A 116 -8.51 -34.58 2.61
N ARG A 117 -9.76 -35.02 2.67
CA ARG A 117 -10.12 -36.29 3.30
C ARG A 117 -11.39 -36.84 2.66
N LEU A 118 -11.27 -37.98 2.00
CA LEU A 118 -12.40 -38.57 1.29
C LEU A 118 -13.02 -39.67 2.14
N HIS A 119 -14.28 -39.49 2.49
CA HIS A 119 -15.07 -40.45 3.25
C HIS A 119 -15.69 -41.47 2.30
N PRO A 120 -16.05 -42.67 2.79
CA PRO A 120 -16.58 -43.70 1.87
C PRO A 120 -17.95 -43.42 1.29
N ASP A 121 -18.71 -42.44 1.80
CA ASP A 121 -19.96 -42.07 1.15
C ASP A 121 -19.77 -40.98 0.09
N GLY A 122 -18.61 -40.34 0.06
CA GLY A 122 -18.36 -39.27 -0.88
C GLY A 122 -18.14 -37.93 -0.21
N THR A 123 -18.24 -37.92 1.12
CA THR A 123 -18.05 -36.65 1.89
C THR A 123 -16.62 -36.15 1.69
N VAL A 124 -16.47 -34.93 1.16
CA VAL A 124 -15.12 -34.35 0.93
C VAL A 124 -14.80 -33.39 2.08
N LEU A 125 -13.88 -33.79 2.97
CA LEU A 125 -13.48 -32.91 4.10
C LEU A 125 -12.37 -31.98 3.60
N TYR A 126 -12.69 -30.71 3.37
CA TYR A 126 -11.69 -29.74 2.84
C TYR A 126 -11.50 -28.61 3.84
N GLY A 127 -10.34 -28.58 4.52
CA GLY A 127 -10.10 -27.57 5.52
C GLY A 127 -8.82 -26.81 5.27
N LEU A 128 -8.79 -25.55 5.73
CA LEU A 128 -7.66 -24.68 5.46
C LEU A 128 -7.35 -23.86 6.70
N ARG A 129 -6.10 -23.47 6.84
CA ARG A 129 -5.67 -22.55 7.89
C ARG A 129 -5.44 -21.17 7.28
N ILE A 130 -6.32 -20.23 7.59
CA ILE A 130 -6.41 -18.97 6.86
C ILE A 130 -6.24 -17.82 7.85
N THR A 131 -5.41 -16.85 7.51
CA THR A 131 -5.27 -15.63 8.29
C THR A 131 -5.83 -14.47 7.46
N THR A 132 -6.96 -13.91 7.91
CA THR A 132 -7.65 -12.84 7.20
C THR A 132 -7.54 -11.54 7.97
N THR A 133 -7.31 -10.45 7.26
CA THR A 133 -7.41 -9.11 7.81
C THR A 133 -8.74 -8.54 7.34
N ALA A 134 -9.80 -8.89 8.05
CA ALA A 134 -11.15 -8.56 7.61
C ALA A 134 -11.52 -7.15 8.02
N ALA A 135 -12.31 -6.49 7.19
CA ALA A 135 -12.70 -5.10 7.45
C ALA A 135 -13.83 -5.04 8.46
N CYS A 136 -13.74 -4.07 9.38
CA CYS A 136 -14.72 -3.87 10.44
C CYS A 136 -14.86 -2.36 10.65
N MET A 137 -15.86 -1.78 10.00
CA MET A 137 -16.11 -0.35 10.15
C MET A 137 -16.72 -0.05 11.50
N MET A 138 -16.00 0.71 12.31
CA MET A 138 -16.33 0.92 13.71
C MET A 138 -17.05 2.25 13.91
N ASP A 139 -17.97 2.24 14.88
CA ASP A 139 -18.66 3.44 15.32
C ASP A 139 -18.00 3.92 16.60
N LEU A 140 -17.22 5.00 16.50
CA LEU A 140 -16.45 5.52 17.61
C LEU A 140 -17.09 6.75 18.23
N ARG A 141 -18.42 6.78 18.28
CA ARG A 141 -19.14 7.86 18.94
C ARG A 141 -18.99 7.85 20.45
N ARG A 142 -18.67 6.68 21.01
CA ARG A 142 -18.58 6.55 22.50
C ARG A 142 -17.16 6.18 22.93
N TYR A 143 -16.20 6.24 22.00
CA TYR A 143 -14.81 5.85 22.31
C TYR A 143 -14.35 6.59 23.58
N PRO A 144 -13.73 5.92 24.57
CA PRO A 144 -13.37 4.50 24.46
C PRO A 144 -14.38 3.54 25.11
N LEU A 145 -15.34 4.07 25.87
CA LEU A 145 -16.38 3.21 26.51
C LEU A 145 -17.42 2.83 25.45
N ASP A 146 -17.16 1.79 24.65
CA ASP A 146 -18.12 1.51 23.55
C ASP A 146 -18.04 0.02 23.18
N GLU A 147 -19.01 -0.46 22.39
CA GLU A 147 -18.99 -1.88 21.94
C GLU A 147 -18.83 -1.93 20.42
N GLN A 148 -18.06 -2.89 19.91
CA GLN A 148 -17.84 -3.03 18.48
C GLN A 148 -18.39 -4.35 17.97
N ASN A 149 -19.08 -4.37 16.84
CA ASN A 149 -19.63 -5.61 16.24
C ASN A 149 -18.90 -5.89 14.93
N CYS A 150 -17.92 -6.80 14.92
CA CYS A 150 -17.07 -7.18 13.82
C CYS A 150 -17.55 -8.49 13.21
N THR A 151 -17.62 -8.54 11.89
CA THR A 151 -18.25 -9.64 11.19
C THR A 151 -17.24 -10.31 10.27
N LEU A 152 -17.62 -11.46 9.74
CA LEU A 152 -16.94 -12.12 8.65
C LEU A 152 -18.00 -12.70 7.72
N GLU A 153 -18.02 -12.24 6.48
CA GLU A 153 -19.12 -12.52 5.55
C GLU A 153 -18.69 -13.62 4.58
N ILE A 154 -19.11 -14.85 4.88
CA ILE A 154 -18.68 -16.04 4.16
C ILE A 154 -19.71 -16.27 3.04
N GLU A 155 -19.30 -16.02 1.80
CA GLU A 155 -20.19 -16.12 0.66
C GLU A 155 -19.54 -16.91 -0.46
N SER A 156 -20.37 -17.57 -1.26
CA SER A 156 -19.94 -18.09 -2.54
C SER A 156 -19.86 -16.96 -3.55
N TYR A 157 -19.01 -17.12 -4.55
CA TYR A 157 -18.85 -16.10 -5.58
C TYR A 157 -19.62 -16.42 -6.86
N GLY A 158 -19.33 -17.55 -7.50
CA GLY A 158 -19.88 -17.78 -8.82
C GLY A 158 -21.10 -18.67 -8.88
N TYR A 159 -21.44 -19.35 -7.81
CA TYR A 159 -22.56 -20.29 -7.78
C TYR A 159 -23.71 -19.69 -6.99
N THR A 160 -24.89 -19.71 -7.57
CA THR A 160 -26.07 -19.08 -6.97
C THR A 160 -26.69 -20.02 -5.94
N THR A 161 -27.85 -19.63 -5.41
CA THR A 161 -28.59 -20.40 -4.43
C THR A 161 -29.15 -21.70 -5.01
N ASP A 162 -29.42 -21.73 -6.31
CA ASP A 162 -29.85 -22.96 -6.97
C ASP A 162 -28.67 -23.81 -7.45
N ASP A 163 -27.44 -23.36 -7.26
CA ASP A 163 -26.25 -24.17 -7.55
C ASP A 163 -25.54 -24.66 -6.30
N ILE A 164 -25.44 -23.84 -5.26
CA ILE A 164 -24.72 -24.19 -4.04
C ILE A 164 -25.59 -23.79 -2.86
N GLU A 165 -25.32 -24.39 -1.71
CA GLU A 165 -26.11 -24.15 -0.51
C GLU A 165 -25.21 -24.23 0.71
N PHE A 166 -25.30 -23.22 1.57
CA PHE A 166 -24.44 -23.11 2.73
C PHE A 166 -25.23 -23.37 4.01
N TYR A 167 -24.56 -23.97 4.99
CA TYR A 167 -25.13 -24.11 6.32
C TYR A 167 -23.99 -24.21 7.33
N TRP A 168 -24.30 -23.98 8.60
CA TRP A 168 -23.29 -24.13 9.69
C TRP A 168 -23.36 -25.57 10.23
N ARG A 169 -22.25 -26.29 10.20
CA ARG A 169 -22.24 -27.71 10.66
C ARG A 169 -22.45 -27.75 12.17
N GLY A 170 -23.62 -28.21 12.63
CA GLY A 170 -23.92 -28.19 14.06
C GLY A 170 -24.89 -27.10 14.46
N ASP A 171 -24.82 -25.95 13.77
CA ASP A 171 -25.71 -24.78 13.83
C ASP A 171 -25.58 -23.94 15.10
N ASP A 172 -24.88 -24.46 16.11
CA ASP A 172 -24.50 -23.67 17.28
C ASP A 172 -23.06 -23.89 17.71
N ASN A 173 -22.53 -25.09 17.45
CA ASN A 173 -21.14 -25.42 17.86
C ASN A 173 -20.24 -25.42 16.62
N ALA A 174 -20.73 -24.85 15.51
CA ALA A 174 -19.93 -24.78 14.27
C ALA A 174 -18.67 -23.94 14.52
N VAL A 175 -18.76 -22.97 15.43
CA VAL A 175 -17.60 -22.09 15.75
C VAL A 175 -17.08 -22.40 17.16
N THR A 176 -15.88 -22.99 17.25
CA THR A 176 -15.27 -23.33 18.52
C THR A 176 -14.03 -22.46 18.71
N GLY A 177 -13.60 -22.34 19.96
CA GLY A 177 -12.37 -21.65 20.28
C GLY A 177 -12.48 -20.17 20.53
N VAL A 178 -13.68 -19.58 20.44
CA VAL A 178 -13.85 -18.16 20.69
C VAL A 178 -13.78 -17.80 22.16
N THR A 179 -13.94 -18.78 23.04
CA THR A 179 -13.85 -18.50 24.48
C THR A 179 -12.40 -18.31 24.91
N LYS A 180 -11.49 -19.03 24.27
CA LYS A 180 -10.07 -19.02 24.63
C LYS A 180 -9.36 -17.75 24.20
N ILE A 181 -9.97 -16.97 23.31
CA ILE A 181 -9.29 -15.82 22.70
C ILE A 181 -9.18 -14.70 23.73
N GLU A 182 -7.95 -14.22 23.89
CA GLU A 182 -7.72 -13.09 24.82
C GLU A 182 -7.22 -11.86 24.04
N LEU A 183 -8.04 -10.83 23.97
CA LEU A 183 -7.64 -9.58 23.36
C LEU A 183 -7.12 -8.62 24.42
N PRO A 184 -6.07 -7.86 24.13
CA PRO A 184 -5.45 -7.03 25.18
C PRO A 184 -6.30 -5.82 25.57
N GLN A 185 -6.95 -5.20 24.58
CA GLN A 185 -7.72 -3.96 24.84
C GLN A 185 -9.22 -4.24 24.76
N PHE A 186 -9.61 -5.44 24.38
CA PHE A 186 -11.00 -5.75 24.14
C PHE A 186 -11.42 -6.93 25.00
N SER A 187 -12.67 -7.37 24.81
CA SER A 187 -13.21 -8.54 25.51
C SER A 187 -14.39 -9.06 24.71
N ILE A 188 -14.30 -10.30 24.23
CA ILE A 188 -15.37 -10.88 23.43
C ILE A 188 -16.51 -11.30 24.33
N VAL A 189 -17.66 -10.64 24.17
CA VAL A 189 -18.84 -10.92 24.96
C VAL A 189 -19.70 -11.99 24.30
N ASP A 190 -20.00 -11.84 23.01
CA ASP A 190 -20.95 -12.70 22.36
C ASP A 190 -20.54 -12.91 20.91
N TYR A 191 -21.02 -14.01 20.33
CA TYR A 191 -20.87 -14.29 18.91
C TYR A 191 -22.12 -15.02 18.43
N LYS A 192 -22.55 -14.70 17.22
CA LYS A 192 -23.76 -15.28 16.65
C LYS A 192 -23.48 -15.85 15.27
N LEU A 193 -24.28 -16.83 14.88
CA LEU A 193 -24.16 -17.52 13.60
C LEU A 193 -25.42 -17.26 12.80
N ILE A 194 -25.31 -16.42 11.77
CA ILE A 194 -26.45 -15.98 10.99
C ILE A 194 -26.32 -16.52 9.57
N THR A 195 -27.39 -17.13 9.09
CA THR A 195 -27.47 -17.62 7.72
C THR A 195 -28.56 -16.87 6.97
N LYS A 196 -28.26 -16.49 5.73
CA LYS A 196 -29.18 -15.72 4.92
C LYS A 196 -28.76 -15.86 3.46
N LYS A 197 -29.51 -15.20 2.57
CA LYS A 197 -29.22 -15.16 1.14
C LYS A 197 -29.14 -13.71 0.71
N VAL A 198 -28.09 -13.36 -0.02
CA VAL A 198 -27.92 -12.01 -0.53
C VAL A 198 -28.24 -12.01 -2.02
N VAL A 199 -28.75 -10.88 -2.50
CA VAL A 199 -29.18 -10.72 -3.89
C VAL A 199 -28.34 -9.62 -4.51
N PHE A 200 -27.66 -9.95 -5.60
CA PHE A 200 -26.96 -8.99 -6.43
C PHE A 200 -27.62 -8.94 -7.80
N SER A 201 -27.02 -8.19 -8.72
CA SER A 201 -27.60 -8.08 -10.05
C SER A 201 -27.37 -9.34 -10.89
N THR A 202 -26.41 -10.19 -10.51
CA THR A 202 -26.12 -11.40 -11.26
C THR A 202 -26.85 -12.63 -10.74
N GLY A 203 -27.50 -12.54 -9.58
CA GLY A 203 -28.21 -13.67 -9.02
C GLY A 203 -28.29 -13.56 -7.52
N SER A 204 -28.81 -14.62 -6.90
CA SER A 204 -28.96 -14.70 -5.45
C SER A 204 -27.97 -15.70 -4.88
N TYR A 205 -27.21 -15.30 -3.87
CA TYR A 205 -26.13 -16.13 -3.39
C TYR A 205 -26.28 -16.41 -1.89
N PRO A 206 -25.93 -17.61 -1.44
CA PRO A 206 -26.02 -17.91 -0.01
C PRO A 206 -24.86 -17.28 0.76
N ARG A 207 -25.19 -16.74 1.93
CA ARG A 207 -24.20 -16.06 2.75
C ARG A 207 -24.29 -16.58 4.18
N LEU A 208 -23.16 -17.00 4.73
CA LEU A 208 -23.02 -17.25 6.16
C LEU A 208 -22.24 -16.08 6.74
N SER A 209 -22.68 -15.59 7.90
CA SER A 209 -21.99 -14.48 8.54
C SER A 209 -21.67 -14.83 9.98
N LEU A 210 -20.40 -14.70 10.35
CA LEU A 210 -19.93 -14.91 11.71
C LEU A 210 -19.61 -13.55 12.31
N SER A 211 -20.38 -13.16 13.32
CA SER A 211 -20.24 -11.85 13.95
C SER A 211 -19.69 -11.99 15.35
N PHE A 212 -18.91 -11.01 15.77
CA PHE A 212 -18.41 -10.93 17.14
C PHE A 212 -18.87 -9.62 17.76
N LYS A 213 -19.00 -9.61 19.08
CA LYS A 213 -19.27 -8.39 19.82
C LYS A 213 -18.11 -8.11 20.76
N LEU A 214 -17.43 -6.99 20.52
CA LEU A 214 -16.21 -6.66 21.24
C LEU A 214 -16.50 -5.47 22.14
N LYS A 215 -16.37 -5.68 23.45
CA LYS A 215 -16.55 -4.63 24.44
C LYS A 215 -15.18 -4.26 24.99
N ARG A 216 -14.90 -2.97 25.06
CA ARG A 216 -13.57 -2.47 25.36
C ARG A 216 -13.31 -2.45 26.86
N ASN A 217 -12.07 -2.75 27.25
CA ASN A 217 -11.65 -2.68 28.64
C ASN A 217 -11.28 -1.25 29.01
N ILE A 218 -11.47 -0.91 30.29
CA ILE A 218 -11.47 0.48 30.72
C ILE A 218 -10.28 0.65 31.67
N GLY A 219 -9.24 -0.15 31.46
CA GLY A 219 -8.09 -0.05 32.34
C GLY A 219 -7.01 0.90 31.88
N TYR A 220 -6.55 0.70 30.64
CA TYR A 220 -5.46 1.53 30.11
C TYR A 220 -5.94 2.95 29.87
N PHE A 221 -7.21 3.10 29.50
CA PHE A 221 -7.78 4.43 29.30
C PHE A 221 -7.92 5.19 30.60
N ILE A 222 -8.21 4.50 31.71
CA ILE A 222 -8.33 5.22 32.97
C ILE A 222 -6.96 5.42 33.63
N LEU A 223 -5.93 4.67 33.23
CA LEU A 223 -4.59 4.95 33.74
C LEU A 223 -3.75 5.80 32.78
N GLN A 224 -4.28 6.17 31.62
CA GLN A 224 -3.51 7.00 30.70
C GLN A 224 -4.22 8.30 30.37
N THR A 225 -5.56 8.27 30.24
CA THR A 225 -6.32 9.38 29.70
C THR A 225 -7.16 10.09 30.76
N TYR A 226 -7.89 9.35 31.58
CA TYR A 226 -8.86 9.96 32.49
C TYR A 226 -8.20 10.49 33.76
N MET A 227 -7.44 9.64 34.46
CA MET A 227 -6.81 10.06 35.71
C MET A 227 -5.76 11.17 35.55
N PRO A 228 -4.87 11.18 34.53
CA PRO A 228 -4.05 12.40 34.36
C PRO A 228 -4.83 13.66 34.07
N SER A 229 -5.93 13.58 33.32
CA SER A 229 -6.75 14.77 33.07
C SER A 229 -7.44 15.24 34.34
N ILE A 230 -7.91 14.29 35.16
CA ILE A 230 -8.56 14.63 36.43
C ILE A 230 -7.57 15.26 37.39
N LEU A 231 -6.36 14.68 37.51
CA LEU A 231 -5.34 15.24 38.40
C LEU A 231 -4.83 16.59 37.91
N ILE A 232 -4.79 16.80 36.59
CA ILE A 232 -4.41 18.08 36.03
C ILE A 232 -5.48 19.14 36.33
N THR A 233 -6.76 18.74 36.31
CA THR A 233 -7.80 19.69 36.72
C THR A 233 -7.80 19.93 38.23
N ILE A 234 -7.33 18.96 39.02
CA ILE A 234 -7.09 19.21 40.45
C ILE A 234 -5.98 20.23 40.62
N LEU A 235 -4.94 20.14 39.78
CA LEU A 235 -3.78 21.03 39.90
C LEU A 235 -4.14 22.48 39.59
N SER A 236 -5.19 22.73 38.80
CA SER A 236 -5.62 24.09 38.53
C SER A 236 -6.30 24.72 39.73
N TRP A 237 -6.83 23.93 40.66
CA TRP A 237 -7.53 24.47 41.82
C TRP A 237 -6.59 24.86 42.94
N VAL A 238 -5.29 24.58 42.81
CA VAL A 238 -4.30 25.14 43.73
C VAL A 238 -4.21 26.65 43.51
N SER A 239 -4.46 27.12 42.28
CA SER A 239 -4.45 28.54 41.97
C SER A 239 -5.57 29.30 42.67
N PHE A 240 -6.63 28.62 43.13
CA PHE A 240 -7.72 29.31 43.81
C PHE A 240 -7.31 29.78 45.20
N TRP A 241 -6.39 29.07 45.85
CA TRP A 241 -6.06 29.33 47.24
C TRP A 241 -4.94 30.36 47.40
N ILE A 242 -4.27 30.72 46.32
CA ILE A 242 -3.14 31.63 46.40
C ILE A 242 -3.64 33.08 46.49
N ASN A 243 -2.92 33.90 47.25
CA ASN A 243 -3.21 35.33 47.35
C ASN A 243 -3.08 36.00 45.98
N TYR A 244 -3.94 37.00 45.74
CA TYR A 244 -4.12 37.58 44.42
C TYR A 244 -2.88 38.33 43.91
N ASP A 245 -2.03 38.83 44.81
CA ASP A 245 -0.87 39.60 44.38
C ASP A 245 0.20 38.73 43.75
N ALA A 246 0.16 37.41 43.99
CA ALA A 246 1.07 36.50 43.33
C ALA A 246 0.63 36.25 41.89
N SER A 247 0.99 37.17 40.99
CA SER A 247 0.55 37.07 39.60
C SER A 247 1.24 35.93 38.88
N ALA A 248 2.56 35.81 39.05
CA ALA A 248 3.35 34.83 38.32
C ALA A 248 2.96 33.40 38.67
N ALA A 249 2.69 33.12 39.96
CA ALA A 249 2.37 31.77 40.40
C ALA A 249 1.04 31.28 39.82
N ARG A 250 -0.02 32.09 39.97
CA ARG A 250 -1.34 31.66 39.50
C ARG A 250 -1.44 31.69 37.99
N VAL A 251 -0.84 32.69 37.33
CA VAL A 251 -0.80 32.74 35.88
C VAL A 251 -0.02 31.56 35.31
N ALA A 252 1.11 31.21 35.93
CA ALA A 252 1.92 30.09 35.44
C ALA A 252 1.21 28.76 35.69
N LEU A 253 0.51 28.63 36.82
CA LEU A 253 -0.23 27.40 37.09
C LEU A 253 -1.39 27.20 36.13
N GLY A 254 -2.17 28.27 35.89
CA GLY A 254 -3.25 28.17 34.93
C GLY A 254 -2.78 27.94 33.51
N ILE A 255 -1.66 28.57 33.14
CA ILE A 255 -1.10 28.39 31.80
C ILE A 255 -0.58 26.97 31.63
N THR A 256 0.14 26.45 32.61
CA THR A 256 0.67 25.10 32.49
C THR A 256 -0.45 24.06 32.52
N THR A 257 -1.55 24.35 33.21
CA THR A 257 -2.69 23.44 33.19
C THR A 257 -3.39 23.45 31.83
N VAL A 258 -3.56 24.64 31.24
CA VAL A 258 -4.09 24.77 29.88
C VAL A 258 -3.19 24.05 28.88
N LEU A 259 -1.88 24.22 29.03
CA LEU A 259 -0.91 23.63 28.11
C LEU A 259 -0.89 22.11 28.22
N THR A 260 -0.97 21.60 29.45
CA THR A 260 -0.96 20.13 29.65
C THR A 260 -2.20 19.52 29.01
N MET A 261 -3.38 20.10 29.23
CA MET A 261 -4.63 19.53 28.67
C MET A 261 -4.51 19.48 27.15
N THR A 262 -4.11 20.58 26.53
CA THR A 262 -3.97 20.62 25.06
C THR A 262 -3.01 19.52 24.62
N THR A 263 -1.84 19.45 25.23
CA THR A 263 -0.82 18.45 24.78
C THR A 263 -1.41 17.05 24.89
N ILE A 264 -2.11 16.72 25.98
CA ILE A 264 -2.60 15.32 26.16
C ILE A 264 -3.71 15.04 25.13
N ASN A 265 -4.61 16.01 24.88
CA ASN A 265 -5.64 15.76 23.84
C ASN A 265 -4.96 15.54 22.49
N THR A 266 -3.89 16.29 22.18
CA THR A 266 -3.17 15.99 20.91
C THR A 266 -2.65 14.55 20.97
N HIS A 267 -1.83 14.22 21.98
CA HIS A 267 -1.22 12.86 22.03
C HIS A 267 -2.32 11.80 21.83
N LEU A 268 -3.55 12.09 22.26
CA LEU A 268 -4.62 11.06 22.19
C LEU A 268 -5.35 11.07 20.83
N ARG A 269 -5.37 12.21 20.14
CA ARG A 269 -6.19 12.30 18.94
C ARG A 269 -5.48 11.70 17.71
N GLU A 270 -4.15 11.81 17.65
CA GLU A 270 -3.40 11.30 16.51
C GLU A 270 -3.23 9.79 16.51
N THR A 271 -3.66 9.09 17.56
CA THR A 271 -3.63 7.63 17.60
C THR A 271 -4.92 7.02 17.07
N LEU A 272 -5.82 7.83 16.53
CA LEU A 272 -7.14 7.48 16.01
C LEU A 272 -7.28 8.00 14.58
N PRO A 273 -8.17 7.42 13.77
CA PRO A 273 -8.41 7.98 12.44
C PRO A 273 -9.16 9.30 12.52
N LYS A 274 -9.13 10.03 11.41
CA LYS A 274 -9.65 11.39 11.37
C LYS A 274 -11.17 11.35 11.20
N ILE A 275 -11.85 10.96 12.26
CA ILE A 275 -13.31 10.85 12.31
C ILE A 275 -13.90 12.24 12.46
N PRO A 276 -15.06 12.53 11.87
CA PRO A 276 -15.60 13.90 11.91
C PRO A 276 -16.59 14.16 13.05
N TYR A 277 -16.83 13.20 13.93
CA TYR A 277 -17.71 13.37 15.06
C TYR A 277 -16.86 13.50 16.33
N VAL A 278 -17.54 13.71 17.45
CA VAL A 278 -16.88 13.88 18.74
C VAL A 278 -17.09 12.60 19.55
N LYS A 279 -16.02 12.13 20.17
CA LYS A 279 -16.07 10.96 21.02
C LYS A 279 -16.37 11.37 22.46
N ALA A 280 -16.52 10.37 23.32
CA ALA A 280 -16.78 10.66 24.72
C ALA A 280 -15.52 11.10 25.44
N ILE A 281 -14.36 10.55 25.04
CA ILE A 281 -13.10 11.02 25.61
C ILE A 281 -12.81 12.45 25.15
N ASP A 282 -13.23 12.80 23.93
CA ASP A 282 -13.08 14.17 23.47
C ASP A 282 -14.04 15.10 24.18
N MET A 283 -15.23 14.61 24.51
CA MET A 283 -16.17 15.41 25.30
C MET A 283 -15.66 15.66 26.72
N TYR A 284 -15.06 14.63 27.33
CA TYR A 284 -14.49 14.80 28.68
C TYR A 284 -13.29 15.74 28.65
N LEU A 285 -12.41 15.59 27.67
CA LEU A 285 -11.25 16.48 27.57
C LEU A 285 -11.61 17.87 27.07
N MET A 286 -12.82 18.06 26.54
CA MET A 286 -13.30 19.41 26.26
C MET A 286 -13.90 20.04 27.51
N GLY A 287 -14.65 19.25 28.30
CA GLY A 287 -15.21 19.79 29.54
C GLY A 287 -14.15 20.13 30.56
N CYS A 288 -13.09 19.32 30.64
CA CYS A 288 -11.96 19.64 31.51
C CYS A 288 -11.26 20.91 31.06
N PHE A 289 -11.13 21.11 29.75
CA PHE A 289 -10.50 22.33 29.25
C PHE A 289 -11.37 23.56 29.51
N VAL A 290 -12.69 23.40 29.44
CA VAL A 290 -13.61 24.50 29.78
C VAL A 290 -13.48 24.85 31.26
N PHE A 291 -13.36 23.84 32.14
CA PHE A 291 -13.18 24.11 33.56
C PHE A 291 -11.85 24.81 33.86
N VAL A 292 -10.78 24.39 33.20
CA VAL A 292 -9.46 25.02 33.40
C VAL A 292 -9.46 26.45 32.88
N PHE A 293 -10.08 26.67 31.72
CA PHE A 293 -10.20 28.02 31.15
C PHE A 293 -11.04 28.91 32.04
N MET A 294 -12.09 28.35 32.66
CA MET A 294 -12.90 29.13 33.59
C MET A 294 -12.12 29.49 34.86
N ALA A 295 -11.24 28.61 35.32
CA ALA A 295 -10.37 28.94 36.46
C ALA A 295 -9.40 30.08 36.13
N LEU A 296 -8.79 30.01 34.94
CA LEU A 296 -7.85 31.06 34.53
C LEU A 296 -8.55 32.40 34.33
N LEU A 297 -9.74 32.39 33.71
CA LEU A 297 -10.52 33.62 33.62
C LEU A 297 -11.07 34.07 34.97
N GLU A 298 -11.25 33.17 35.92
CA GLU A 298 -11.61 33.58 37.28
C GLU A 298 -10.48 34.37 37.92
N TYR A 299 -9.23 33.91 37.74
CA TYR A 299 -8.11 34.71 38.24
C TYR A 299 -8.01 36.06 37.52
N ALA A 300 -8.23 36.06 36.20
CA ALA A 300 -8.15 37.31 35.45
C ALA A 300 -9.24 38.28 35.88
N LEU A 301 -10.43 37.77 36.20
CA LEU A 301 -11.50 38.60 36.74
C LEU A 301 -11.14 39.15 38.12
N VAL A 302 -10.48 38.34 38.96
CA VAL A 302 -10.03 38.80 40.27
C VAL A 302 -9.00 39.93 40.13
N ASN A 303 -8.04 39.76 39.22
CA ASN A 303 -7.02 40.78 39.00
C ASN A 303 -7.61 42.06 38.41
N TYR A 304 -8.58 41.93 37.49
CA TYR A 304 -9.24 43.11 36.95
C TYR A 304 -10.07 43.83 38.02
N ILE A 305 -10.81 43.08 38.84
CA ILE A 305 -11.67 43.70 39.83
C ILE A 305 -10.87 44.28 40.99
N PHE A 306 -9.61 43.87 41.15
CA PHE A 306 -8.74 44.56 42.09
C PHE A 306 -8.07 45.79 41.47
N PHE A 307 -7.29 45.59 40.41
CA PHE A 307 -6.44 46.67 39.91
C PHE A 307 -7.18 47.66 39.03
N GLY A 308 -8.01 47.17 38.11
CA GLY A 308 -8.70 48.05 37.19
C GLY A 308 -9.83 48.83 37.81
N ARG A 309 -10.69 48.16 38.56
CA ARG A 309 -11.85 48.80 39.16
C ARG A 309 -11.55 49.26 40.58
N VAL A 460 -12.42 41.61 47.14
CA VAL A 460 -11.80 40.77 46.13
C VAL A 460 -11.51 39.38 46.69
N ASN A 461 -11.72 39.23 47.99
CA ASN A 461 -11.50 37.97 48.69
C ASN A 461 -12.73 37.09 48.71
N ALA A 462 -13.79 37.46 47.99
CA ALA A 462 -15.02 36.67 47.95
C ALA A 462 -15.16 35.84 46.67
N ILE A 463 -14.58 36.29 45.56
CA ILE A 463 -14.69 35.55 44.30
C ILE A 463 -13.90 34.25 44.38
N ASP A 464 -12.68 34.31 44.91
CA ASP A 464 -11.89 33.09 45.07
C ASP A 464 -12.42 32.23 46.22
N ARG A 465 -13.07 32.84 47.21
CA ARG A 465 -13.67 32.07 48.29
C ARG A 465 -14.91 31.32 47.80
N TRP A 466 -15.73 31.91 46.92
CA TRP A 466 -16.95 31.14 46.53
C TRP A 466 -16.60 30.21 45.37
N SER A 467 -15.65 30.63 44.52
CA SER A 467 -15.24 29.79 43.37
C SER A 467 -14.36 28.63 43.85
N ARG A 468 -13.77 28.75 45.04
CA ARG A 468 -12.85 27.69 45.55
C ARG A 468 -13.60 26.36 45.58
N ILE A 469 -14.87 26.37 45.96
CA ILE A 469 -15.67 25.11 46.06
C ILE A 469 -16.61 25.03 44.85
N PHE A 470 -16.93 26.17 44.23
CA PHE A 470 -17.89 26.17 43.10
C PHE A 470 -17.40 25.22 42.00
N PHE A 471 -16.15 25.37 41.55
CA PHE A 471 -15.63 24.52 40.45
C PHE A 471 -15.69 23.04 40.87
N PRO A 472 -15.05 22.61 41.99
CA PRO A 472 -15.16 21.23 42.45
C PRO A 472 -16.60 20.71 42.42
N VAL A 473 -17.52 21.39 43.12
CA VAL A 473 -18.93 20.91 43.19
C VAL A 473 -19.44 20.63 41.77
N VAL A 474 -19.22 21.56 40.84
CA VAL A 474 -19.75 21.40 39.45
C VAL A 474 -18.91 20.36 38.69
N PHE A 475 -17.59 20.34 38.90
CA PHE A 475 -16.78 19.32 38.24
C PHE A 475 -17.19 17.91 38.70
N SER A 476 -17.56 17.77 39.97
CA SER A 476 -18.11 16.50 40.42
C SER A 476 -19.51 16.29 39.84
N PHE A 477 -20.28 17.37 39.70
CA PHE A 477 -21.60 17.27 39.09
C PHE A 477 -21.50 16.92 37.61
N PHE A 478 -20.47 17.42 36.93
CA PHE A 478 -20.21 17.02 35.56
C PHE A 478 -19.76 15.56 35.48
N ASN A 479 -19.01 15.10 36.50
CA ASN A 479 -18.53 13.73 36.49
C ASN A 479 -19.64 12.72 36.73
N ILE A 480 -20.61 13.07 37.58
CA ILE A 480 -21.75 12.18 37.81
C ILE A 480 -22.62 12.06 36.57
N VAL A 481 -22.84 13.18 35.88
CA VAL A 481 -23.67 13.17 34.67
C VAL A 481 -22.97 12.43 33.54
N TYR A 482 -21.65 12.62 33.41
CA TYR A 482 -20.89 11.97 32.33
C TYR A 482 -20.81 10.46 32.53
N TRP A 483 -20.51 10.00 33.74
CA TRP A 483 -20.35 8.57 33.97
C TRP A 483 -21.69 7.84 34.13
N LEU A 484 -22.80 8.56 34.18
CA LEU A 484 -24.11 7.91 34.20
C LEU A 484 -24.74 7.88 32.81
N TYR A 485 -24.43 8.86 31.98
CA TYR A 485 -24.88 8.86 30.59
C TYR A 485 -24.21 7.73 29.81
N TYR A 486 -22.94 7.48 30.10
CA TYR A 486 -22.24 6.30 29.63
C TYR A 486 -22.31 5.22 30.72
N VAL A 487 -21.44 4.21 30.62
CA VAL A 487 -21.37 3.06 31.54
C VAL A 487 -22.68 2.29 31.60
N ASP B 10 -23.48 -39.91 -19.59
CA ASP B 10 -24.12 -40.33 -18.34
C ASP B 10 -24.90 -39.18 -17.72
N ASN B 11 -24.44 -38.70 -16.57
CA ASN B 11 -25.09 -37.59 -15.88
C ASN B 11 -24.39 -36.26 -16.10
N THR B 12 -23.07 -36.19 -15.91
CA THR B 12 -22.29 -35.01 -16.23
C THR B 12 -21.40 -35.20 -17.44
N THR B 13 -21.43 -36.37 -18.08
CA THR B 13 -20.62 -36.60 -19.28
C THR B 13 -21.18 -35.81 -20.47
N VAL B 14 -22.49 -35.56 -20.45
CA VAL B 14 -23.15 -34.77 -21.50
C VAL B 14 -22.65 -33.34 -21.49
N PHE B 15 -22.36 -32.79 -20.31
CA PHE B 15 -21.80 -31.45 -20.22
C PHE B 15 -20.29 -31.43 -20.42
N THR B 16 -19.60 -32.52 -20.07
CA THR B 16 -18.16 -32.63 -20.33
C THR B 16 -17.87 -32.65 -21.82
N ARG B 17 -18.65 -33.40 -22.58
CA ARG B 17 -18.50 -33.41 -24.03
C ARG B 17 -19.01 -32.14 -24.68
N ILE B 18 -19.71 -31.27 -23.96
CA ILE B 18 -20.05 -29.94 -24.44
C ILE B 18 -18.88 -28.97 -24.22
N LEU B 19 -18.27 -29.00 -23.03
CA LEU B 19 -17.13 -28.13 -22.76
C LEU B 19 -15.92 -28.50 -23.60
N ASP B 20 -15.67 -29.81 -23.78
CA ASP B 20 -14.55 -30.26 -24.60
C ASP B 20 -14.80 -30.00 -26.08
N ARG B 21 -16.07 -29.91 -26.49
CA ARG B 21 -16.36 -29.50 -27.86
C ARG B 21 -16.21 -27.99 -28.03
N LEU B 22 -16.52 -27.22 -26.98
CA LEU B 22 -16.31 -25.78 -27.02
C LEU B 22 -14.84 -25.42 -27.12
N LEU B 23 -13.99 -26.13 -26.38
CA LEU B 23 -12.57 -25.80 -26.34
C LEU B 23 -11.76 -26.56 -27.39
N ASP B 24 -12.39 -27.31 -28.28
CA ASP B 24 -11.67 -28.01 -29.33
C ASP B 24 -11.45 -27.09 -30.52
N GLY B 25 -10.20 -26.92 -30.93
CA GLY B 25 -9.87 -25.98 -31.98
C GLY B 25 -10.10 -24.53 -31.60
N TYR B 26 -9.87 -24.20 -30.33
CA TYR B 26 -10.09 -22.86 -29.81
C TYR B 26 -8.75 -22.19 -29.58
N ASP B 27 -8.58 -20.99 -30.14
CA ASP B 27 -7.36 -20.21 -29.94
C ASP B 27 -7.69 -19.03 -29.05
N ASN B 28 -7.17 -19.02 -27.83
CA ASN B 28 -7.42 -17.93 -26.90
C ASN B 28 -6.50 -16.75 -27.11
N ARG B 29 -5.59 -16.82 -28.08
CA ARG B 29 -4.75 -15.69 -28.44
C ARG B 29 -5.45 -14.70 -29.35
N LEU B 30 -6.57 -15.08 -29.96
CA LEU B 30 -7.27 -14.26 -30.92
C LEU B 30 -8.62 -13.82 -30.37
N ARG B 31 -8.88 -12.53 -30.47
CA ARG B 31 -10.14 -11.95 -30.02
C ARG B 31 -11.28 -12.41 -30.94
N PRO B 32 -12.53 -12.41 -30.45
CA PRO B 32 -13.65 -12.82 -31.31
C PRO B 32 -13.88 -11.84 -32.45
N GLY B 33 -13.85 -12.37 -33.67
CA GLY B 33 -13.92 -11.54 -34.85
C GLY B 33 -12.66 -10.70 -35.01
N LEU B 34 -11.52 -11.38 -35.22
CA LEU B 34 -10.26 -10.66 -35.32
C LEU B 34 -10.14 -9.95 -36.66
N GLY B 35 -10.61 -10.57 -37.74
CA GLY B 35 -10.48 -9.98 -39.05
C GLY B 35 -11.79 -9.55 -39.68
N GLU B 36 -12.86 -9.42 -38.89
CA GLU B 36 -14.16 -9.08 -39.44
C GLU B 36 -14.92 -8.01 -38.67
N ARG B 37 -14.65 -7.79 -37.38
CA ARG B 37 -15.47 -6.88 -36.60
C ARG B 37 -14.68 -6.35 -35.42
N VAL B 38 -15.35 -5.53 -34.62
CA VAL B 38 -14.80 -4.98 -33.40
C VAL B 38 -15.44 -5.71 -32.21
N THR B 39 -14.62 -6.10 -31.25
CA THR B 39 -15.08 -6.81 -30.07
C THR B 39 -15.54 -5.79 -29.03
N GLU B 40 -16.84 -5.51 -29.02
CA GLU B 40 -17.40 -4.62 -28.03
C GLU B 40 -17.48 -5.32 -26.68
N VAL B 41 -17.26 -4.54 -25.62
CA VAL B 41 -17.24 -5.07 -24.26
C VAL B 41 -18.18 -4.22 -23.42
N LYS B 42 -19.22 -4.85 -22.89
CA LYS B 42 -20.19 -4.16 -22.04
C LYS B 42 -19.78 -4.30 -20.58
N THR B 43 -19.71 -3.17 -19.88
CA THR B 43 -19.06 -3.10 -18.59
C THR B 43 -19.96 -2.41 -17.57
N ASP B 44 -20.01 -2.97 -16.36
CA ASP B 44 -20.57 -2.27 -15.22
C ASP B 44 -19.72 -2.56 -14.00
N ILE B 45 -19.78 -1.67 -13.03
CA ILE B 45 -19.00 -1.78 -11.81
C ILE B 45 -19.96 -1.74 -10.63
N PHE B 46 -19.91 -2.75 -9.78
CA PHE B 46 -20.64 -2.76 -8.52
C PHE B 46 -19.61 -2.49 -7.41
N VAL B 47 -19.67 -1.29 -6.84
CA VAL B 47 -18.72 -0.89 -5.82
C VAL B 47 -19.20 -1.42 -4.48
N THR B 48 -18.52 -2.42 -3.95
CA THR B 48 -18.92 -3.03 -2.68
C THR B 48 -18.44 -2.23 -1.48
N SER B 49 -17.36 -1.45 -1.62
CA SER B 49 -16.86 -0.61 -0.54
C SER B 49 -15.95 0.45 -1.17
N PHE B 50 -16.30 1.72 -0.97
CA PHE B 50 -15.39 2.80 -1.31
C PHE B 50 -14.47 3.07 -0.14
N GLY B 51 -13.22 2.63 -0.24
CA GLY B 51 -12.34 2.56 0.89
C GLY B 51 -11.75 3.89 1.29
N PRO B 52 -10.72 3.86 2.14
CA PRO B 52 -10.15 5.10 2.67
C PRO B 52 -9.41 5.90 1.61
N VAL B 53 -9.43 7.21 1.75
CA VAL B 53 -8.74 8.11 0.84
C VAL B 53 -7.48 8.63 1.55
N SER B 54 -6.32 8.37 0.98
CA SER B 54 -5.05 8.79 1.55
C SER B 54 -4.71 10.17 1.01
N ASP B 55 -4.73 11.17 1.90
CA ASP B 55 -4.38 12.53 1.47
C ASP B 55 -2.90 12.65 1.17
N HIS B 56 -2.05 12.01 1.97
CA HIS B 56 -0.60 12.14 1.82
C HIS B 56 -0.12 11.52 0.51
N ASP B 57 -0.67 10.37 0.14
CA ASP B 57 -0.26 9.67 -1.07
C ASP B 57 -1.09 10.07 -2.29
N MET B 58 -2.11 10.92 -2.09
CA MET B 58 -3.04 11.38 -3.13
C MET B 58 -3.70 10.22 -3.87
N GLU B 59 -4.14 9.23 -3.10
CA GLU B 59 -4.72 8.01 -3.64
C GLU B 59 -5.97 7.65 -2.87
N TYR B 60 -6.71 6.67 -3.41
CA TYR B 60 -7.90 6.15 -2.75
C TYR B 60 -8.04 4.68 -3.07
N THR B 61 -8.81 3.97 -2.26
CA THR B 61 -9.02 2.54 -2.40
C THR B 61 -10.50 2.28 -2.72
N ILE B 62 -10.75 1.31 -3.58
CA ILE B 62 -12.12 0.94 -3.97
C ILE B 62 -12.19 -0.57 -4.18
N ASP B 63 -13.18 -1.22 -3.58
CA ASP B 63 -13.43 -2.64 -3.79
C ASP B 63 -14.65 -2.80 -4.68
N VAL B 64 -14.49 -3.56 -5.76
CA VAL B 64 -15.48 -3.60 -6.83
C VAL B 64 -15.92 -5.04 -7.08
N PHE B 65 -16.91 -5.17 -7.95
CA PHE B 65 -17.34 -6.41 -8.59
C PHE B 65 -17.30 -6.23 -10.10
N PHE B 66 -16.16 -5.79 -10.64
CA PHE B 66 -15.97 -5.45 -12.06
C PHE B 66 -16.47 -6.49 -13.06
N ARG B 67 -17.53 -6.16 -13.81
CA ARG B 67 -18.16 -7.08 -14.74
C ARG B 67 -17.86 -6.68 -16.17
N GLN B 68 -17.53 -7.66 -17.01
CA GLN B 68 -17.37 -7.48 -18.44
C GLN B 68 -18.24 -8.48 -19.18
N SER B 69 -18.76 -8.07 -20.34
CA SER B 69 -19.59 -8.96 -21.14
C SER B 69 -19.29 -8.71 -22.62
N TRP B 70 -19.16 -9.79 -23.38
CA TRP B 70 -18.84 -9.70 -24.80
C TRP B 70 -19.34 -10.95 -25.50
N LYS B 71 -19.46 -10.86 -26.82
CA LYS B 71 -20.01 -11.93 -27.64
C LYS B 71 -18.88 -12.72 -28.28
N ASP B 72 -18.87 -14.03 -28.05
CA ASP B 72 -17.92 -14.94 -28.68
C ASP B 72 -18.68 -15.91 -29.57
N GLU B 73 -18.39 -15.88 -30.87
CA GLU B 73 -19.12 -16.70 -31.82
C GLU B 73 -18.66 -18.15 -31.87
N ARG B 74 -17.54 -18.47 -31.22
CA ARG B 74 -17.02 -19.84 -31.19
C ARG B 74 -17.47 -20.60 -29.94
N LEU B 75 -18.24 -19.98 -29.06
CA LEU B 75 -18.69 -20.58 -27.82
C LEU B 75 -20.20 -20.81 -27.83
N LYS B 76 -20.71 -21.33 -28.93
CA LYS B 76 -22.13 -21.62 -29.07
C LYS B 76 -22.38 -23.10 -28.83
N PHE B 77 -23.37 -23.41 -28.00
CA PHE B 77 -23.69 -24.79 -27.69
C PHE B 77 -25.19 -24.99 -27.75
N LYS B 78 -25.58 -26.27 -27.81
CA LYS B 78 -26.97 -26.68 -27.74
C LYS B 78 -27.06 -27.83 -26.74
N GLY B 79 -27.64 -27.58 -25.58
CA GLY B 79 -27.70 -28.57 -24.54
C GLY B 79 -28.93 -28.44 -23.65
N PRO B 80 -29.01 -29.26 -22.61
CA PRO B 80 -30.17 -29.19 -21.70
C PRO B 80 -30.17 -27.98 -20.79
N MET B 81 -29.10 -27.20 -20.73
CA MET B 81 -28.99 -26.04 -19.87
C MET B 81 -28.70 -24.82 -20.74
N THR B 82 -29.42 -23.73 -20.50
CA THR B 82 -29.24 -22.53 -21.30
C THR B 82 -27.99 -21.75 -20.89
N VAL B 83 -27.63 -21.78 -19.61
CA VAL B 83 -26.50 -21.04 -19.06
C VAL B 83 -25.54 -22.04 -18.44
N LEU B 84 -24.25 -21.92 -18.78
CA LEU B 84 -23.20 -22.73 -18.15
C LEU B 84 -22.53 -21.89 -17.08
N ARG B 85 -22.98 -22.04 -15.84
CA ARG B 85 -22.37 -21.32 -14.72
C ARG B 85 -21.14 -22.09 -14.27
N LEU B 86 -19.99 -21.70 -14.81
CA LEU B 86 -18.75 -22.44 -14.63
C LEU B 86 -17.84 -21.77 -13.62
N ASN B 87 -16.76 -22.46 -13.29
CA ASN B 87 -15.76 -21.97 -12.35
C ASN B 87 -14.66 -21.24 -13.13
N ASN B 88 -13.51 -21.04 -12.50
CA ASN B 88 -12.50 -20.13 -13.00
C ASN B 88 -11.46 -20.81 -13.86
N LEU B 89 -11.40 -22.14 -13.82
CA LEU B 89 -10.47 -22.89 -14.66
C LEU B 89 -10.84 -22.77 -16.13
N MET B 90 -12.14 -22.60 -16.42
CA MET B 90 -12.59 -22.32 -17.77
C MET B 90 -12.25 -20.91 -18.22
N ALA B 91 -12.09 -19.97 -17.29
CA ALA B 91 -11.84 -18.58 -17.67
C ALA B 91 -10.45 -18.39 -18.26
N SER B 92 -9.45 -19.14 -17.76
CA SER B 92 -8.11 -19.03 -18.30
C SER B 92 -7.95 -19.72 -19.64
N LYS B 93 -8.89 -20.56 -20.03
CA LYS B 93 -8.82 -21.28 -21.29
C LYS B 93 -9.57 -20.59 -22.42
N ILE B 94 -10.18 -19.44 -22.15
CA ILE B 94 -10.90 -18.68 -23.16
C ILE B 94 -10.28 -17.29 -23.26
N TRP B 95 -10.61 -16.60 -24.35
CA TRP B 95 -10.16 -15.22 -24.52
C TRP B 95 -10.92 -14.30 -23.58
N THR B 96 -10.19 -13.49 -22.84
CA THR B 96 -10.73 -12.46 -21.98
C THR B 96 -10.01 -11.15 -22.27
N PRO B 97 -10.72 -10.02 -22.24
CA PRO B 97 -10.10 -8.75 -22.60
C PRO B 97 -9.08 -8.29 -21.58
N ASP B 98 -8.10 -7.52 -22.07
CA ASP B 98 -6.98 -7.08 -21.26
C ASP B 98 -7.26 -5.72 -20.62
N THR B 99 -8.33 -5.67 -19.84
CA THR B 99 -8.74 -4.42 -19.21
C THR B 99 -7.79 -4.09 -18.06
N PHE B 100 -7.23 -2.89 -18.08
CA PHE B 100 -6.36 -2.42 -17.03
C PHE B 100 -6.79 -1.01 -16.63
N PHE B 101 -6.40 -0.60 -15.43
CA PHE B 101 -6.77 0.69 -14.92
C PHE B 101 -5.68 1.70 -15.22
N HIS B 102 -6.06 2.78 -15.92
CA HIS B 102 -5.08 3.75 -16.43
C HIS B 102 -4.40 4.52 -15.31
N ASN B 103 -5.12 4.86 -14.25
CA ASN B 103 -4.55 5.59 -13.13
C ASN B 103 -4.39 4.70 -11.90
N GLY B 104 -4.34 3.39 -12.08
CA GLY B 104 -4.13 2.50 -10.95
C GLY B 104 -2.69 2.51 -10.49
N LYS B 105 -2.51 2.32 -9.19
CA LYS B 105 -1.19 2.23 -8.59
C LYS B 105 -0.81 0.83 -8.16
N LYS B 106 -1.71 0.15 -7.44
CA LYS B 106 -1.50 -1.24 -7.05
C LYS B 106 -2.85 -1.90 -6.78
N SER B 107 -3.26 -2.78 -7.68
CA SER B 107 -4.55 -3.45 -7.58
C SER B 107 -4.34 -4.94 -7.34
N VAL B 108 -5.23 -5.52 -6.53
CA VAL B 108 -5.15 -6.91 -6.13
C VAL B 108 -6.41 -7.63 -6.57
N ALA B 109 -6.26 -8.67 -7.38
CA ALA B 109 -7.37 -9.56 -7.72
C ALA B 109 -7.41 -10.65 -6.65
N HIS B 110 -8.48 -10.65 -5.86
CA HIS B 110 -8.56 -11.51 -4.70
C HIS B 110 -8.74 -12.97 -5.10
N ASN B 111 -8.09 -13.87 -4.35
CA ASN B 111 -8.18 -15.31 -4.68
C ASN B 111 -8.31 -16.18 -3.44
N MET B 112 -8.92 -15.70 -2.37
CA MET B 112 -9.14 -16.51 -1.17
C MET B 112 -10.63 -16.83 -1.08
N THR B 113 -10.97 -18.12 -1.00
CA THR B 113 -10.12 -19.30 -0.97
C THR B 113 -9.83 -19.82 -2.38
N MET B 114 -10.72 -19.52 -3.29
CA MET B 114 -10.58 -19.75 -4.71
C MET B 114 -10.48 -18.40 -5.42
N PRO B 115 -10.00 -18.36 -6.67
CA PRO B 115 -10.00 -17.11 -7.43
C PRO B 115 -11.40 -16.52 -7.58
N ASN B 116 -11.55 -15.28 -7.12
CA ASN B 116 -12.86 -14.63 -7.07
C ASN B 116 -13.21 -14.15 -8.48
N LYS B 117 -13.65 -15.11 -9.30
CA LYS B 117 -14.01 -14.83 -10.67
C LYS B 117 -15.32 -15.55 -10.99
N LEU B 118 -15.96 -15.13 -12.07
CA LEU B 118 -17.24 -15.69 -12.50
C LEU B 118 -17.19 -15.86 -14.01
N LEU B 119 -17.82 -16.93 -14.50
CA LEU B 119 -17.89 -17.15 -15.94
C LEU B 119 -19.20 -17.84 -16.27
N ARG B 120 -20.04 -17.18 -17.05
CA ARG B 120 -21.38 -17.69 -17.37
C ARG B 120 -21.58 -17.60 -18.89
N ILE B 121 -21.28 -18.70 -19.58
CA ILE B 121 -21.59 -18.79 -21.00
C ILE B 121 -23.07 -19.07 -21.19
N THR B 122 -23.72 -18.26 -22.01
CA THR B 122 -25.09 -18.52 -22.43
C THR B 122 -25.06 -19.28 -23.75
N GLU B 123 -26.23 -19.72 -24.20
CA GLU B 123 -26.30 -20.63 -25.34
C GLU B 123 -25.99 -19.96 -26.68
N ASP B 124 -25.87 -18.64 -26.77
CA ASP B 124 -25.46 -18.01 -28.03
C ASP B 124 -24.03 -17.49 -28.00
N GLY B 125 -23.29 -17.69 -26.91
CA GLY B 125 -21.91 -17.26 -26.85
C GLY B 125 -21.65 -16.05 -25.99
N THR B 126 -22.71 -15.41 -25.51
CA THR B 126 -22.59 -14.22 -24.66
C THR B 126 -21.97 -14.57 -23.32
N LEU B 127 -20.87 -13.91 -23.00
CA LEU B 127 -20.12 -14.21 -21.79
C LEU B 127 -20.39 -13.16 -20.73
N LEU B 128 -20.11 -13.54 -19.48
CA LEU B 128 -20.16 -12.62 -18.35
C LEU B 128 -18.99 -12.96 -17.46
N TYR B 129 -18.18 -11.94 -17.14
CA TYR B 129 -16.90 -12.15 -16.46
C TYR B 129 -16.80 -11.11 -15.34
N THR B 130 -16.99 -11.56 -14.11
CA THR B 130 -16.97 -10.69 -12.94
C THR B 130 -15.73 -11.01 -12.12
N MET B 131 -15.14 -10.00 -11.50
CA MET B 131 -13.94 -10.16 -10.69
C MET B 131 -14.04 -9.32 -9.42
N ARG B 132 -13.32 -9.74 -8.39
CA ARG B 132 -13.14 -8.95 -7.18
C ARG B 132 -11.77 -8.30 -7.22
N LEU B 133 -11.76 -6.97 -7.21
CA LEU B 133 -10.52 -6.20 -7.25
C LEU B 133 -10.55 -5.16 -6.15
N THR B 134 -9.38 -4.81 -5.65
CA THR B 134 -9.21 -3.63 -4.79
C THR B 134 -8.22 -2.69 -5.47
N VAL B 135 -8.76 -1.72 -6.19
CA VAL B 135 -7.97 -0.82 -7.03
C VAL B 135 -7.52 0.36 -6.19
N ARG B 136 -6.21 0.53 -6.06
CA ARG B 136 -5.63 1.73 -5.48
C ARG B 136 -5.28 2.68 -6.62
N ALA B 137 -6.02 3.77 -6.74
CA ALA B 137 -5.93 4.62 -7.92
C ALA B 137 -5.49 6.02 -7.52
N GLU B 138 -4.89 6.72 -8.48
CA GLU B 138 -4.45 8.09 -8.25
C GLU B 138 -5.65 9.02 -8.21
N CYS B 139 -5.69 9.87 -7.18
CA CYS B 139 -6.65 10.95 -7.11
C CYS B 139 -5.85 12.23 -6.90
N PRO B 140 -5.46 12.90 -7.97
CA PRO B 140 -4.72 14.17 -7.82
C PRO B 140 -5.58 15.25 -7.19
N MET B 141 -5.01 15.96 -6.23
CA MET B 141 -5.75 16.87 -5.38
C MET B 141 -5.18 18.28 -5.50
N HIS B 142 -6.07 19.27 -5.49
CA HIS B 142 -5.71 20.67 -5.47
C HIS B 142 -6.21 21.24 -4.14
N LEU B 143 -5.34 21.23 -3.13
CA LEU B 143 -5.74 21.57 -1.76
C LEU B 143 -5.55 23.04 -1.45
N GLU B 144 -6.09 23.92 -2.30
CA GLU B 144 -6.00 25.35 -2.01
C GLU B 144 -7.10 25.81 -1.06
N ASP B 145 -8.13 24.97 -0.85
CA ASP B 145 -9.22 25.28 0.07
C ASP B 145 -9.30 24.26 1.19
N PHE B 146 -8.17 23.68 1.56
CA PHE B 146 -8.12 22.68 2.62
C PHE B 146 -8.45 23.33 3.98
N PRO B 147 -9.30 22.70 4.80
CA PRO B 147 -9.99 21.42 4.61
C PRO B 147 -11.42 21.54 4.09
N MET B 148 -11.84 22.70 3.60
CA MET B 148 -13.19 22.87 3.06
C MET B 148 -13.20 22.66 1.55
N ASP B 149 -12.64 21.52 1.13
CA ASP B 149 -12.42 21.24 -0.27
C ASP B 149 -13.25 20.06 -0.72
N ALA B 150 -13.43 19.96 -2.04
CA ALA B 150 -14.10 18.83 -2.66
C ALA B 150 -13.26 18.34 -3.82
N HIS B 151 -13.25 17.04 -4.04
CA HIS B 151 -12.47 16.43 -5.10
C HIS B 151 -13.36 15.54 -5.97
N ALA B 152 -12.83 15.19 -7.14
CA ALA B 152 -13.48 14.27 -8.07
C ALA B 152 -12.44 13.21 -8.40
N CYS B 153 -12.36 12.17 -7.58
CA CYS B 153 -11.36 11.13 -7.77
C CYS B 153 -11.74 10.25 -8.95
N PRO B 154 -10.90 10.12 -9.96
CA PRO B 154 -11.30 9.38 -11.16
C PRO B 154 -10.98 7.89 -11.10
N LEU B 155 -11.54 7.13 -12.03
CA LEU B 155 -11.19 5.73 -12.19
C LEU B 155 -11.30 5.41 -13.67
N LYS B 156 -10.18 5.42 -14.36
CA LYS B 156 -10.14 5.21 -15.80
C LYS B 156 -9.68 3.79 -16.10
N PHE B 157 -10.34 3.14 -17.04
CA PHE B 157 -9.94 1.81 -17.47
C PHE B 157 -10.13 1.66 -18.96
N GLY B 158 -9.42 0.69 -19.53
CA GLY B 158 -9.48 0.43 -20.94
C GLY B 158 -8.57 -0.72 -21.29
N SER B 159 -8.53 -1.02 -22.59
CA SER B 159 -7.67 -2.09 -23.06
C SER B 159 -6.22 -1.65 -23.07
N TYR B 160 -5.31 -2.62 -22.94
CA TYR B 160 -3.89 -2.36 -22.97
C TYR B 160 -3.31 -2.52 -24.37
N ALA B 161 -3.56 -3.65 -25.02
CA ALA B 161 -2.95 -3.96 -26.31
C ALA B 161 -3.86 -3.69 -27.49
N TYR B 162 -5.18 -3.76 -27.31
CA TYR B 162 -6.13 -3.63 -28.41
C TYR B 162 -6.60 -2.19 -28.53
N THR B 163 -6.49 -1.64 -29.73
CA THR B 163 -6.81 -0.24 -29.98
C THR B 163 -8.31 -0.08 -30.20
N ARG B 164 -8.71 1.11 -30.64
CA ARG B 164 -10.13 1.41 -30.85
C ARG B 164 -10.70 0.64 -32.03
N ALA B 165 -9.88 0.33 -33.03
CA ALA B 165 -10.33 -0.47 -34.15
C ALA B 165 -10.50 -1.95 -33.82
N GLU B 166 -10.07 -2.39 -32.64
CA GLU B 166 -10.12 -3.79 -32.26
C GLU B 166 -11.07 -4.07 -31.11
N VAL B 167 -10.96 -3.35 -29.99
CA VAL B 167 -11.83 -3.58 -28.83
C VAL B 167 -12.36 -2.23 -28.35
N VAL B 168 -13.68 -2.07 -28.34
CA VAL B 168 -14.34 -0.90 -27.80
C VAL B 168 -15.08 -1.29 -26.53
N TYR B 169 -15.28 -0.34 -25.63
CA TYR B 169 -15.88 -0.58 -24.34
C TYR B 169 -17.17 0.21 -24.21
N GLU B 170 -18.20 -0.41 -23.64
CA GLU B 170 -19.51 0.21 -23.46
C GLU B 170 -20.01 -0.06 -22.05
N TRP B 171 -21.01 0.71 -21.64
CA TRP B 171 -21.72 0.45 -20.39
C TRP B 171 -22.94 -0.43 -20.71
N THR B 172 -23.15 -1.47 -19.91
CA THR B 172 -24.21 -2.43 -20.22
C THR B 172 -25.61 -1.91 -19.86
N ARG B 173 -25.73 -1.08 -18.84
CA ARG B 173 -26.96 -0.42 -18.49
C ARG B 173 -26.86 1.04 -18.93
N GLU B 174 -27.81 1.87 -18.51
CA GLU B 174 -27.68 3.29 -18.71
C GLU B 174 -26.43 3.80 -17.98
N PRO B 175 -25.71 4.76 -18.56
CA PRO B 175 -24.48 5.27 -17.90
C PRO B 175 -24.73 5.89 -16.55
N ALA B 176 -25.90 6.45 -16.28
CA ALA B 176 -26.20 6.95 -14.94
C ALA B 176 -26.45 5.82 -13.96
N ARG B 177 -26.66 4.59 -14.44
CA ARG B 177 -26.95 3.45 -13.58
C ARG B 177 -25.94 2.32 -13.71
N SER B 178 -24.85 2.53 -14.44
CA SER B 178 -23.91 1.46 -14.72
C SER B 178 -22.76 1.39 -13.72
N VAL B 179 -22.68 2.32 -12.78
CA VAL B 179 -21.80 2.22 -11.63
C VAL B 179 -22.70 2.33 -10.41
N VAL B 180 -22.84 1.24 -9.67
CA VAL B 180 -23.76 1.15 -8.55
C VAL B 180 -22.92 1.00 -7.29
N VAL B 181 -23.07 1.95 -6.37
CA VAL B 181 -22.39 1.86 -5.08
C VAL B 181 -23.30 1.17 -4.08
N ALA B 182 -22.76 0.19 -3.36
CA ALA B 182 -23.53 -0.59 -2.39
C ALA B 182 -23.94 0.28 -1.21
N GLU B 183 -25.03 -0.12 -0.56
CA GLU B 183 -25.66 0.65 0.52
C GLU B 183 -24.75 0.82 1.72
N ASP B 184 -24.09 -0.25 2.13
CA ASP B 184 -23.13 -0.17 3.24
C ASP B 184 -21.72 0.09 2.75
N GLY B 185 -21.54 0.28 1.45
CA GLY B 185 -20.22 0.40 0.87
C GLY B 185 -19.58 1.76 1.07
N SER B 186 -19.21 2.07 2.31
CA SER B 186 -18.54 3.33 2.63
C SER B 186 -17.59 3.07 3.79
N ARG B 187 -16.33 2.82 3.48
CA ARG B 187 -15.26 2.78 4.46
C ARG B 187 -14.58 4.14 4.61
N LEU B 188 -15.27 5.19 4.20
CA LEU B 188 -14.78 6.56 4.30
C LEU B 188 -15.03 7.09 5.71
N ASN B 189 -13.99 7.63 6.33
CA ASN B 189 -14.12 8.24 7.64
C ASN B 189 -13.83 9.72 7.64
N GLN B 190 -13.17 10.24 6.62
CA GLN B 190 -12.88 11.67 6.51
C GLN B 190 -13.77 12.38 5.50
N TYR B 191 -14.00 11.76 4.36
CA TYR B 191 -14.82 12.30 3.28
C TYR B 191 -16.22 11.71 3.36
N ASP B 192 -17.09 12.13 2.46
CA ASP B 192 -18.31 11.39 2.19
C ASP B 192 -18.60 11.47 0.70
N LEU B 193 -18.98 10.33 0.12
CA LEU B 193 -19.26 10.23 -1.30
C LEU B 193 -20.56 10.94 -1.62
N LEU B 194 -20.53 11.80 -2.63
CA LEU B 194 -21.70 12.56 -3.06
C LEU B 194 -22.41 11.97 -4.25
N GLY B 195 -21.67 11.40 -5.20
CA GLY B 195 -22.28 10.78 -6.35
C GLY B 195 -21.20 10.40 -7.35
N GLN B 196 -21.52 9.40 -8.16
CA GLN B 196 -20.62 8.93 -9.19
C GLN B 196 -21.01 9.52 -10.53
N THR B 197 -20.04 9.61 -11.43
CA THR B 197 -20.19 10.29 -12.71
C THR B 197 -19.29 9.61 -13.72
N VAL B 198 -19.87 9.15 -14.83
CA VAL B 198 -19.12 8.36 -15.80
C VAL B 198 -18.99 9.15 -17.09
N ASP B 199 -18.05 8.73 -17.93
CA ASP B 199 -17.80 9.32 -19.23
C ASP B 199 -17.04 8.31 -20.06
N SER B 200 -17.09 8.47 -21.37
CA SER B 200 -16.37 7.60 -22.29
C SER B 200 -15.67 8.46 -23.33
N GLY B 201 -14.44 8.10 -23.68
CA GLY B 201 -13.66 8.90 -24.59
C GLY B 201 -12.58 8.09 -25.27
N ILE B 202 -11.76 8.80 -26.05
CA ILE B 202 -10.66 8.22 -26.81
C ILE B 202 -9.38 8.88 -26.36
N VAL B 203 -8.39 8.08 -25.97
CA VAL B 203 -7.09 8.56 -25.57
C VAL B 203 -6.07 8.06 -26.58
N GLN B 204 -5.13 8.93 -26.96
CA GLN B 204 -4.12 8.61 -27.97
C GLN B 204 -2.77 8.44 -27.30
N SER B 205 -2.05 7.39 -27.69
CA SER B 205 -0.73 7.11 -27.14
C SER B 205 0.27 6.88 -28.25
N SER B 206 1.45 6.37 -27.89
CA SER B 206 2.49 6.08 -28.89
C SER B 206 2.10 4.93 -29.80
N THR B 207 1.22 4.05 -29.33
CA THR B 207 0.86 2.83 -30.06
C THR B 207 -0.40 3.03 -30.91
N GLY B 208 -1.39 3.74 -30.38
CA GLY B 208 -2.61 3.98 -31.14
C GLY B 208 -3.61 4.74 -30.30
N GLU B 209 -4.87 4.70 -30.73
CA GLU B 209 -5.96 5.34 -30.02
C GLU B 209 -6.77 4.29 -29.27
N TYR B 210 -6.99 4.53 -27.98
CA TYR B 210 -7.63 3.57 -27.10
C TYR B 210 -8.88 4.16 -26.48
N VAL B 211 -9.93 3.34 -26.39
CA VAL B 211 -11.16 3.74 -25.72
C VAL B 211 -10.92 3.68 -24.22
N VAL B 212 -11.21 4.77 -23.53
CA VAL B 212 -11.05 4.86 -22.08
C VAL B 212 -12.41 5.19 -21.48
N MET B 213 -12.76 4.48 -20.41
CA MET B 213 -14.00 4.71 -19.67
C MET B 213 -13.66 5.31 -18.33
N THR B 214 -14.17 6.51 -18.08
CA THR B 214 -13.85 7.27 -16.88
C THR B 214 -15.02 7.12 -15.90
N THR B 215 -14.70 7.05 -14.62
CA THR B 215 -15.71 7.11 -13.55
C THR B 215 -15.20 8.07 -12.50
N HIS B 216 -15.89 9.18 -12.30
CA HIS B 216 -15.49 10.18 -11.33
C HIS B 216 -16.32 10.02 -10.06
N PHE B 217 -15.64 9.94 -8.92
CA PHE B 217 -16.29 9.82 -7.63
C PHE B 217 -16.16 11.15 -6.89
N HIS B 218 -17.27 11.84 -6.71
CA HIS B 218 -17.26 13.18 -6.16
C HIS B 218 -17.23 13.09 -4.63
N LEU B 219 -16.16 13.59 -4.03
CA LEU B 219 -15.94 13.53 -2.60
C LEU B 219 -15.93 14.94 -2.03
N LYS B 220 -16.39 15.07 -0.80
CA LYS B 220 -16.32 16.32 -0.05
C LYS B 220 -15.76 16.03 1.33
N ARG B 221 -14.77 16.81 1.76
CA ARG B 221 -14.21 16.59 3.08
C ARG B 221 -15.17 17.09 4.16
N LYS B 222 -15.26 16.32 5.23
CA LYS B 222 -16.10 16.66 6.38
C LYS B 222 -15.21 17.39 7.40
N ILE B 223 -15.48 18.67 7.64
CA ILE B 223 -14.55 19.49 8.49
C ILE B 223 -14.66 19.11 9.98
N GLY B 224 -15.45 18.10 10.32
CA GLY B 224 -15.68 17.74 11.73
C GLY B 224 -14.39 17.55 12.52
N TYR B 225 -13.30 17.14 11.87
CA TYR B 225 -12.04 16.85 12.59
C TYR B 225 -11.18 18.11 12.74
N PHE B 226 -11.01 18.89 11.67
CA PHE B 226 -10.08 20.05 11.70
C PHE B 226 -10.66 21.20 12.56
N VAL B 227 -11.90 21.07 13.04
CA VAL B 227 -12.37 22.12 13.99
C VAL B 227 -11.70 21.77 15.33
N ILE B 228 -12.15 20.69 15.98
CA ILE B 228 -11.56 20.26 17.28
C ILE B 228 -10.04 20.18 17.16
N GLN B 229 -9.52 19.74 16.01
CA GLN B 229 -8.05 19.51 15.89
C GLN B 229 -7.24 20.80 15.82
N THR B 230 -7.63 21.80 15.02
CA THR B 230 -6.73 22.97 14.84
C THR B 230 -7.48 24.31 14.93
N TYR B 231 -8.65 24.40 14.31
CA TYR B 231 -9.40 25.66 14.33
C TYR B 231 -9.75 26.10 15.74
N LEU B 232 -10.28 25.19 16.54
CA LEU B 232 -10.67 25.53 17.90
C LEU B 232 -9.46 25.72 18.83
N PRO B 233 -8.34 24.98 18.71
CA PRO B 233 -7.12 25.43 19.41
C PRO B 233 -6.59 26.80 19.00
N CYS B 234 -6.68 27.22 17.73
CA CYS B 234 -6.39 28.62 17.39
C CYS B 234 -7.34 29.62 17.99
N ILE B 235 -8.64 29.34 18.00
CA ILE B 235 -9.61 30.22 18.64
C ILE B 235 -9.37 30.32 20.14
N MET B 236 -9.09 29.19 20.80
CA MET B 236 -8.81 29.21 22.23
C MET B 236 -7.44 29.83 22.54
N THR B 237 -6.48 29.73 21.62
CA THR B 237 -5.19 30.35 21.83
C THR B 237 -5.25 31.86 21.63
N VAL B 238 -6.02 32.32 20.64
CA VAL B 238 -6.17 33.75 20.44
C VAL B 238 -6.99 34.38 21.56
N ILE B 239 -8.13 33.79 21.90
CA ILE B 239 -8.97 34.29 23.00
C ILE B 239 -8.26 34.15 24.34
N LEU B 240 -7.41 33.12 24.48
CA LEU B 240 -6.50 33.05 25.62
C LEU B 240 -5.55 34.25 25.66
N SER B 241 -4.89 34.57 24.55
CA SER B 241 -3.95 35.67 24.52
C SER B 241 -4.61 37.05 24.50
N GLN B 242 -5.96 37.10 24.48
CA GLN B 242 -6.69 38.33 24.65
C GLN B 242 -6.92 38.73 26.11
N VAL B 243 -6.82 37.79 27.05
CA VAL B 243 -7.19 38.17 28.41
C VAL B 243 -5.95 38.64 29.16
N SER B 244 -4.79 38.60 28.48
CA SER B 244 -3.57 39.16 29.04
C SER B 244 -3.63 40.68 29.16
N PHE B 245 -4.53 41.34 28.43
CA PHE B 245 -4.72 42.77 28.54
C PHE B 245 -5.53 43.17 29.75
N TRP B 246 -6.24 42.23 30.37
CA TRP B 246 -7.00 42.51 31.59
C TRP B 246 -6.18 42.29 32.85
N LEU B 247 -4.91 41.89 32.70
CA LEU B 247 -4.02 41.73 33.84
C LEU B 247 -3.40 43.07 34.22
N ASN B 248 -2.68 43.08 35.33
CA ASN B 248 -2.06 44.29 35.84
C ASN B 248 -0.95 44.80 34.93
N ARG B 249 -0.80 46.12 34.84
CA ARG B 249 0.28 46.72 34.05
C ARG B 249 1.65 46.39 34.64
N GLU B 250 1.75 46.37 35.97
CA GLU B 250 3.03 46.14 36.62
C GLU B 250 3.41 44.66 36.61
N SER B 251 2.44 43.77 36.39
CA SER B 251 2.73 42.34 36.37
C SER B 251 3.46 41.96 35.10
N VAL B 252 4.79 42.11 35.11
CA VAL B 252 5.64 41.80 33.97
C VAL B 252 5.88 40.29 33.79
N PRO B 253 6.26 39.48 34.83
CA PRO B 253 6.47 38.04 34.54
C PRO B 253 5.21 37.29 34.13
N ALA B 254 4.05 37.67 34.65
CA ALA B 254 2.80 36.99 34.32
C ALA B 254 2.43 37.20 32.85
N ARG B 255 2.42 38.45 32.40
CA ARG B 255 2.08 38.73 31.01
C ARG B 255 3.18 38.29 30.07
N THR B 256 4.44 38.29 30.54
CA THR B 256 5.55 37.81 29.73
C THR B 256 5.44 36.31 29.45
N VAL B 257 5.22 35.51 30.51
CA VAL B 257 5.07 34.07 30.32
C VAL B 257 3.76 33.77 29.59
N PHE B 258 2.77 34.67 29.73
CA PHE B 258 1.52 34.55 28.99
C PHE B 258 1.76 34.64 27.49
N GLY B 259 2.48 35.68 27.08
CA GLY B 259 2.79 35.87 25.67
C GLY B 259 3.67 34.76 25.11
N VAL B 260 4.72 34.37 25.84
CA VAL B 260 5.63 33.37 25.29
C VAL B 260 5.00 31.98 25.25
N THR B 261 4.16 31.61 26.21
CA THR B 261 3.52 30.30 26.12
C THR B 261 2.41 30.28 25.07
N THR B 262 1.70 31.38 24.87
CA THR B 262 0.75 31.43 23.76
C THR B 262 1.47 31.34 22.41
N VAL B 263 2.65 31.96 22.32
CA VAL B 263 3.44 31.89 21.08
C VAL B 263 3.96 30.47 20.83
N LEU B 264 4.42 29.79 21.89
CA LEU B 264 4.80 28.38 21.74
C LEU B 264 3.63 27.47 21.35
N THR B 265 2.45 27.64 21.96
CA THR B 265 1.31 26.80 21.57
C THR B 265 0.90 27.07 20.13
N MET B 266 0.94 28.34 19.71
CA MET B 266 0.62 28.66 18.33
C MET B 266 1.67 28.14 17.35
N THR B 267 2.96 28.25 17.67
CA THR B 267 3.98 27.80 16.73
C THR B 267 4.18 26.29 16.76
N THR B 268 3.60 25.58 17.74
CA THR B 268 3.55 24.13 17.62
C THR B 268 2.27 23.67 16.95
N LEU B 269 1.20 24.49 17.00
CA LEU B 269 0.04 24.26 16.16
C LEU B 269 0.38 24.40 14.69
N SER B 270 1.28 25.34 14.37
CA SER B 270 1.70 25.53 12.98
C SER B 270 2.46 24.32 12.44
N ILE B 271 3.23 23.67 13.31
CA ILE B 271 3.98 22.44 12.88
C ILE B 271 2.97 21.30 12.70
N SER B 272 2.27 20.92 13.76
CA SER B 272 1.32 19.77 13.70
C SER B 272 0.27 19.96 12.60
N ALA B 273 -0.02 21.21 12.22
CA ALA B 273 -1.10 21.47 11.24
C ALA B 273 -0.82 20.76 9.91
N ARG B 274 0.44 20.71 9.46
CA ARG B 274 0.72 20.14 8.11
C ARG B 274 1.11 18.67 8.18
N ASN B 275 0.37 17.84 8.92
CA ASN B 275 0.68 16.42 8.95
C ASN B 275 -0.46 15.67 8.28
N SER B 276 -0.14 14.52 7.68
CA SER B 276 -1.03 13.60 6.97
C SER B 276 -1.63 14.18 5.69
N LEU B 277 -1.12 15.34 5.24
CA LEU B 277 -1.28 15.92 3.91
C LEU B 277 0.09 16.25 3.34
N PRO B 278 0.29 16.15 2.00
CA PRO B 278 1.65 16.17 1.46
C PRO B 278 2.32 17.53 1.50
N LYS B 279 3.61 17.57 1.15
CA LYS B 279 4.41 18.77 1.25
C LYS B 279 4.20 19.60 -0.03
N VAL B 280 3.01 20.19 -0.12
CA VAL B 280 2.66 21.00 -1.29
C VAL B 280 3.38 22.34 -1.21
N ALA B 281 3.59 22.93 -2.38
CA ALA B 281 4.35 24.19 -2.46
C ALA B 281 3.54 25.39 -2.02
N TYR B 282 2.22 25.35 -2.16
CA TYR B 282 1.39 26.51 -1.86
C TYR B 282 0.93 26.47 -0.40
N ALA B 283 0.03 27.37 -0.05
CA ALA B 283 -0.53 27.46 1.29
C ALA B 283 -2.03 27.20 1.23
N THR B 284 -2.52 26.35 2.12
CA THR B 284 -3.93 26.00 2.16
C THR B 284 -4.73 27.10 2.85
N ALA B 285 -6.04 26.90 2.92
CA ALA B 285 -6.89 27.81 3.68
C ALA B 285 -6.64 27.69 5.18
N MET B 286 -6.36 26.47 5.65
CA MET B 286 -5.98 26.29 7.04
C MET B 286 -4.64 26.93 7.34
N ASP B 287 -3.73 26.97 6.36
CA ASP B 287 -2.46 27.66 6.57
C ASP B 287 -2.65 29.17 6.66
N TRP B 288 -3.58 29.74 5.89
CA TRP B 288 -3.88 31.16 6.03
C TRP B 288 -4.54 31.46 7.37
N PHE B 289 -5.42 30.56 7.84
CA PHE B 289 -5.97 30.70 9.17
C PHE B 289 -4.88 30.59 10.24
N ILE B 290 -3.90 29.70 10.01
CA ILE B 290 -2.78 29.53 10.93
C ILE B 290 -1.94 30.80 10.98
N ALA B 291 -1.74 31.43 9.82
CA ALA B 291 -1.01 32.70 9.77
C ALA B 291 -1.73 33.81 10.54
N VAL B 292 -3.06 33.90 10.43
CA VAL B 292 -3.80 34.92 11.16
C VAL B 292 -3.88 34.62 12.66
N CYS B 293 -4.08 33.35 13.07
CA CYS B 293 -4.05 33.06 14.51
C CYS B 293 -2.63 33.04 15.05
N TYR B 294 -1.60 33.15 14.19
CA TYR B 294 -0.25 33.49 14.63
C TYR B 294 -0.10 35.00 14.82
N ALA B 295 -0.62 35.78 13.87
CA ALA B 295 -0.51 37.24 13.90
C ALA B 295 -1.23 37.84 15.10
N PHE B 296 -2.42 37.31 15.43
CA PHE B 296 -3.20 37.82 16.54
C PHE B 296 -2.76 37.29 17.90
N VAL B 297 -1.72 36.46 17.94
CA VAL B 297 -1.07 36.08 19.19
C VAL B 297 0.22 36.87 19.32
N PHE B 298 0.98 36.98 18.23
CA PHE B 298 2.25 37.68 18.25
C PHE B 298 2.09 39.20 18.29
N SER B 299 0.91 39.72 17.96
CA SER B 299 0.69 41.16 18.06
C SER B 299 0.38 41.58 19.49
N ALA B 300 -0.03 40.64 20.34
CA ALA B 300 -0.32 40.96 21.73
C ALA B 300 0.95 41.25 22.51
N LEU B 301 2.01 40.49 22.24
CA LEU B 301 3.24 40.63 22.99
C LEU B 301 4.00 41.90 22.60
N ILE B 302 3.84 42.36 21.36
CA ILE B 302 4.41 43.65 20.96
C ILE B 302 3.69 44.79 21.67
N GLU B 303 2.38 44.66 21.86
CA GLU B 303 1.58 45.62 22.63
C GLU B 303 2.04 45.64 24.08
N PHE B 304 2.30 44.45 24.64
CA PHE B 304 2.82 44.37 26.00
C PHE B 304 4.22 44.96 26.11
N ALA B 305 5.06 44.78 25.09
CA ALA B 305 6.39 45.37 25.09
C ALA B 305 6.32 46.89 25.01
N THR B 306 5.36 47.41 24.24
CA THR B 306 5.14 48.87 24.20
C THR B 306 4.68 49.40 25.55
N VAL B 307 3.77 48.67 26.22
CA VAL B 307 3.31 49.06 27.54
C VAL B 307 4.46 49.03 28.54
N ASN B 308 5.30 47.99 28.49
CA ASN B 308 6.44 47.87 29.38
C ASN B 308 7.50 48.94 29.11
N TYR B 309 7.62 49.38 27.85
CA TYR B 309 8.47 50.53 27.59
C TYR B 309 7.87 51.82 28.15
N PHE B 310 6.54 51.93 28.12
CA PHE B 310 5.87 53.15 28.56
C PHE B 310 5.33 53.06 29.98
N THR B 311 5.72 52.05 30.76
CA THR B 311 5.27 51.98 32.14
C THR B 311 6.29 52.65 33.07
N LYS B 312 5.90 52.83 34.34
CA LYS B 312 6.78 53.59 35.29
C LYS B 312 7.16 52.79 36.55
N ARG B 313 6.63 53.15 37.73
CA ARG B 313 7.03 52.54 39.04
C ARG B 313 6.83 51.02 39.06
N GLY B 314 7.60 50.30 39.89
CA GLY B 314 7.54 48.81 39.96
C GLY B 314 6.64 48.26 41.05
N TYR B 315 5.48 48.87 41.29
CA TYR B 315 4.49 48.40 42.26
C TYR B 315 3.12 48.93 41.83
N ALA B 316 2.08 48.40 42.47
CA ALA B 316 0.71 48.82 42.20
C ALA B 316 -0.16 48.66 43.43
N LYS B 384 2.00 57.24 48.45
CA LYS B 384 2.89 57.08 47.29
C LYS B 384 2.10 57.21 46.00
N THR B 385 2.77 57.68 44.94
CA THR B 385 2.11 57.86 43.65
C THR B 385 1.92 56.51 42.96
N PHE B 386 0.69 56.00 42.98
CA PHE B 386 0.39 54.75 42.31
C PHE B 386 0.37 54.92 40.80
N ASN B 387 0.58 53.82 40.09
CA ASN B 387 0.57 53.84 38.64
C ASN B 387 -0.87 54.00 38.13
N SER B 388 -0.98 54.40 36.86
CA SER B 388 -2.27 54.55 36.22
C SER B 388 -2.50 53.42 35.22
N VAL B 389 -3.77 53.13 34.94
CA VAL B 389 -4.13 52.10 33.98
C VAL B 389 -3.80 52.58 32.58
N SER B 390 -3.15 51.73 31.79
CA SER B 390 -2.66 52.11 30.48
C SER B 390 -3.82 52.34 29.49
N LYS B 391 -3.67 53.36 28.67
CA LYS B 391 -4.65 53.62 27.60
C LYS B 391 -4.49 52.63 26.46
N ILE B 392 -3.30 52.05 26.32
CA ILE B 392 -3.00 51.11 25.24
C ILE B 392 -3.77 49.82 25.47
N ASP B 393 -3.92 49.42 26.73
CA ASP B 393 -4.62 48.19 27.05
C ASP B 393 -6.13 48.34 26.87
N ARG B 394 -6.66 49.54 27.09
CA ARG B 394 -8.11 49.73 27.04
C ARG B 394 -8.62 49.70 25.61
N LEU B 395 -7.81 50.17 24.66
CA LEU B 395 -8.17 49.99 23.25
C LEU B 395 -7.94 48.55 22.81
N SER B 396 -6.86 47.92 23.28
CA SER B 396 -6.56 46.55 22.91
C SER B 396 -7.49 45.54 23.57
N ARG B 397 -8.22 45.96 24.61
CA ARG B 397 -9.23 45.08 25.18
C ARG B 397 -10.47 45.00 24.29
N ILE B 398 -10.63 45.96 23.39
CA ILE B 398 -11.82 46.06 22.56
C ILE B 398 -11.48 45.85 21.08
N ALA B 399 -10.41 46.48 20.58
CA ALA B 399 -10.10 46.41 19.15
C ALA B 399 -9.63 45.02 18.75
N PHE B 400 -8.69 44.44 19.49
CA PHE B 400 -8.19 43.10 19.22
C PHE B 400 -9.23 41.96 19.26
N PRO B 401 -10.22 41.91 20.18
CA PRO B 401 -11.25 40.87 20.02
C PRO B 401 -12.17 41.08 18.83
N LEU B 402 -12.53 42.33 18.50
CA LEU B 402 -13.41 42.57 17.36
C LEU B 402 -12.68 42.39 16.03
N LEU B 403 -11.41 42.77 15.94
CA LEU B 403 -10.66 42.51 14.71
C LEU B 403 -10.40 41.01 14.52
N PHE B 404 -10.45 40.23 15.60
CA PHE B 404 -10.56 38.79 15.44
C PHE B 404 -11.96 38.38 15.00
N GLY B 405 -12.98 39.04 15.55
CA GLY B 405 -14.35 38.64 15.26
C GLY B 405 -14.81 39.01 13.87
N ILE B 406 -14.30 40.12 13.32
CA ILE B 406 -14.60 40.47 11.94
C ILE B 406 -13.92 39.49 10.99
N PHE B 407 -12.71 39.03 11.34
CA PHE B 407 -11.96 38.13 10.47
C PHE B 407 -12.63 36.77 10.32
N ASN B 408 -13.17 36.22 11.41
CA ASN B 408 -13.79 34.90 11.34
C ASN B 408 -15.07 34.92 10.52
N LEU B 409 -15.82 36.03 10.57
CA LEU B 409 -16.99 36.15 9.70
C LEU B 409 -16.60 36.33 8.25
N VAL B 410 -15.43 36.89 7.97
CA VAL B 410 -14.95 37.00 6.60
C VAL B 410 -14.38 35.67 6.12
N TYR B 411 -13.61 35.00 6.97
CA TYR B 411 -12.95 33.75 6.58
C TYR B 411 -13.93 32.62 6.37
N TRP B 412 -14.89 32.45 7.29
CA TRP B 412 -15.78 31.29 7.22
C TRP B 412 -16.84 31.47 6.14
N ALA B 413 -17.26 32.71 5.86
CA ALA B 413 -18.20 32.93 4.77
C ALA B 413 -17.55 32.82 3.41
N THR B 414 -16.24 33.05 3.31
CA THR B 414 -15.56 32.93 2.02
C THR B 414 -15.38 31.47 1.61
N TYR B 415 -14.99 30.61 2.53
CA TYR B 415 -14.59 29.24 2.21
C TYR B 415 -15.71 28.23 2.41
N LEU B 416 -16.39 28.27 3.56
CA LEU B 416 -17.38 27.24 3.88
C LEU B 416 -18.67 27.43 3.08
N ASN B 417 -19.10 28.67 2.90
CA ASN B 417 -20.32 28.93 2.15
C ASN B 417 -20.14 28.65 0.66
N ARG B 418 -18.95 28.91 0.15
CA ARG B 418 -18.63 28.62 -1.24
C ARG B 418 -17.20 28.10 -1.36
N SER C 7 -11.85 -20.03 -42.88
CA SER C 7 -12.33 -18.76 -42.27
C SER C 7 -11.15 -17.81 -41.98
N ASN C 8 -11.44 -16.54 -41.70
CA ASN C 8 -10.35 -15.56 -41.50
C ASN C 8 -9.64 -15.81 -40.16
N MET C 9 -10.38 -16.16 -39.11
CA MET C 9 -9.70 -16.52 -37.83
C MET C 9 -8.92 -17.81 -38.07
N SER C 10 -9.42 -18.66 -38.95
CA SER C 10 -8.66 -19.89 -39.29
C SER C 10 -7.32 -19.47 -39.88
N LEU C 11 -7.33 -18.56 -40.84
CA LEU C 11 -6.02 -18.05 -41.35
C LEU C 11 -5.19 -17.49 -40.20
N VAL C 12 -5.71 -16.55 -39.39
CA VAL C 12 -4.86 -15.90 -38.33
C VAL C 12 -4.36 -16.93 -37.31
N LYS C 13 -4.92 -18.15 -37.29
CA LYS C 13 -4.37 -19.20 -36.38
C LYS C 13 -3.33 -20.01 -37.12
N GLU C 14 -3.69 -20.60 -38.25
CA GLU C 14 -2.73 -21.46 -38.98
C GLU C 14 -1.47 -20.64 -39.19
N THR C 15 -1.59 -19.31 -39.17
CA THR C 15 -0.42 -18.45 -39.32
C THR C 15 0.39 -18.37 -38.03
N VAL C 16 -0.29 -18.13 -36.91
CA VAL C 16 0.41 -18.11 -35.61
C VAL C 16 0.94 -19.50 -35.23
N ASP C 17 0.16 -20.55 -35.45
CA ASP C 17 0.59 -21.91 -35.18
C ASP C 17 1.74 -22.37 -36.07
N ARG C 18 1.90 -21.76 -37.25
CA ARG C 18 3.06 -21.99 -38.10
C ARG C 18 4.27 -21.16 -37.72
N LEU C 19 4.06 -19.93 -37.24
CA LEU C 19 5.19 -19.12 -36.76
C LEU C 19 5.81 -19.73 -35.51
N LEU C 20 5.02 -19.89 -34.45
CA LEU C 20 5.62 -20.29 -33.14
C LEU C 20 5.88 -21.80 -33.04
N LYS C 21 5.78 -22.54 -34.13
CA LYS C 21 6.14 -23.98 -34.06
C LYS C 21 7.52 -24.16 -34.65
N GLY C 22 8.37 -25.00 -34.02
CA GLY C 22 9.76 -25.11 -34.48
C GLY C 22 10.55 -23.94 -33.94
N TYR C 23 9.90 -23.16 -33.06
CA TYR C 23 10.54 -21.94 -32.54
C TYR C 23 11.46 -22.37 -31.43
N ASP C 24 12.52 -21.61 -31.20
CA ASP C 24 13.45 -21.85 -30.12
C ASP C 24 13.54 -20.59 -29.28
N ILE C 25 12.92 -20.59 -28.11
CA ILE C 25 12.88 -19.37 -27.27
C ILE C 25 14.20 -19.23 -26.56
N ARG C 26 15.05 -20.24 -26.64
CA ARG C 26 16.31 -20.20 -25.85
C ARG C 26 17.35 -19.40 -26.64
N LEU C 27 17.19 -19.30 -27.95
CA LEU C 27 18.17 -18.63 -28.82
C LEU C 27 17.65 -17.28 -29.30
N ARG C 28 18.46 -16.22 -29.24
CA ARG C 28 18.14 -14.89 -29.73
C ARG C 28 18.11 -14.89 -31.26
N PRO C 29 17.41 -13.93 -31.88
CA PRO C 29 17.45 -13.82 -33.34
C PRO C 29 18.85 -13.46 -33.84
N ASP C 30 19.20 -14.06 -34.98
CA ASP C 30 20.54 -14.04 -35.57
C ASP C 30 21.59 -14.45 -34.54
N PHE C 31 21.48 -15.69 -34.07
CA PHE C 31 22.27 -16.16 -32.94
C PHE C 31 23.75 -16.26 -33.29
N GLY C 32 24.07 -16.81 -34.45
CA GLY C 32 25.44 -16.88 -34.90
C GLY C 32 25.88 -15.71 -35.75
N GLY C 33 25.06 -14.67 -35.88
CA GLY C 33 25.36 -13.57 -36.76
C GLY C 33 25.51 -12.24 -36.05
N PRO C 34 24.93 -11.20 -36.64
CA PRO C 34 25.08 -9.84 -36.09
C PRO C 34 24.29 -9.66 -34.82
N PRO C 35 24.63 -8.68 -33.99
CA PRO C 35 23.81 -8.39 -32.81
C PRO C 35 22.45 -7.84 -33.19
N VAL C 36 21.47 -8.09 -32.33
CA VAL C 36 20.11 -7.62 -32.54
C VAL C 36 19.95 -6.24 -31.92
N ALA C 37 19.39 -5.32 -32.69
CA ALA C 37 19.18 -3.95 -32.24
C ALA C 37 17.82 -3.84 -31.58
N VAL C 38 17.78 -3.36 -30.35
CA VAL C 38 16.56 -3.25 -29.57
C VAL C 38 16.30 -1.77 -29.34
N GLY C 39 15.25 -1.24 -29.98
CA GLY C 39 14.88 0.14 -29.78
C GLY C 39 13.91 0.30 -28.63
N MET C 40 14.08 1.37 -27.87
CA MET C 40 13.32 1.57 -26.66
C MET C 40 12.69 2.95 -26.65
N ASN C 41 11.48 3.03 -26.10
CA ASN C 41 10.83 4.31 -25.87
C ASN C 41 9.92 4.15 -24.66
N ILE C 42 9.88 5.18 -23.83
CA ILE C 42 9.25 5.12 -22.51
C ILE C 42 8.22 6.22 -22.38
N ASP C 43 7.01 5.90 -21.96
CA ASP C 43 6.01 6.96 -21.71
C ASP C 43 5.83 7.13 -20.20
N ILE C 44 6.63 7.96 -19.56
CA ILE C 44 6.50 8.04 -18.09
C ILE C 44 5.05 8.36 -17.80
N ALA C 45 4.49 7.77 -16.77
CA ALA C 45 3.07 7.96 -16.43
C ALA C 45 3.00 8.56 -15.03
N SER C 46 4.07 8.46 -14.26
CA SER C 46 4.03 9.12 -12.96
C SER C 46 5.31 8.91 -12.18
N ILE C 47 5.67 9.83 -11.30
CA ILE C 47 6.80 9.66 -10.38
C ILE C 47 6.26 9.93 -9.00
N ASP C 48 6.17 8.90 -8.16
CA ASP C 48 5.32 8.99 -6.98
C ASP C 48 6.05 9.52 -5.75
N MET C 49 7.04 8.78 -5.25
CA MET C 49 7.59 9.03 -3.91
C MET C 49 9.10 9.18 -4.00
N VAL C 50 9.57 10.41 -4.16
CA VAL C 50 11.00 10.71 -4.13
C VAL C 50 11.35 10.92 -2.67
N SER C 51 11.89 9.85 -2.06
CA SER C 51 12.21 9.87 -0.61
C SER C 51 13.71 10.04 -0.38
N GLU C 52 14.09 10.54 0.81
CA GLU C 52 15.50 10.83 1.15
C GLU C 52 15.90 9.89 2.27
N VAL C 53 14.91 9.44 3.03
CA VAL C 53 15.15 8.46 4.12
C VAL C 53 15.53 7.14 3.46
N ASN C 54 14.78 6.75 2.43
CA ASN C 54 15.06 5.49 1.72
C ASN C 54 15.96 5.74 0.51
N MET C 55 16.26 7.00 0.19
CA MET C 55 17.22 7.29 -0.90
C MET C 55 16.76 6.61 -2.18
N ASP C 56 15.57 6.94 -2.66
CA ASP C 56 15.01 6.27 -3.85
C ASP C 56 13.80 7.03 -4.37
N TYR C 57 13.41 6.77 -5.62
CA TYR C 57 12.21 7.36 -6.21
C TYR C 57 11.44 6.26 -6.91
N THR C 58 10.11 6.36 -6.86
CA THR C 58 9.23 5.36 -7.46
C THR C 58 8.70 5.91 -8.77
N LEU C 59 8.86 5.14 -9.84
CA LEU C 59 8.56 5.61 -11.19
C LEU C 59 7.69 4.58 -11.90
N THR C 60 6.54 5.01 -12.39
CA THR C 60 5.64 4.17 -13.17
C THR C 60 5.74 4.57 -14.63
N MET C 61 5.97 3.59 -15.50
CA MET C 61 6.28 3.89 -16.89
C MET C 61 5.61 2.86 -17.80
N TYR C 62 5.47 3.23 -19.06
CA TYR C 62 5.03 2.33 -20.12
C TYR C 62 6.27 1.98 -20.93
N PHE C 63 6.95 0.91 -20.54
CA PHE C 63 8.26 0.57 -21.08
C PHE C 63 8.08 -0.28 -22.34
N GLN C 64 8.32 0.32 -23.49
CA GLN C 64 8.21 -0.37 -24.77
C GLN C 64 9.58 -0.73 -25.32
N GLN C 65 9.65 -1.87 -26.01
CA GLN C 65 10.85 -2.35 -26.68
C GLN C 65 10.49 -2.75 -28.09
N ALA C 66 11.48 -2.74 -28.98
CA ALA C 66 11.23 -3.07 -30.38
C ALA C 66 12.47 -3.70 -30.99
N TRP C 67 12.32 -4.91 -31.51
CA TRP C 67 13.41 -5.56 -32.23
C TRP C 67 12.86 -6.24 -33.47
N ARG C 68 13.69 -7.03 -34.15
CA ARG C 68 13.29 -7.69 -35.37
C ARG C 68 13.68 -9.17 -35.30
N ASP C 69 12.69 -10.04 -35.51
CA ASP C 69 12.91 -11.48 -35.52
C ASP C 69 12.44 -12.02 -36.85
N LYS C 70 13.35 -12.65 -37.60
CA LYS C 70 13.02 -13.17 -38.92
C LYS C 70 12.20 -14.45 -38.84
N ARG C 71 12.15 -15.11 -37.68
CA ARG C 71 11.31 -16.28 -37.50
C ARG C 71 9.84 -15.90 -37.37
N LEU C 72 9.53 -14.64 -37.09
CA LEU C 72 8.17 -14.17 -36.91
C LEU C 72 7.71 -13.29 -38.05
N SER C 73 8.09 -13.65 -39.27
CA SER C 73 7.72 -12.91 -40.48
C SER C 73 6.63 -13.68 -41.21
N TYR C 74 5.49 -13.04 -41.41
CA TYR C 74 4.34 -13.67 -42.05
C TYR C 74 3.93 -12.86 -43.28
N ASN C 75 4.08 -13.47 -44.46
CA ASN C 75 3.65 -12.84 -45.69
C ASN C 75 2.26 -13.29 -46.10
N VAL C 76 1.29 -13.23 -45.17
CA VAL C 76 -0.06 -13.66 -45.47
C VAL C 76 -1.05 -12.54 -45.17
N ILE C 77 -1.09 -12.09 -43.92
CA ILE C 77 -2.11 -11.15 -43.44
C ILE C 77 -1.60 -9.72 -43.61
N PRO C 78 -2.33 -8.86 -44.31
CA PRO C 78 -1.94 -7.44 -44.43
C PRO C 78 -2.42 -6.61 -43.26
N LEU C 79 -2.10 -7.05 -42.04
CA LEU C 79 -2.54 -6.38 -40.83
C LEU C 79 -1.56 -6.69 -39.71
N ASN C 80 -1.26 -5.74 -38.84
CA ASN C 80 -0.34 -6.01 -37.72
C ASN C 80 -1.09 -6.94 -36.77
N LEU C 81 -0.46 -7.95 -36.18
CA LEU C 81 -1.24 -8.90 -35.34
C LEU C 81 -1.02 -8.64 -33.86
N THR C 82 -2.01 -8.10 -33.15
CA THR C 82 -1.87 -7.97 -31.68
C THR C 82 -2.33 -9.28 -31.08
N LEU C 83 -1.49 -9.92 -30.27
CA LEU C 83 -1.81 -11.24 -29.73
C LEU C 83 -1.92 -11.12 -28.21
N ASP C 84 -2.63 -12.05 -27.56
CA ASP C 84 -2.85 -12.03 -26.10
C ASP C 84 -1.49 -11.90 -25.38
N ASN C 85 -1.46 -11.26 -24.20
CA ASN C 85 -0.20 -11.12 -23.44
C ASN C 85 0.43 -12.47 -23.14
N ARG C 86 -0.27 -13.58 -23.33
CA ARG C 86 0.26 -14.86 -22.91
C ARG C 86 1.14 -15.53 -23.95
N VAL C 87 1.29 -14.93 -25.13
CA VAL C 87 2.22 -15.43 -26.14
C VAL C 87 3.60 -14.81 -25.96
N ALA C 88 3.74 -13.87 -25.02
CA ALA C 88 5.04 -13.31 -24.68
C ALA C 88 5.93 -14.36 -24.00
N ASP C 89 5.32 -15.29 -23.28
CA ASP C 89 6.05 -16.39 -22.65
C ASP C 89 6.48 -17.46 -23.64
N GLN C 90 6.01 -17.41 -24.88
CA GLN C 90 6.36 -18.40 -25.89
C GLN C 90 7.32 -17.85 -26.93
N LEU C 91 7.75 -16.60 -26.81
CA LEU C 91 8.63 -15.97 -27.77
C LEU C 91 9.87 -15.46 -27.06
N TRP C 92 10.92 -15.21 -27.84
CA TRP C 92 12.18 -14.68 -27.26
C TRP C 92 12.03 -13.19 -26.97
N VAL C 93 12.27 -12.77 -25.75
CA VAL C 93 12.25 -11.36 -25.40
C VAL C 93 13.60 -11.02 -24.78
N PRO C 94 14.12 -9.81 -24.94
CA PRO C 94 15.40 -9.45 -24.31
C PRO C 94 15.28 -9.35 -22.80
N ASP C 95 16.38 -9.69 -22.12
CA ASP C 95 16.40 -9.75 -20.66
C ASP C 95 16.84 -8.42 -20.07
N THR C 96 16.08 -7.38 -20.41
CA THR C 96 16.39 -6.03 -19.99
C THR C 96 16.10 -5.85 -18.51
N TYR C 97 17.07 -5.35 -17.77
CA TYR C 97 16.93 -5.11 -16.34
C TYR C 97 17.40 -3.70 -16.02
N PHE C 98 17.12 -3.25 -14.80
CA PHE C 98 17.52 -1.94 -14.33
C PHE C 98 18.54 -2.11 -13.21
N LEU C 99 19.69 -1.45 -13.34
CA LEU C 99 20.77 -1.66 -12.39
C LEU C 99 20.45 -1.04 -11.03
N ASN C 100 19.91 0.17 -11.01
CA ASN C 100 19.56 0.83 -9.77
C ASN C 100 18.17 0.48 -9.27
N ASP C 101 17.58 -0.60 -9.78
CA ASP C 101 16.30 -1.08 -9.32
C ASP C 101 16.41 -1.65 -7.91
N LYS C 102 15.38 -1.42 -7.11
CA LYS C 102 15.26 -2.03 -5.80
C LYS C 102 14.04 -2.93 -5.68
N LYS C 103 12.90 -2.47 -6.19
CA LYS C 103 11.66 -3.25 -6.16
C LYS C 103 10.86 -2.87 -7.39
N SER C 104 10.31 -3.86 -8.09
CA SER C 104 9.54 -3.59 -9.30
C SER C 104 8.48 -4.66 -9.48
N PHE C 105 7.43 -4.29 -10.21
CA PHE C 105 6.39 -5.25 -10.58
C PHE C 105 5.71 -4.80 -11.86
N VAL C 106 5.47 -5.75 -12.75
CA VAL C 106 4.51 -5.54 -13.83
C VAL C 106 3.12 -5.70 -13.25
N HIS C 107 2.23 -4.78 -13.58
CA HIS C 107 0.87 -4.80 -13.03
C HIS C 107 0.10 -5.99 -13.60
N GLY C 108 -0.71 -6.62 -12.75
CA GLY C 108 -1.40 -7.83 -13.14
C GLY C 108 -2.90 -7.80 -12.88
N VAL C 109 -3.52 -6.65 -13.09
CA VAL C 109 -4.97 -6.50 -12.96
C VAL C 109 -5.48 -5.81 -14.22
N THR C 110 -6.44 -6.42 -14.90
CA THR C 110 -7.14 -7.67 -14.59
C THR C 110 -6.37 -8.87 -15.11
N VAL C 111 -5.53 -8.64 -16.11
CA VAL C 111 -4.54 -9.59 -16.57
C VAL C 111 -3.18 -8.91 -16.48
N LYS C 112 -2.13 -9.62 -16.91
CA LYS C 112 -0.79 -9.06 -16.87
C LYS C 112 -0.66 -7.95 -17.89
N ASN C 113 -0.23 -6.77 -17.43
CA ASN C 113 -0.21 -5.54 -18.23
C ASN C 113 1.00 -5.58 -19.16
N ARG C 114 0.86 -6.28 -20.27
CA ARG C 114 1.89 -6.27 -21.29
C ARG C 114 1.25 -6.43 -22.66
N MET C 115 1.96 -5.91 -23.66
CA MET C 115 1.49 -5.86 -25.03
C MET C 115 2.55 -6.50 -25.92
N ILE C 116 2.11 -7.32 -26.87
CA ILE C 116 2.99 -7.80 -27.91
C ILE C 116 2.25 -7.72 -29.25
N ARG C 117 2.89 -7.10 -30.24
CA ARG C 117 2.28 -6.84 -31.53
C ARG C 117 3.25 -7.28 -32.63
N LEU C 118 2.81 -8.09 -33.56
CA LEU C 118 3.80 -8.58 -34.54
C LEU C 118 3.55 -7.96 -35.91
N HIS C 119 4.38 -7.01 -36.31
CA HIS C 119 4.25 -6.39 -37.65
C HIS C 119 4.80 -7.38 -38.68
N PRO C 120 4.23 -7.48 -39.89
CA PRO C 120 4.63 -8.49 -40.88
C PRO C 120 6.10 -8.66 -41.31
N ASP C 121 6.93 -7.63 -41.17
CA ASP C 121 8.34 -7.70 -41.60
C ASP C 121 9.08 -8.57 -40.59
N GLY C 122 8.61 -8.59 -39.35
CA GLY C 122 9.27 -9.36 -38.28
C GLY C 122 9.39 -8.51 -37.04
N THR C 123 9.01 -7.25 -37.13
CA THR C 123 9.21 -6.35 -35.99
C THR C 123 8.42 -6.91 -34.82
N VAL C 124 8.82 -6.62 -33.61
CA VAL C 124 8.00 -7.04 -32.46
C VAL C 124 7.90 -5.84 -31.53
N LEU C 125 6.71 -5.34 -31.32
CA LEU C 125 6.51 -4.24 -30.38
C LEU C 125 6.10 -4.83 -29.04
N TYR C 126 7.02 -4.83 -28.09
CA TYR C 126 6.79 -5.43 -26.79
C TYR C 126 6.79 -4.34 -25.72
N GLY C 127 5.67 -4.16 -25.05
CA GLY C 127 5.50 -3.11 -24.09
C GLY C 127 5.09 -3.66 -22.74
N LEU C 128 5.43 -2.93 -21.68
CA LEU C 128 5.14 -3.35 -20.32
C LEU C 128 4.81 -2.10 -19.49
N ARG C 129 4.02 -2.30 -18.45
CA ARG C 129 3.68 -1.22 -17.52
C ARG C 129 4.30 -1.56 -16.18
N ILE C 130 5.40 -0.90 -15.84
CA ILE C 130 6.26 -1.29 -14.73
C ILE C 130 6.31 -0.15 -13.72
N THR C 131 6.21 -0.48 -12.45
CA THR C 131 6.39 0.48 -11.36
C THR C 131 7.71 0.15 -10.67
N THR C 132 8.76 0.87 -11.03
CA THR C 132 10.09 0.65 -10.45
C THR C 132 10.35 1.61 -9.31
N THR C 133 10.88 1.08 -8.20
CA THR C 133 11.44 1.90 -7.14
C THR C 133 12.95 1.90 -7.36
N ALA C 134 13.43 2.95 -8.01
CA ALA C 134 14.84 3.02 -8.40
C ALA C 134 15.64 3.81 -7.37
N ALA C 135 16.84 3.31 -7.06
CA ALA C 135 17.73 3.95 -6.11
C ALA C 135 18.33 5.20 -6.72
N CYS C 136 18.29 6.30 -5.97
CA CYS C 136 18.85 7.59 -6.41
C CYS C 136 19.57 8.19 -5.21
N MET C 137 20.90 8.25 -5.28
CA MET C 137 21.68 8.82 -4.19
C MET C 137 21.59 10.34 -4.23
N MET C 138 21.28 10.92 -3.07
CA MET C 138 20.99 12.35 -2.96
C MET C 138 22.04 13.05 -2.12
N ASP C 139 22.56 14.15 -2.63
CA ASP C 139 23.47 15.03 -1.88
C ASP C 139 22.61 16.06 -1.17
N LEU C 140 22.46 15.91 0.14
CA LEU C 140 21.61 16.77 0.95
C LEU C 140 22.40 17.85 1.65
N ARG C 141 23.51 18.30 1.06
CA ARG C 141 24.28 19.38 1.66
C ARG C 141 23.58 20.72 1.51
N ARG C 142 22.95 20.96 0.37
CA ARG C 142 22.16 22.17 0.14
C ARG C 142 20.67 21.95 0.38
N TYR C 143 20.31 21.03 1.26
CA TYR C 143 18.91 20.78 1.57
C TYR C 143 18.34 21.95 2.37
N PRO C 144 17.13 22.42 2.05
CA PRO C 144 16.21 21.98 0.99
C PRO C 144 16.25 22.86 -0.26
N LEU C 145 17.30 23.65 -0.42
CA LEU C 145 17.45 24.40 -1.67
C LEU C 145 18.35 23.58 -2.59
N ASP C 146 17.92 22.36 -2.97
CA ASP C 146 18.80 21.45 -3.73
C ASP C 146 18.23 20.93 -5.03
N GLU C 147 19.08 20.38 -5.89
CA GLU C 147 18.65 19.76 -7.16
C GLU C 147 19.28 18.39 -7.26
N GLN C 148 18.49 17.35 -7.05
CA GLN C 148 19.03 15.98 -7.08
C GLN C 148 18.85 15.44 -8.50
N ASN C 149 19.84 14.74 -9.03
CA ASN C 149 19.81 14.21 -10.41
C ASN C 149 19.54 12.70 -10.37
N CYS C 150 18.30 12.29 -10.60
CA CYS C 150 17.91 10.86 -10.45
C CYS C 150 17.93 10.17 -11.80
N THR C 151 18.46 8.95 -11.83
CA THR C 151 18.63 8.28 -13.13
C THR C 151 18.00 6.89 -13.14
N LEU C 152 17.85 6.30 -14.31
CA LEU C 152 17.32 4.97 -14.53
C LEU C 152 18.26 4.24 -15.48
N GLU C 153 18.89 3.17 -14.99
CA GLU C 153 20.01 2.52 -15.68
C GLU C 153 19.51 1.26 -16.38
N ILE C 154 19.04 1.43 -17.62
CA ILE C 154 18.52 0.32 -18.41
C ILE C 154 19.69 -0.47 -18.97
N GLU C 155 19.69 -1.78 -18.75
CA GLU C 155 20.79 -2.62 -19.19
C GLU C 155 20.30 -4.01 -19.53
N SER C 156 21.05 -4.70 -20.38
CA SER C 156 20.88 -6.13 -20.58
C SER C 156 21.73 -6.88 -19.59
N TYR C 157 21.31 -8.09 -19.21
CA TYR C 157 22.02 -8.85 -18.21
C TYR C 157 22.97 -9.87 -18.83
N GLY C 158 22.47 -10.76 -19.67
CA GLY C 158 23.29 -11.86 -20.12
C GLY C 158 23.97 -11.67 -21.46
N TYR C 159 23.36 -10.84 -22.29
CA TYR C 159 23.84 -10.68 -23.67
C TYR C 159 24.75 -9.47 -23.75
N THR C 160 25.91 -9.62 -24.37
CA THR C 160 26.91 -8.56 -24.45
C THR C 160 26.63 -7.69 -25.68
N THR C 161 27.55 -6.78 -25.98
CA THR C 161 27.44 -5.94 -27.16
C THR C 161 27.66 -6.71 -28.45
N ASP C 162 28.22 -7.91 -28.38
CA ASP C 162 28.33 -8.81 -29.52
C ASP C 162 27.03 -9.55 -29.80
N ASP C 163 26.03 -9.38 -28.93
CA ASP C 163 24.72 -10.07 -29.09
C ASP C 163 23.58 -9.03 -29.05
N ILE C 164 23.52 -8.19 -28.02
CA ILE C 164 22.35 -7.26 -27.90
C ILE C 164 22.80 -5.81 -28.11
N GLU C 165 21.97 -5.00 -28.78
CA GLU C 165 22.28 -3.56 -28.99
C GLU C 165 21.12 -2.73 -28.45
N PHE C 166 21.40 -1.78 -27.56
CA PHE C 166 20.33 -0.95 -26.95
C PHE C 166 20.42 0.49 -27.48
N TYR C 167 19.28 1.06 -27.90
CA TYR C 167 19.27 2.47 -28.39
C TYR C 167 17.88 3.07 -28.16
N TRP C 168 17.78 4.41 -28.19
CA TRP C 168 16.51 5.06 -28.02
C TRP C 168 15.80 5.19 -29.36
N ARG C 169 14.49 4.97 -29.34
CA ARG C 169 13.69 5.01 -30.59
C ARG C 169 13.13 6.41 -30.78
N GLY C 170 13.59 7.12 -31.81
CA GLY C 170 13.11 8.49 -32.04
C GLY C 170 13.87 9.47 -31.16
N ASP C 171 15.10 9.12 -30.78
CA ASP C 171 15.94 10.05 -30.00
C ASP C 171 15.16 10.63 -28.84
N ASP C 172 15.43 11.89 -28.47
CA ASP C 172 14.81 12.48 -27.25
C ASP C 172 13.28 12.50 -27.37
N ASN C 173 12.74 12.11 -28.53
CA ASN C 173 11.27 11.97 -28.63
C ASN C 173 10.87 10.57 -28.17
N ALA C 174 11.79 9.83 -27.55
CA ALA C 174 11.53 8.44 -27.11
C ALA C 174 10.93 8.47 -25.73
N VAL C 175 11.45 9.30 -24.84
CA VAL C 175 10.79 9.41 -23.52
C VAL C 175 9.76 10.53 -23.60
N THR C 176 8.52 10.24 -23.21
CA THR C 176 7.44 11.24 -23.30
C THR C 176 6.78 11.40 -21.95
N GLY C 177 5.84 12.31 -21.81
CA GLY C 177 5.07 12.42 -20.56
C GLY C 177 5.86 12.82 -19.34
N VAL C 178 7.12 13.22 -19.52
CA VAL C 178 7.99 13.62 -18.37
C VAL C 178 7.54 14.99 -17.83
N THR C 179 7.36 15.97 -18.71
CA THR C 179 6.99 17.34 -18.28
C THR C 179 5.64 17.32 -17.57
N LYS C 180 4.68 16.52 -18.04
CA LYS C 180 3.32 16.53 -17.45
C LYS C 180 3.38 16.07 -15.99
N ILE C 181 4.39 15.29 -15.63
CA ILE C 181 4.54 14.81 -14.22
C ILE C 181 4.75 16.03 -13.30
N GLU C 182 3.91 16.17 -12.27
CA GLU C 182 4.01 17.32 -11.34
C GLU C 182 4.12 16.80 -9.91
N LEU C 183 5.35 16.65 -9.40
CA LEU C 183 5.55 16.15 -8.02
C LEU C 183 5.24 17.29 -7.05
N PRO C 184 4.76 16.98 -5.84
CA PRO C 184 4.36 17.94 -4.81
C PRO C 184 5.53 18.72 -4.22
N GLN C 185 6.66 18.06 -3.97
CA GLN C 185 7.80 18.72 -3.34
C GLN C 185 8.95 18.97 -4.30
N PHE C 186 8.77 18.77 -5.59
CA PHE C 186 9.89 18.92 -6.56
C PHE C 186 9.39 19.46 -7.90
N SER C 187 10.29 19.88 -8.75
CA SER C 187 9.87 20.32 -10.10
C SER C 187 10.84 19.72 -11.11
N ILE C 188 10.33 19.13 -12.19
CA ILE C 188 11.24 18.45 -13.14
C ILE C 188 11.87 19.51 -14.03
N VAL C 189 13.18 19.77 -13.87
CA VAL C 189 13.87 20.87 -14.61
C VAL C 189 14.32 20.41 -15.99
N ASP C 190 14.90 19.21 -16.15
CA ASP C 190 15.41 18.68 -17.41
C ASP C 190 15.47 17.17 -17.32
N TYR C 191 15.36 16.53 -18.49
CA TYR C 191 15.61 15.10 -18.61
C TYR C 191 16.48 14.86 -19.84
N LYS C 192 17.42 13.94 -19.71
CA LYS C 192 18.40 13.67 -20.75
C LYS C 192 18.49 12.18 -20.98
N LEU C 193 18.86 11.78 -22.19
CA LEU C 193 18.94 10.38 -22.59
C LEU C 193 20.35 10.06 -23.05
N ILE C 194 20.98 9.08 -22.40
CA ILE C 194 22.39 8.77 -22.58
C ILE C 194 22.51 7.33 -23.06
N THR C 195 23.26 7.12 -24.13
CA THR C 195 23.63 5.77 -24.57
C THR C 195 25.12 5.56 -24.35
N LYS C 196 25.47 4.51 -23.63
CA LYS C 196 26.86 4.22 -23.30
C LYS C 196 27.04 2.72 -23.15
N LYS C 197 28.29 2.30 -23.03
CA LYS C 197 28.63 0.90 -22.81
C LYS C 197 29.42 0.79 -21.52
N VAL C 198 28.93 -0.01 -20.59
CA VAL C 198 29.66 -0.32 -19.37
C VAL C 198 30.36 -1.64 -19.55
N VAL C 199 31.54 -1.77 -18.94
CA VAL C 199 32.37 -2.96 -19.06
C VAL C 199 32.42 -3.63 -17.70
N PHE C 200 32.07 -4.90 -17.66
CA PHE C 200 32.13 -5.69 -16.45
C PHE C 200 33.20 -6.77 -16.61
N SER C 201 33.28 -7.66 -15.63
CA SER C 201 34.29 -8.72 -15.68
C SER C 201 33.96 -9.74 -16.76
N THR C 202 32.67 -9.93 -17.08
CA THR C 202 32.24 -10.96 -17.99
C THR C 202 31.87 -10.42 -19.38
N GLY C 203 32.22 -9.19 -19.68
CA GLY C 203 32.00 -8.66 -21.01
C GLY C 203 31.59 -7.20 -20.94
N SER C 204 31.35 -6.64 -22.12
CA SER C 204 30.89 -5.27 -22.28
C SER C 204 29.42 -5.28 -22.64
N TYR C 205 28.62 -4.50 -21.93
CA TYR C 205 27.18 -4.57 -22.09
C TYR C 205 26.63 -3.22 -22.51
N PRO C 206 25.61 -3.19 -23.36
CA PRO C 206 25.00 -1.90 -23.72
C PRO C 206 24.15 -1.37 -22.56
N ARG C 207 24.10 -0.05 -22.46
CA ARG C 207 23.33 0.56 -21.40
C ARG C 207 22.72 1.87 -21.87
N LEU C 208 21.40 1.99 -21.71
CA LEU C 208 20.70 3.25 -21.92
C LEU C 208 20.48 3.89 -20.56
N SER C 209 20.87 5.14 -20.42
CA SER C 209 20.70 5.87 -19.17
C SER C 209 19.64 6.93 -19.36
N LEU C 210 18.59 6.87 -18.56
CA LEU C 210 17.53 7.86 -18.52
C LEU C 210 17.59 8.60 -17.19
N SER C 211 17.69 9.92 -17.26
CA SER C 211 18.01 10.73 -16.09
C SER C 211 17.04 11.90 -15.99
N PHE C 212 16.89 12.40 -14.77
CA PHE C 212 15.99 13.50 -14.47
C PHE C 212 16.70 14.54 -13.62
N LYS C 213 16.29 15.79 -13.71
CA LYS C 213 16.85 16.81 -12.81
C LYS C 213 15.67 17.34 -12.01
N LEU C 214 15.69 17.16 -10.70
CA LEU C 214 14.52 17.52 -9.88
C LEU C 214 14.88 18.64 -8.91
N LYS C 215 14.42 19.85 -9.18
CA LYS C 215 14.66 20.97 -8.25
C LYS C 215 13.62 20.91 -7.15
N ARG C 216 14.01 21.27 -5.92
CA ARG C 216 13.10 21.22 -4.78
C ARG C 216 12.50 22.59 -4.53
N ASN C 217 11.19 22.61 -4.33
CA ASN C 217 10.51 23.88 -4.00
C ASN C 217 10.94 24.28 -2.58
N ILE C 218 10.42 25.39 -2.06
CA ILE C 218 10.86 25.92 -0.77
C ILE C 218 9.64 26.38 0.04
N GLY C 219 8.48 26.38 -0.59
CA GLY C 219 7.26 26.86 0.11
C GLY C 219 7.01 26.13 1.41
N TYR C 220 6.92 24.80 1.39
CA TYR C 220 6.60 24.01 2.59
C TYR C 220 7.60 24.34 3.69
N PHE C 221 8.86 24.54 3.34
CA PHE C 221 9.90 24.75 4.39
C PHE C 221 9.79 26.18 4.93
N ILE C 222 9.58 27.15 4.04
CA ILE C 222 9.35 28.51 4.57
C ILE C 222 8.14 28.40 5.48
N LEU C 223 7.17 27.57 5.09
CA LEU C 223 5.97 27.59 5.93
C LEU C 223 6.13 26.78 7.20
N GLN C 224 7.04 25.79 7.21
CA GLN C 224 7.19 24.92 8.37
C GLN C 224 8.47 25.19 9.17
N THR C 225 9.62 25.25 8.51
CA THR C 225 10.90 25.25 9.20
C THR C 225 11.54 26.63 9.27
N TYR C 226 11.46 27.41 8.19
CA TYR C 226 12.21 28.65 8.13
C TYR C 226 11.52 29.76 8.91
N MET C 227 10.24 30.02 8.63
CA MET C 227 9.54 31.15 9.25
C MET C 227 9.23 30.97 10.74
N PRO C 228 8.84 29.79 11.26
CA PRO C 228 8.80 29.65 12.72
C PRO C 228 10.15 29.82 13.41
N SER C 229 11.24 29.42 12.78
CA SER C 229 12.52 29.62 13.49
C SER C 229 12.83 31.11 13.51
N ILE C 230 12.52 31.80 12.41
CA ILE C 230 12.83 33.25 12.33
C ILE C 230 12.08 33.98 13.45
N LEU C 231 10.83 33.63 13.70
CA LEU C 231 9.99 34.34 14.70
C LEU C 231 10.30 33.88 16.13
N ILE C 232 10.89 32.70 16.30
CA ILE C 232 11.33 32.28 17.65
C ILE C 232 12.58 33.11 17.94
N THR C 233 13.30 33.58 16.94
CA THR C 233 14.44 34.49 17.23
C THR C 233 13.92 35.86 17.67
N ILE C 234 12.75 36.30 17.17
CA ILE C 234 12.24 37.68 17.46
C ILE C 234 11.71 37.76 18.90
N LEU C 235 11.10 36.68 19.37
CA LEU C 235 10.68 36.68 20.78
C LEU C 235 11.97 36.82 21.59
N SER C 236 13.06 36.18 21.14
CA SER C 236 14.36 36.36 21.83
C SER C 236 14.65 37.85 21.85
N TRP C 237 14.60 38.50 20.68
CA TRP C 237 14.87 39.96 20.60
C TRP C 237 14.04 40.75 21.60
N VAL C 238 12.84 40.25 21.96
CA VAL C 238 11.93 41.00 22.88
C VAL C 238 12.59 41.15 24.25
N SER C 239 13.48 40.23 24.62
CA SER C 239 14.09 40.26 25.98
C SER C 239 14.67 41.65 26.28
N PHE C 240 15.24 42.33 25.27
CA PHE C 240 15.90 43.64 25.51
C PHE C 240 14.84 44.72 25.80
N TRP C 241 13.55 44.39 25.63
CA TRP C 241 12.46 45.37 25.85
C TRP C 241 11.90 45.23 27.27
N ILE C 242 12.54 44.41 28.12
CA ILE C 242 12.08 44.24 29.53
C ILE C 242 13.21 44.67 30.47
N ASN C 243 12.90 45.48 31.49
CA ASN C 243 13.92 45.92 32.48
C ASN C 243 14.60 44.68 33.05
N TYR C 244 15.94 44.70 33.17
CA TYR C 244 16.67 43.49 33.62
C TYR C 244 16.19 43.06 35.01
N ASP C 245 15.64 44.00 35.79
CA ASP C 245 15.16 43.68 37.16
C ASP C 245 14.18 42.51 37.11
N ALA C 246 13.37 42.44 36.05
CA ALA C 246 12.41 41.32 35.89
C ALA C 246 13.17 40.09 35.37
N SER C 247 14.01 39.49 36.23
CA SER C 247 14.83 38.33 35.81
C SER C 247 13.93 37.19 35.33
N ALA C 248 12.92 36.82 36.12
CA ALA C 248 12.05 35.68 35.76
C ALA C 248 11.48 35.89 34.36
N ALA C 249 10.97 37.09 34.07
CA ALA C 249 10.39 37.38 32.74
C ALA C 249 11.47 37.24 31.66
N ARG C 250 12.65 37.84 31.87
CA ARG C 250 13.71 37.81 30.83
C ARG C 250 14.28 36.39 30.69
N VAL C 251 14.66 35.77 31.81
CA VAL C 251 15.21 34.40 31.76
C VAL C 251 14.16 33.47 31.16
N ALA C 252 12.87 33.69 31.48
CA ALA C 252 11.79 32.88 30.87
C ALA C 252 11.95 32.96 29.35
N LEU C 253 11.84 34.16 28.77
CA LEU C 253 12.01 34.32 27.30
C LEU C 253 13.25 33.54 26.86
N GLY C 254 14.41 33.86 27.44
CA GLY C 254 15.66 33.22 27.00
C GLY C 254 15.55 31.72 26.90
N ILE C 255 15.19 31.04 27.99
CA ILE C 255 15.14 29.55 28.01
C ILE C 255 14.08 29.06 27.02
N THR C 256 12.88 29.64 27.06
CA THR C 256 11.78 29.18 26.17
C THR C 256 12.30 29.11 24.73
N THR C 257 12.85 30.21 24.21
CA THR C 257 13.26 30.18 22.82
C THR C 257 14.53 29.35 22.60
N VAL C 258 15.40 29.23 23.61
CA VAL C 258 16.58 28.35 23.48
C VAL C 258 16.07 26.91 23.32
N LEU C 259 15.27 26.46 24.29
CA LEU C 259 14.74 25.06 24.25
C LEU C 259 13.84 24.89 23.01
N THR C 260 13.02 25.89 22.69
CA THR C 260 12.16 25.82 21.49
C THR C 260 13.04 25.68 20.24
N MET C 261 14.11 26.47 20.14
CA MET C 261 15.05 26.35 19.00
C MET C 261 15.60 24.93 18.94
N THR C 262 16.08 24.41 20.08
CA THR C 262 16.69 23.05 20.08
C THR C 262 15.66 22.04 19.59
N THR C 263 14.40 22.19 20.02
CA THR C 263 13.32 21.26 19.59
C THR C 263 13.13 21.35 18.08
N ILE C 264 12.93 22.57 17.56
CA ILE C 264 12.75 22.78 16.09
C ILE C 264 13.89 22.05 15.37
N ASN C 265 15.11 22.12 15.92
CA ASN C 265 16.24 21.50 15.27
C ASN C 265 16.17 19.98 15.35
N THR C 266 15.85 19.44 16.54
CA THR C 266 15.73 17.99 16.70
C THR C 266 14.44 17.43 16.13
N HIS C 267 13.49 18.29 15.76
CA HIS C 267 12.21 17.84 15.21
C HIS C 267 12.38 17.31 13.78
N LEU C 268 13.16 18.02 12.97
CA LEU C 268 13.28 17.71 11.55
C LEU C 268 14.49 16.84 11.25
N ARG C 269 14.96 16.10 12.24
CA ARG C 269 16.16 15.30 12.05
C ARG C 269 15.90 13.80 12.08
N GLU C 270 14.93 13.35 12.87
CA GLU C 270 14.60 11.92 12.85
C GLU C 270 13.80 11.53 11.61
N THR C 271 13.23 12.52 10.93
CA THR C 271 12.51 12.26 9.66
C THR C 271 13.55 12.07 8.55
N LEU C 272 14.51 12.99 8.45
CA LEU C 272 15.58 12.90 7.42
C LEU C 272 16.54 11.76 7.78
N PRO C 273 17.34 11.23 6.83
CA PRO C 273 18.31 10.18 7.12
C PRO C 273 19.50 10.68 7.96
N LYS C 274 20.26 9.76 8.56
CA LYS C 274 21.42 10.14 9.41
C LYS C 274 22.64 10.41 8.52
N ILE C 275 22.64 11.53 7.81
CA ILE C 275 23.80 11.90 6.92
C ILE C 275 24.92 12.45 7.80
N PRO C 276 26.21 12.23 7.46
CA PRO C 276 27.33 12.67 8.30
C PRO C 276 27.62 14.17 8.17
N TYR C 277 27.26 14.78 7.03
CA TYR C 277 27.55 16.18 6.81
C TYR C 277 26.43 17.03 7.42
N VAL C 278 26.51 18.33 7.21
CA VAL C 278 25.56 19.27 7.79
C VAL C 278 24.83 19.98 6.65
N LYS C 279 23.51 20.08 6.77
CA LYS C 279 22.64 20.56 5.71
C LYS C 279 22.51 22.07 5.75
N ALA C 280 22.06 22.64 4.63
CA ALA C 280 21.88 24.08 4.50
C ALA C 280 20.77 24.59 5.42
N ILE C 281 19.77 23.76 5.69
CA ILE C 281 18.74 24.11 6.66
C ILE C 281 19.34 24.13 8.07
N ASP C 282 20.40 23.34 8.30
CA ASP C 282 20.93 23.24 9.65
C ASP C 282 21.85 24.41 9.97
N MET C 283 22.54 24.97 8.97
CA MET C 283 23.30 26.22 9.21
C MET C 283 22.37 27.37 9.54
N TYR C 284 21.16 27.38 9.00
CA TYR C 284 20.19 28.38 9.44
C TYR C 284 19.69 28.08 10.84
N LEU C 285 19.52 26.79 11.18
CA LEU C 285 19.05 26.44 12.52
C LEU C 285 20.18 26.51 13.54
N MET C 286 21.42 26.43 13.11
CA MET C 286 22.52 26.77 14.01
C MET C 286 22.77 28.27 14.04
N GLY C 287 22.55 28.96 12.92
CA GLY C 287 22.75 30.40 12.88
C GLY C 287 21.74 31.14 13.73
N CYS C 288 20.48 30.68 13.71
CA CYS C 288 19.49 31.25 14.61
C CYS C 288 19.70 30.80 16.04
N PHE C 289 20.35 29.65 16.26
CA PHE C 289 20.58 29.18 17.63
C PHE C 289 21.63 30.03 18.33
N VAL C 290 22.64 30.50 17.59
CA VAL C 290 23.67 31.35 18.19
C VAL C 290 23.09 32.71 18.57
N PHE C 291 22.25 33.29 17.69
CA PHE C 291 21.63 34.57 17.99
C PHE C 291 20.62 34.45 19.13
N VAL C 292 19.97 33.29 19.26
CA VAL C 292 19.14 33.02 20.43
C VAL C 292 19.99 32.84 21.68
N PHE C 293 21.09 32.08 21.57
CA PHE C 293 21.95 31.83 22.73
C PHE C 293 22.67 33.10 23.19
N MET C 294 23.13 33.93 22.24
CA MET C 294 23.79 35.17 22.61
C MET C 294 22.81 36.22 23.15
N ALA C 295 21.51 36.08 22.85
CA ALA C 295 20.52 36.98 23.42
C ALA C 295 20.33 36.71 24.90
N LEU C 296 20.39 35.44 25.31
CA LEU C 296 20.28 35.13 26.74
C LEU C 296 21.57 35.45 27.46
N LEU C 297 22.72 35.25 26.80
CA LEU C 297 24.00 35.68 27.37
C LEU C 297 24.13 37.19 27.39
N GLU C 298 23.36 37.91 26.57
CA GLU C 298 23.31 39.36 26.67
C GLU C 298 22.70 39.79 28.00
N TYR C 299 21.70 39.05 28.48
CA TYR C 299 21.17 39.31 29.82
C TYR C 299 22.15 38.88 30.90
N ALA C 300 22.94 37.83 30.65
CA ALA C 300 23.88 37.34 31.65
C ALA C 300 25.01 38.34 31.89
N LEU C 301 25.35 39.15 30.89
CA LEU C 301 26.36 40.17 31.09
C LEU C 301 25.81 41.34 31.90
N VAL C 302 24.57 41.77 31.61
CA VAL C 302 24.03 42.94 32.29
C VAL C 302 23.58 42.58 33.71
N ASN C 303 23.24 41.32 33.96
CA ASN C 303 22.92 40.89 35.31
C ASN C 303 24.18 40.62 36.13
N TYR C 304 25.34 40.55 35.48
CA TYR C 304 26.61 40.48 36.18
C TYR C 304 27.21 41.85 36.45
N ILE C 305 27.03 42.79 35.53
CA ILE C 305 27.60 44.13 35.69
C ILE C 305 26.91 44.88 36.83
N PHE C 306 25.57 44.86 36.84
CA PHE C 306 24.84 45.60 37.85
C PHE C 306 24.85 44.87 39.20
N PHE C 307 24.27 43.68 39.24
CA PHE C 307 24.19 42.91 40.48
C PHE C 307 25.47 42.14 40.74
N VAL C 460 24.27 48.91 31.58
CA VAL C 460 22.80 48.77 31.75
C VAL C 460 22.10 49.08 30.42
N ASN C 461 21.27 50.12 30.39
CA ASN C 461 20.54 50.49 29.15
C ASN C 461 21.55 50.85 28.05
N ALA C 462 22.74 51.33 28.43
CA ALA C 462 23.77 51.70 27.44
C ALA C 462 24.07 50.51 26.53
N ILE C 463 24.28 49.33 27.12
CA ILE C 463 24.55 48.10 26.30
C ILE C 463 23.22 47.47 25.91
N ASP C 464 22.18 47.65 26.74
CA ASP C 464 20.83 47.12 26.41
C ASP C 464 20.37 47.75 25.09
N ARG C 465 20.32 49.08 25.03
CA ARG C 465 19.96 49.75 23.75
C ARG C 465 21.01 49.41 22.69
N TRP C 466 22.28 49.32 23.09
CA TRP C 466 23.22 48.90 22.01
C TRP C 466 22.71 47.60 21.34
N SER C 467 22.25 46.64 22.15
CA SER C 467 21.80 45.34 21.63
C SER C 467 20.47 45.48 20.89
N ARG C 468 19.51 46.24 21.42
CA ARG C 468 18.24 46.32 20.64
C ARG C 468 18.58 46.93 19.28
N ILE C 469 19.72 47.62 19.15
CA ILE C 469 20.07 48.12 17.78
C ILE C 469 20.82 47.05 16.97
N PHE C 470 21.88 46.43 17.49
CA PHE C 470 22.70 45.48 16.66
C PHE C 470 22.01 44.13 16.38
N PHE C 471 21.36 43.52 17.36
CA PHE C 471 20.82 42.16 17.21
C PHE C 471 19.84 41.98 16.05
N PRO C 472 18.88 42.89 15.78
CA PRO C 472 18.11 42.74 14.53
C PRO C 472 18.90 43.04 13.26
N VAL C 473 20.04 43.73 13.35
CA VAL C 473 20.82 44.02 12.16
C VAL C 473 21.75 42.86 11.82
N VAL C 474 22.47 42.37 12.83
CA VAL C 474 23.43 41.25 12.60
C VAL C 474 22.67 40.05 12.03
N PHE C 475 21.46 39.79 12.52
CA PHE C 475 20.64 38.68 11.98
C PHE C 475 20.29 39.00 10.52
N SER C 476 19.92 40.25 10.24
CA SER C 476 19.61 40.66 8.85
C SER C 476 20.86 40.47 7.98
N PHE C 477 22.02 40.93 8.46
CA PHE C 477 23.26 40.74 7.70
C PHE C 477 23.60 39.26 7.57
N PHE C 478 23.33 38.48 8.61
CA PHE C 478 23.53 37.01 8.48
C PHE C 478 22.57 36.52 7.42
N ASN C 479 21.30 36.89 7.61
CA ASN C 479 20.29 36.41 6.65
C ASN C 479 20.80 36.75 5.26
N ILE C 480 21.31 37.96 5.05
CA ILE C 480 21.72 38.39 3.68
C ILE C 480 22.61 37.31 3.04
N VAL C 481 23.78 37.06 3.62
CA VAL C 481 24.75 36.12 2.98
C VAL C 481 24.16 34.71 2.93
N TYR C 482 23.50 34.24 3.99
CA TYR C 482 22.95 32.87 3.84
C TYR C 482 22.12 32.85 2.57
N TRP C 483 21.12 33.72 2.48
CA TRP C 483 20.21 33.62 1.33
C TRP C 483 21.00 33.72 0.02
N LEU C 484 21.86 34.73 -0.10
CA LEU C 484 22.69 34.87 -1.32
C LEU C 484 23.33 33.52 -1.69
N TYR C 485 24.18 32.97 -0.84
CA TYR C 485 24.88 31.70 -1.13
C TYR C 485 23.91 30.60 -1.52
N TYR C 486 22.92 30.33 -0.68
CA TYR C 486 22.08 29.13 -0.94
C TYR C 486 21.14 29.30 -2.14
N VAL C 487 20.95 30.52 -2.66
CA VAL C 487 20.10 30.60 -3.88
C VAL C 487 21.00 30.78 -5.11
N ASN D 10 18.70 -21.40 -40.54
CA ASN D 10 20.14 -21.34 -40.16
C ASN D 10 20.27 -21.35 -38.63
N ILE D 11 19.27 -20.80 -37.94
CA ILE D 11 19.29 -20.90 -36.46
C ILE D 11 19.23 -22.39 -36.14
N THR D 12 18.47 -23.19 -36.90
CA THR D 12 18.25 -24.63 -36.58
C THR D 12 19.48 -25.36 -36.04
N ILE D 13 20.68 -25.06 -36.52
CA ILE D 13 21.89 -25.84 -36.11
C ILE D 13 22.06 -25.84 -34.59
N PHE D 14 22.05 -24.65 -33.96
CA PHE D 14 22.35 -24.53 -32.51
C PHE D 14 21.16 -25.04 -31.71
N THR D 15 20.06 -25.34 -32.39
CA THR D 15 18.87 -25.93 -31.72
C THR D 15 19.18 -27.42 -31.56
N ARG D 16 19.79 -28.02 -32.57
CA ARG D 16 20.02 -29.44 -32.41
C ARG D 16 21.18 -29.74 -31.47
N ILE D 17 22.16 -28.83 -31.38
CA ILE D 17 23.20 -29.00 -30.38
C ILE D 17 22.65 -28.80 -28.97
N LEU D 18 21.77 -27.81 -28.79
CA LEU D 18 21.15 -27.59 -27.48
C LEU D 18 20.18 -28.71 -27.12
N ASP D 19 19.52 -29.31 -28.11
CA ASP D 19 18.68 -30.46 -27.83
C ASP D 19 19.52 -31.69 -27.53
N ARG D 20 20.73 -31.77 -28.11
CA ARG D 20 21.61 -32.91 -27.84
C ARG D 20 22.23 -32.80 -26.45
N LEU D 21 22.42 -31.58 -25.96
CA LEU D 21 23.13 -31.42 -24.68
C LEU D 21 22.15 -31.65 -23.52
N LEU D 22 20.85 -31.55 -23.76
CA LEU D 22 19.85 -31.78 -22.73
C LEU D 22 19.15 -33.12 -22.89
N ASP D 23 19.61 -33.96 -23.80
CA ASP D 23 19.03 -35.28 -24.04
C ASP D 23 19.82 -36.30 -23.22
N GLY D 24 19.41 -36.46 -21.97
CA GLY D 24 20.08 -37.38 -21.08
C GLY D 24 20.62 -36.68 -19.84
N TYR D 25 20.31 -35.39 -19.68
CA TYR D 25 20.84 -34.63 -18.53
C TYR D 25 19.93 -34.93 -17.35
N ASP D 26 20.49 -35.15 -16.15
CA ASP D 26 19.68 -35.40 -14.92
C ASP D 26 20.00 -34.30 -13.91
N ASN D 27 19.23 -33.21 -13.94
CA ASN D 27 19.50 -32.07 -13.03
C ASN D 27 19.66 -32.59 -11.59
N ARG D 28 19.00 -33.71 -11.27
CA ARG D 28 19.07 -34.28 -9.90
C ARG D 28 20.51 -34.68 -9.58
N LEU D 29 21.20 -35.30 -10.55
CA LEU D 29 22.60 -35.76 -10.34
C LEU D 29 23.55 -34.57 -10.46
N ARG D 30 24.74 -34.68 -9.85
CA ARG D 30 25.73 -33.58 -9.89
C ARG D 30 26.92 -33.97 -10.76
N PRO D 31 27.61 -33.01 -11.43
CA PRO D 31 28.76 -33.33 -12.24
C PRO D 31 29.74 -34.28 -11.52
N GLY D 32 29.92 -35.52 -11.99
CA GLY D 32 30.90 -36.38 -11.36
C GLY D 32 30.43 -36.85 -10.02
N LEU D 33 29.29 -37.54 -9.99
CA LEU D 33 28.65 -37.91 -8.73
C LEU D 33 29.44 -38.97 -7.98
N GLY D 34 29.84 -40.03 -8.69
CA GLY D 34 30.58 -41.11 -8.06
C GLY D 34 32.05 -41.12 -8.44
N ASP D 35 32.54 -40.01 -8.99
CA ASP D 35 33.89 -39.96 -9.53
C ASP D 35 34.82 -39.08 -8.72
N SER D 36 34.46 -37.82 -8.50
CA SER D 36 35.37 -36.87 -7.87
C SER D 36 34.57 -35.73 -7.26
N ILE D 37 35.28 -34.65 -6.92
CA ILE D 37 34.65 -33.47 -6.35
C ILE D 37 34.08 -32.60 -7.46
N THR D 38 33.22 -31.65 -7.07
CA THR D 38 32.68 -30.65 -7.98
C THR D 38 33.09 -29.28 -7.45
N GLU D 39 34.07 -28.62 -8.08
CA GLU D 39 34.57 -27.34 -7.54
C GLU D 39 33.79 -26.17 -8.12
N VAL D 40 33.25 -25.31 -7.27
CA VAL D 40 32.38 -24.22 -7.78
C VAL D 40 33.12 -22.91 -7.55
N PHE D 41 33.82 -22.42 -8.57
CA PHE D 41 34.57 -21.15 -8.49
C PHE D 41 33.54 -20.01 -8.36
N THR D 42 33.70 -19.15 -7.39
CA THR D 42 32.73 -18.12 -7.04
C THR D 42 33.35 -16.73 -7.12
N ASN D 43 32.63 -15.81 -7.77
CA ASN D 43 32.94 -14.38 -7.74
C ASN D 43 31.78 -13.63 -7.11
N ILE D 44 32.07 -12.48 -6.54
CA ILE D 44 31.06 -11.56 -6.05
C ILE D 44 31.43 -10.16 -6.55
N TYR D 45 30.51 -9.51 -7.24
CA TYR D 45 30.67 -8.12 -7.66
C TYR D 45 29.62 -7.29 -6.94
N VAL D 46 30.04 -6.57 -5.91
CA VAL D 46 29.14 -5.75 -5.11
C VAL D 46 28.83 -4.48 -5.90
N THR D 47 27.64 -4.42 -6.49
CA THR D 47 27.26 -3.24 -7.26
C THR D 47 26.89 -2.08 -6.35
N SER D 48 26.32 -2.36 -5.18
CA SER D 48 25.97 -1.29 -4.23
C SER D 48 25.87 -1.92 -2.84
N PHE D 49 26.82 -1.58 -1.97
CA PHE D 49 26.73 -1.94 -0.56
C PHE D 49 25.68 -1.04 0.08
N GLY D 50 24.51 -1.61 0.36
CA GLY D 50 23.37 -0.84 0.80
C GLY D 50 23.45 -0.41 2.25
N PRO D 51 22.33 0.10 2.77
CA PRO D 51 22.34 0.66 4.13
C PRO D 51 22.46 -0.40 5.21
N VAL D 52 23.02 0.00 6.35
CA VAL D 52 23.18 -0.86 7.51
C VAL D 52 22.20 -0.43 8.59
N SER D 53 21.39 -1.36 9.07
CA SER D 53 20.40 -1.09 10.10
C SER D 53 20.89 -1.59 11.45
N ASP D 54 21.00 -0.68 12.41
CA ASP D 54 21.39 -1.03 13.77
C ASP D 54 20.27 -1.68 14.56
N THR D 55 19.03 -1.22 14.37
CA THR D 55 17.87 -1.74 15.09
C THR D 55 17.61 -3.19 14.73
N ASP D 56 17.78 -3.53 13.46
CA ASP D 56 17.52 -4.90 13.03
C ASP D 56 18.77 -5.75 12.96
N MET D 57 19.93 -5.19 13.33
CA MET D 57 21.20 -5.96 13.36
C MET D 57 21.40 -6.68 12.02
N GLU D 58 21.20 -5.96 10.91
CA GLU D 58 21.37 -6.57 9.57
C GLU D 58 21.87 -5.50 8.59
N TYR D 59 22.32 -5.91 7.41
CA TYR D 59 22.77 -4.94 6.38
C TYR D 59 22.28 -5.40 5.00
N THR D 60 22.12 -4.45 4.07
CA THR D 60 21.65 -4.79 2.70
C THR D 60 22.85 -4.76 1.74
N ILE D 61 22.88 -5.68 0.77
CA ILE D 61 24.02 -5.74 -0.20
C ILE D 61 23.53 -6.28 -1.55
N ASP D 62 23.80 -5.56 -2.64
CA ASP D 62 23.43 -6.01 -3.97
C ASP D 62 24.67 -6.53 -4.68
N VAL D 63 24.62 -7.79 -5.11
CA VAL D 63 25.77 -8.45 -5.70
C VAL D 63 25.42 -8.95 -7.10
N PHE D 64 26.45 -9.32 -7.84
CA PHE D 64 26.34 -10.14 -9.04
C PHE D 64 27.00 -11.47 -8.68
N PHE D 65 26.22 -12.41 -8.16
CA PHE D 65 26.76 -13.64 -7.60
C PHE D 65 27.16 -14.58 -8.74
N ARG D 66 28.43 -14.54 -9.12
CA ARG D 66 28.92 -15.39 -10.19
C ARG D 66 29.36 -16.74 -9.63
N GLN D 67 29.20 -17.77 -10.45
CA GLN D 67 29.68 -19.10 -10.05
C GLN D 67 30.19 -19.75 -11.32
N LYS D 68 31.16 -20.62 -11.21
CA LYS D 68 31.58 -21.34 -12.42
C LYS D 68 31.88 -22.76 -11.97
N TRP D 69 31.76 -23.71 -12.87
CA TRP D 69 31.94 -25.13 -12.50
C TRP D 69 32.00 -25.89 -13.80
N LYS D 70 32.59 -27.04 -13.77
CA LYS D 70 32.77 -27.80 -15.00
C LYS D 70 31.84 -29.00 -15.00
N ASP D 71 30.86 -29.04 -15.91
CA ASP D 71 30.02 -30.26 -16.09
C ASP D 71 30.45 -30.83 -17.43
N GLU D 72 30.95 -32.05 -17.47
CA GLU D 72 31.50 -32.59 -18.73
C GLU D 72 30.41 -33.30 -19.54
N ARG D 73 29.13 -33.01 -19.26
CA ARG D 73 28.02 -33.59 -20.06
C ARG D 73 27.51 -32.48 -20.96
N LEU D 74 27.79 -31.24 -20.57
CA LEU D 74 27.40 -30.04 -21.35
C LEU D 74 28.59 -29.63 -22.21
N LYS D 75 29.30 -30.59 -22.79
CA LYS D 75 30.39 -30.27 -23.75
C LYS D 75 29.78 -30.35 -25.14
N PHE D 76 30.17 -29.45 -26.03
CA PHE D 76 29.65 -29.37 -27.39
C PHE D 76 30.76 -29.02 -28.37
N LYS D 77 30.56 -29.41 -29.62
CA LYS D 77 31.54 -29.18 -30.68
C LYS D 77 30.78 -28.72 -31.91
N GLY D 78 30.97 -27.46 -32.30
CA GLY D 78 30.29 -26.90 -33.43
C GLY D 78 30.87 -25.57 -33.86
N PRO D 79 30.04 -24.71 -34.47
CA PRO D 79 30.51 -23.40 -34.93
C PRO D 79 30.95 -22.46 -33.80
N MET D 80 30.07 -22.23 -32.83
CA MET D 80 30.36 -21.30 -31.75
C MET D 80 31.32 -21.92 -30.75
N ASN D 81 31.96 -21.07 -29.97
CA ASN D 81 32.81 -21.49 -28.86
C ASN D 81 32.15 -21.29 -27.50
N ILE D 82 31.48 -20.16 -27.31
CA ILE D 82 30.73 -19.99 -26.04
C ILE D 82 29.26 -19.93 -26.47
N LEU D 83 28.25 -20.21 -25.66
CA LEU D 83 26.86 -20.01 -26.14
C LEU D 83 26.10 -19.19 -25.11
N ARG D 84 25.75 -17.92 -25.36
CA ARG D 84 24.95 -17.19 -24.35
C ARG D 84 23.47 -17.59 -24.44
N LEU D 85 23.06 -18.66 -23.76
CA LEU D 85 21.68 -19.18 -23.86
C LEU D 85 20.82 -18.38 -22.89
N ASN D 86 19.51 -18.59 -22.93
CA ASN D 86 18.57 -17.84 -22.05
C ASN D 86 18.64 -18.42 -20.64
N ASN D 87 18.37 -17.65 -19.61
CA ASN D 87 18.43 -18.00 -18.16
C ASN D 87 17.41 -19.12 -17.88
N LEU D 88 16.67 -19.56 -18.91
CA LEU D 88 15.71 -20.66 -18.73
C LEU D 88 16.44 -21.98 -18.94
N MET D 89 17.67 -21.94 -19.44
CA MET D 89 18.43 -23.21 -19.51
C MET D 89 19.13 -23.37 -18.16
N ALA D 90 18.83 -22.49 -17.20
CA ALA D 90 19.33 -22.66 -15.85
C ALA D 90 18.36 -23.40 -14.94
N SER D 91 17.08 -23.41 -15.27
CA SER D 91 16.10 -24.15 -14.48
C SER D 91 16.00 -25.61 -14.89
N LYS D 92 16.74 -26.04 -15.90
CA LYS D 92 16.73 -27.45 -16.31
C LYS D 92 18.12 -28.05 -16.39
N ILE D 93 19.10 -27.47 -15.67
CA ILE D 93 20.41 -28.07 -15.52
C ILE D 93 20.78 -28.05 -14.05
N TRP D 94 21.90 -28.71 -13.73
CA TRP D 94 22.36 -28.72 -12.32
C TRP D 94 23.07 -27.43 -11.93
N THR D 95 22.40 -26.58 -11.18
CA THR D 95 23.05 -25.43 -10.58
C THR D 95 23.34 -25.75 -9.12
N PRO D 96 24.38 -25.17 -8.51
CA PRO D 96 24.64 -25.43 -7.09
C PRO D 96 23.55 -24.90 -6.19
N ASP D 97 23.42 -25.53 -5.02
CA ASP D 97 22.38 -25.20 -4.06
C ASP D 97 22.89 -24.24 -3.00
N THR D 98 23.72 -23.29 -3.44
CA THR D 98 24.36 -22.33 -2.56
C THR D 98 23.35 -21.43 -1.87
N PHE D 99 23.45 -21.35 -0.55
CA PHE D 99 22.62 -20.47 0.24
C PHE D 99 23.53 -19.64 1.12
N PHE D 100 22.99 -18.52 1.61
CA PHE D 100 23.75 -17.60 2.45
C PHE D 100 23.43 -17.93 3.90
N HIS D 101 24.48 -18.28 4.65
CA HIS D 101 24.31 -18.85 5.99
C HIS D 101 23.72 -17.86 6.98
N ASN D 102 24.15 -16.61 6.94
CA ASN D 102 23.68 -15.60 7.87
C ASN D 102 22.63 -14.68 7.24
N GLY D 103 22.08 -15.07 6.09
CA GLY D 103 21.07 -14.26 5.44
C GLY D 103 19.74 -14.30 6.16
N LYS D 104 18.95 -13.23 5.96
CA LYS D 104 17.61 -13.16 6.51
C LYS D 104 16.50 -13.15 5.48
N LYS D 105 16.59 -12.31 4.45
CA LYS D 105 15.62 -12.33 3.36
C LYS D 105 16.28 -11.83 2.08
N SER D 106 16.57 -12.74 1.16
CA SER D 106 17.24 -12.42 -0.08
C SER D 106 16.25 -12.56 -1.23
N VAL D 107 16.39 -11.69 -2.23
CA VAL D 107 15.53 -11.71 -3.40
C VAL D 107 16.41 -11.74 -4.64
N ALA D 108 16.04 -12.60 -5.59
CA ALA D 108 16.62 -12.59 -6.94
C ALA D 108 15.66 -11.80 -7.80
N HIS D 109 16.17 -10.74 -8.42
CA HIS D 109 15.33 -9.76 -9.09
C HIS D 109 14.71 -10.33 -10.37
N ASN D 110 13.48 -9.94 -10.68
CA ASN D 110 12.77 -10.61 -11.81
C ASN D 110 12.14 -9.56 -12.72
N MET D 111 12.87 -8.51 -13.08
CA MET D 111 12.37 -7.42 -13.91
C MET D 111 13.42 -7.03 -14.94
N THR D 112 13.04 -7.05 -16.22
CA THR D 112 11.75 -7.43 -16.79
C THR D 112 11.70 -8.92 -17.06
N MET D 113 12.85 -9.55 -16.81
CA MET D 113 13.01 -11.00 -16.85
C MET D 113 13.74 -11.40 -15.57
N PRO D 114 13.80 -12.73 -15.24
CA PRO D 114 14.66 -13.12 -14.12
C PRO D 114 16.12 -12.80 -14.37
N ASN D 115 16.72 -12.06 -13.44
CA ASN D 115 18.06 -11.51 -13.60
C ASN D 115 19.05 -12.64 -13.42
N LYS D 116 19.34 -13.36 -14.51
CA LYS D 116 20.29 -14.51 -14.44
C LYS D 116 21.13 -14.54 -15.72
N LEU D 117 22.42 -14.86 -15.60
CA LEU D 117 23.33 -14.97 -16.77
C LEU D 117 23.84 -16.41 -16.87
N LEU D 118 23.68 -17.04 -18.02
CA LEU D 118 24.12 -18.45 -18.19
C LEU D 118 24.98 -18.57 -19.46
N ARG D 119 26.25 -18.97 -19.31
CA ARG D 119 27.13 -19.18 -20.48
C ARG D 119 27.82 -20.54 -20.35
N ILE D 120 27.67 -21.40 -21.37
CA ILE D 120 28.35 -22.73 -21.35
C ILE D 120 29.60 -22.65 -22.22
N GLN D 121 30.77 -22.95 -21.65
CA GLN D 121 32.04 -22.95 -22.43
C GLN D 121 32.12 -24.24 -23.24
N ASP D 122 32.89 -24.23 -24.33
CA ASP D 122 33.00 -25.42 -25.23
C ASP D 122 33.51 -26.62 -24.43
N ASP D 123 34.44 -26.40 -23.49
CA ASP D 123 35.03 -27.52 -22.72
C ASP D 123 34.05 -28.02 -21.67
N GLY D 124 32.84 -27.44 -21.61
CA GLY D 124 31.82 -27.91 -20.65
C GLY D 124 31.80 -27.10 -19.38
N THR D 125 32.57 -26.00 -19.33
CA THR D 125 32.54 -25.11 -18.15
C THR D 125 31.21 -24.34 -18.16
N LEU D 126 30.84 -23.69 -17.04
CA LEU D 126 29.52 -23.04 -16.98
C LEU D 126 29.66 -21.77 -16.14
N LEU D 127 29.27 -20.64 -16.69
CA LEU D 127 29.32 -19.39 -15.95
C LEU D 127 27.90 -18.98 -15.63
N TYR D 128 27.61 -18.77 -14.34
CA TYR D 128 26.25 -18.61 -13.86
C TYR D 128 26.20 -17.40 -12.93
N THR D 129 25.71 -16.28 -13.46
CA THR D 129 25.64 -15.02 -12.73
C THR D 129 24.18 -14.70 -12.45
N MET D 130 23.90 -14.24 -11.24
CA MET D 130 22.55 -13.84 -10.88
C MET D 130 22.61 -12.67 -9.92
N ARG D 131 21.67 -11.75 -10.08
CA ARG D 131 21.65 -10.50 -9.34
C ARG D 131 20.78 -10.68 -8.10
N LEU D 132 21.32 -10.36 -6.94
CA LEU D 132 20.69 -10.63 -5.66
C LEU D 132 20.62 -9.37 -4.81
N THR D 133 19.87 -9.45 -3.72
CA THR D 133 19.81 -8.39 -2.71
C THR D 133 19.75 -9.10 -1.36
N VAL D 134 20.91 -9.25 -0.74
CA VAL D 134 21.03 -10.05 0.47
C VAL D 134 20.87 -9.15 1.68
N GLN D 135 20.10 -9.62 2.66
CA GLN D 135 19.86 -8.89 3.90
C GLN D 135 20.49 -9.60 5.09
N ALA D 136 21.76 -9.97 4.96
CA ALA D 136 22.48 -10.82 5.91
C ALA D 136 22.63 -10.21 7.29
N GLU D 137 22.81 -11.07 8.30
CA GLU D 137 22.96 -10.66 9.68
C GLU D 137 24.35 -10.10 9.94
N CYS D 138 24.43 -9.05 10.74
CA CYS D 138 25.71 -8.51 11.18
C CYS D 138 25.71 -8.42 12.70
N PRO D 139 26.47 -9.26 13.40
CA PRO D 139 26.57 -9.14 14.86
C PRO D 139 27.37 -7.92 15.25
N MET D 140 26.74 -7.03 16.03
CA MET D 140 27.31 -5.73 16.35
C MET D 140 27.49 -5.61 17.86
N HIS D 141 28.67 -5.17 18.27
CA HIS D 141 28.93 -4.78 19.66
C HIS D 141 28.82 -3.27 19.74
N LEU D 142 27.67 -2.79 20.24
CA LEU D 142 27.44 -1.36 20.38
C LEU D 142 27.92 -0.87 21.74
N GLU D 143 29.18 -1.13 22.08
CA GLU D 143 29.74 -0.69 23.35
C GLU D 143 30.73 0.44 23.18
N ASP D 144 31.09 0.78 21.95
CA ASP D 144 31.95 1.94 21.66
C ASP D 144 31.15 2.94 20.81
N PHE D 145 29.82 2.92 20.99
CA PHE D 145 28.91 3.72 20.18
C PHE D 145 29.09 5.19 20.47
N PRO D 146 29.18 6.07 19.46
CA PRO D 146 29.18 5.79 18.03
C PRO D 146 30.56 5.86 17.37
N MET D 147 31.61 5.39 18.03
CA MET D 147 32.95 5.32 17.46
C MET D 147 33.29 3.88 17.08
N ASP D 148 32.25 3.03 17.03
CA ASP D 148 32.48 1.58 16.81
C ASP D 148 32.69 1.23 15.34
N ALA D 149 33.24 0.04 15.07
CA ALA D 149 33.48 -0.41 13.69
C ALA D 149 32.95 -1.84 13.54
N HIS D 150 32.11 -2.09 12.54
CA HIS D 150 31.49 -3.44 12.42
C HIS D 150 32.00 -4.16 11.18
N SER D 151 32.67 -5.30 11.37
CA SER D 151 33.15 -6.11 10.21
C SER D 151 32.02 -7.03 9.74
N CYS D 152 30.89 -6.44 9.34
CA CYS D 152 29.70 -7.26 8.93
C CYS D 152 30.13 -8.26 7.85
N PRO D 153 30.00 -9.58 8.07
CA PRO D 153 30.45 -10.58 7.11
C PRO D 153 29.35 -11.14 6.19
N LEU D 154 29.73 -12.04 5.28
CA LEU D 154 28.75 -12.68 4.36
C LEU D 154 29.17 -14.13 4.14
N LYS D 155 28.48 -15.08 4.75
CA LYS D 155 28.86 -16.48 4.65
C LYS D 155 27.93 -17.18 3.68
N PHE D 156 28.49 -17.93 2.74
CA PHE D 156 27.69 -18.74 1.83
C PHE D 156 28.31 -20.11 1.64
N GLY D 157 27.46 -21.11 1.43
CA GLY D 157 27.92 -22.45 1.19
C GLY D 157 26.78 -23.30 0.66
N SER D 158 27.09 -24.55 0.38
CA SER D 158 26.09 -25.48 -0.09
C SER D 158 25.15 -25.87 1.04
N TYR D 159 23.98 -26.40 0.68
CA TYR D 159 23.03 -26.88 1.67
C TYR D 159 23.02 -28.40 1.80
N ALA D 160 22.86 -29.12 0.71
CA ALA D 160 22.70 -30.57 0.74
C ALA D 160 23.95 -31.33 0.36
N TYR D 161 24.94 -30.66 -0.22
CA TYR D 161 26.15 -31.32 -0.69
C TYR D 161 27.32 -31.01 0.24
N THR D 162 27.97 -32.07 0.71
CA THR D 162 29.03 -31.99 1.71
C THR D 162 30.37 -31.69 1.06
N THR D 163 31.43 -31.68 1.88
CA THR D 163 32.79 -31.46 1.40
C THR D 163 33.34 -32.62 0.60
N SER D 164 32.70 -33.79 0.65
CA SER D 164 33.08 -34.91 -0.20
C SER D 164 32.34 -34.90 -1.53
N GLU D 165 31.48 -33.93 -1.76
CA GLU D 165 30.75 -33.82 -3.01
C GLU D 165 30.88 -32.47 -3.70
N VAL D 166 30.82 -31.37 -2.95
CA VAL D 166 30.93 -30.03 -3.54
C VAL D 166 31.85 -29.19 -2.66
N THR D 167 32.90 -28.62 -3.27
CA THR D 167 33.80 -27.70 -2.60
C THR D 167 33.80 -26.37 -3.33
N TYR D 168 33.95 -25.29 -2.57
CA TYR D 168 33.93 -23.93 -3.11
C TYR D 168 35.33 -23.35 -3.08
N ILE D 169 35.74 -22.74 -4.20
CA ILE D 169 36.99 -21.99 -4.30
C ILE D 169 36.64 -20.62 -4.88
N TRP D 170 37.48 -19.64 -4.60
CA TRP D 170 37.42 -18.36 -5.29
C TRP D 170 38.07 -18.49 -6.67
N THR D 171 37.70 -17.57 -7.57
CA THR D 171 38.10 -17.69 -8.96
C THR D 171 39.52 -17.20 -9.20
N TYR D 172 39.76 -15.91 -8.98
CA TYR D 172 41.05 -15.28 -9.18
C TYR D 172 41.88 -15.39 -7.92
N ASN D 173 42.92 -14.55 -7.86
CA ASN D 173 43.67 -14.33 -6.62
C ASN D 173 42.72 -13.90 -5.51
N ALA D 174 43.00 -14.34 -4.28
CA ALA D 174 42.12 -14.25 -3.13
C ALA D 174 41.66 -12.83 -2.82
N SER D 175 42.53 -11.85 -3.02
CA SER D 175 42.13 -10.46 -2.81
C SER D 175 41.26 -9.96 -3.97
N ASP D 176 41.50 -10.45 -5.18
CA ASP D 176 40.82 -9.97 -6.38
C ASP D 176 39.56 -10.74 -6.71
N SER D 177 38.67 -10.91 -5.72
CA SER D 177 37.47 -11.75 -5.94
C SER D 177 36.20 -10.97 -5.60
N VAL D 178 36.10 -10.47 -4.37
CA VAL D 178 34.91 -9.67 -3.95
C VAL D 178 35.08 -8.24 -4.48
N GLN D 179 34.86 -8.06 -5.79
CA GLN D 179 35.05 -6.72 -6.43
C GLN D 179 33.91 -5.80 -5.97
N VAL D 180 34.23 -4.55 -5.64
CA VAL D 180 33.19 -3.60 -5.14
C VAL D 180 33.11 -2.39 -6.06
N ALA D 181 31.92 -2.11 -6.61
CA ALA D 181 31.73 -0.97 -7.50
C ALA D 181 32.09 0.33 -6.76
N PRO D 182 32.88 1.22 -7.37
CA PRO D 182 33.39 2.39 -6.64
C PRO D 182 32.31 3.42 -6.31
N ASP D 183 31.52 3.80 -7.32
CA ASP D 183 30.51 4.82 -7.11
C ASP D 183 29.34 4.29 -6.30
N GLY D 184 28.95 3.04 -6.53
CA GLY D 184 27.84 2.47 -5.80
C GLY D 184 28.15 2.16 -4.35
N SER D 185 27.61 2.98 -3.45
CA SER D 185 27.76 2.81 -2.01
C SER D 185 26.63 3.57 -1.36
N ARG D 186 25.64 2.85 -0.84
CA ARG D 186 24.46 3.49 -0.27
C ARG D 186 24.55 3.60 1.25
N LEU D 187 25.77 3.73 1.77
CA LEU D 187 26.00 3.94 3.18
C LEU D 187 25.93 5.43 3.49
N ASN D 188 25.10 5.78 4.46
CA ASN D 188 25.07 7.15 4.98
C ASN D 188 25.61 7.24 6.40
N GLN D 189 25.71 6.12 7.12
CA GLN D 189 26.29 6.12 8.45
C GLN D 189 27.75 5.70 8.44
N TYR D 190 28.08 4.72 7.62
CA TYR D 190 29.38 4.08 7.66
C TYR D 190 30.19 4.46 6.42
N ASP D 191 31.47 4.10 6.43
CA ASP D 191 32.26 4.13 5.20
C ASP D 191 33.03 2.82 5.12
N LEU D 192 33.08 2.26 3.91
CA LEU D 192 33.64 0.94 3.70
C LEU D 192 35.16 1.04 3.64
N LEU D 193 35.83 0.59 4.71
CA LEU D 193 37.28 0.63 4.75
C LEU D 193 37.89 -0.40 3.81
N GLY D 194 37.33 -1.62 3.82
CA GLY D 194 37.82 -2.70 2.96
C GLY D 194 37.04 -3.98 3.20
N GLN D 195 37.33 -5.03 2.42
CA GLN D 195 36.64 -6.33 2.60
C GLN D 195 37.69 -7.45 2.76
N SER D 196 37.40 -8.45 3.60
CA SER D 196 38.33 -9.59 3.80
C SER D 196 37.59 -10.91 3.52
N ILE D 197 38.18 -11.77 2.69
CA ILE D 197 37.51 -13.06 2.30
C ILE D 197 37.91 -14.15 3.29
N GLY D 198 37.37 -15.36 3.12
CA GLY D 198 37.72 -16.50 3.99
C GLY D 198 37.21 -17.81 3.42
N LYS D 199 37.95 -18.89 3.63
CA LYS D 199 37.52 -20.24 3.17
C LYS D 199 37.66 -21.22 4.33
N GLU D 200 36.54 -21.84 4.75
CA GLU D 200 36.59 -22.73 5.93
C GLU D 200 35.96 -24.09 5.65
N THR D 201 35.63 -24.83 6.71
CA THR D 201 34.90 -26.12 6.57
C THR D 201 33.96 -26.18 7.77
N ILE D 202 32.67 -26.36 7.53
CA ILE D 202 31.69 -26.35 8.65
C ILE D 202 31.28 -27.79 8.95
N LYS D 203 31.16 -28.14 10.22
CA LYS D 203 30.74 -29.50 10.63
C LYS D 203 29.35 -29.36 11.23
N SER D 204 28.33 -29.87 10.54
CA SER D 204 26.96 -29.84 11.07
C SER D 204 26.50 -31.27 11.22
N SER D 205 25.42 -31.52 11.95
CA SER D 205 25.04 -32.92 12.25
C SER D 205 24.99 -33.78 10.99
N THR D 206 24.82 -33.19 9.81
CA THR D 206 24.62 -34.03 8.60
C THR D 206 25.95 -34.30 7.88
N GLY D 207 27.01 -33.57 8.21
CA GLY D 207 28.33 -33.83 7.59
C GLY D 207 29.20 -32.60 7.66
N GLU D 208 30.15 -32.48 6.73
CA GLU D 208 31.01 -31.28 6.68
C GLU D 208 30.77 -30.56 5.34
N TYR D 209 30.78 -29.24 5.33
CA TYR D 209 30.43 -28.48 4.12
C TYR D 209 31.42 -27.34 4.01
N THR D 210 31.65 -26.77 2.83
CA THR D 210 32.64 -25.67 2.77
C THR D 210 31.85 -24.39 2.98
N VAL D 211 32.38 -23.47 3.77
CA VAL D 211 31.70 -22.20 4.03
C VAL D 211 32.66 -21.13 3.54
N MET D 212 32.30 -20.43 2.48
CA MET D 212 33.14 -19.34 1.93
C MET D 212 32.67 -18.04 2.59
N THR D 213 33.47 -17.46 3.48
CA THR D 213 33.01 -16.27 4.23
C THR D 213 33.77 -15.04 3.78
N ALA D 214 33.10 -13.90 3.77
CA ALA D 214 33.72 -12.64 3.32
C ALA D 214 33.21 -11.52 4.21
N HIS D 215 34.09 -10.80 4.89
CA HIS D 215 33.74 -9.75 5.82
C HIS D 215 33.94 -8.39 5.16
N PHE D 216 33.03 -7.47 5.45
CA PHE D 216 33.16 -6.08 5.05
C PHE D 216 33.38 -5.24 6.31
N HIS D 217 34.51 -4.55 6.36
CA HIS D 217 34.91 -3.79 7.53
C HIS D 217 34.34 -2.39 7.43
N LEU D 218 33.42 -2.06 8.34
CA LEU D 218 32.79 -0.76 8.38
C LEU D 218 33.31 0.05 9.55
N LYS D 219 33.06 1.35 9.50
CA LYS D 219 33.42 2.27 10.57
C LYS D 219 32.43 3.41 10.54
N ARG D 220 31.88 3.76 11.69
CA ARG D 220 30.79 4.72 11.74
C ARG D 220 31.31 6.14 11.66
N LYS D 221 30.73 6.93 10.76
CA LYS D 221 31.04 8.35 10.65
C LYS D 221 30.38 9.09 11.80
N ILE D 222 31.18 9.84 12.57
CA ILE D 222 30.71 10.45 13.81
C ILE D 222 29.98 11.77 13.58
N GLY D 223 29.91 12.24 12.33
CA GLY D 223 29.47 13.60 12.06
C GLY D 223 28.00 13.84 12.36
N TYR D 224 27.19 12.79 12.32
CA TYR D 224 25.79 12.92 12.71
C TYR D 224 25.66 13.18 14.21
N PHE D 225 26.39 12.42 15.03
CA PHE D 225 26.17 12.41 16.47
C PHE D 225 26.90 13.54 17.19
N VAL D 226 27.86 14.19 16.54
CA VAL D 226 28.45 15.41 17.07
C VAL D 226 27.41 16.51 16.95
N ILE D 227 26.62 16.46 15.88
CA ILE D 227 25.65 17.49 15.56
C ILE D 227 24.36 17.25 16.32
N GLN D 228 23.89 15.99 16.34
CA GLN D 228 22.59 15.66 16.92
C GLN D 228 22.60 15.54 18.44
N THR D 229 23.60 14.89 19.02
CA THR D 229 23.55 14.62 20.44
C THR D 229 24.68 15.26 21.24
N TYR D 230 25.91 15.28 20.73
CA TYR D 230 27.05 15.73 21.51
C TYR D 230 27.06 17.23 21.72
N LEU D 231 26.98 18.03 20.66
CA LEU D 231 26.88 19.48 20.81
C LEU D 231 25.62 19.95 21.54
N PRO D 232 24.41 19.40 21.32
CA PRO D 232 23.29 19.78 22.21
C PRO D 232 23.43 19.31 23.66
N CYS D 233 24.39 18.46 23.99
CA CYS D 233 24.72 18.14 25.37
C CYS D 233 25.76 19.09 25.96
N ILE D 234 26.72 19.55 25.16
CA ILE D 234 27.68 20.53 25.64
C ILE D 234 27.02 21.89 25.86
N MET D 235 26.08 22.25 24.97
CA MET D 235 25.47 23.58 25.03
C MET D 235 24.60 23.75 26.26
N THR D 236 23.99 22.67 26.76
CA THR D 236 23.14 22.76 27.94
C THR D 236 23.91 22.56 29.24
N VAL D 237 25.21 22.30 29.18
CA VAL D 237 26.04 22.36 30.38
C VAL D 237 26.48 23.81 30.53
N ILE D 238 26.87 24.42 29.41
CA ILE D 238 27.19 25.85 29.37
C ILE D 238 25.97 26.71 29.70
N LEU D 239 24.79 26.30 29.23
CA LEU D 239 23.55 26.99 29.59
C LEU D 239 23.26 26.85 31.08
N SER D 240 23.54 25.68 31.65
CA SER D 240 23.34 25.50 33.09
C SER D 240 24.39 26.27 33.92
N GLN D 241 25.52 26.62 33.33
CA GLN D 241 26.55 27.38 34.02
C GLN D 241 26.35 28.88 33.93
N VAL D 242 25.30 29.33 33.24
CA VAL D 242 24.91 30.74 33.27
C VAL D 242 24.38 31.12 34.65
N SER D 243 23.80 30.15 35.36
CA SER D 243 23.17 30.43 36.65
C SER D 243 24.17 30.85 37.73
N PHE D 244 25.44 30.48 37.58
CA PHE D 244 26.45 30.92 38.54
C PHE D 244 26.78 32.39 38.41
N TRP D 245 26.52 33.01 37.26
CA TRP D 245 26.87 34.40 37.04
C TRP D 245 25.74 35.38 37.35
N LEU D 246 24.61 34.90 37.87
CA LEU D 246 23.48 35.78 38.18
C LEU D 246 23.53 36.25 39.63
N ASN D 247 22.47 36.93 40.03
CA ASN D 247 22.37 37.47 41.37
C ASN D 247 22.04 36.36 42.37
N ARG D 248 22.48 36.56 43.62
CA ARG D 248 22.14 35.63 44.70
C ARG D 248 20.66 35.71 45.03
N GLU D 249 20.12 36.93 45.11
CA GLU D 249 18.75 37.16 45.55
C GLU D 249 17.73 36.80 44.48
N SER D 250 18.19 36.66 43.24
CA SER D 250 17.33 36.34 42.11
C SER D 250 17.09 34.83 42.11
N VAL D 251 16.22 34.38 43.01
CA VAL D 251 15.89 32.97 43.18
C VAL D 251 14.92 32.44 42.13
N PRO D 252 13.83 33.14 41.71
CA PRO D 252 13.00 32.58 40.62
C PRO D 252 13.67 32.45 39.27
N ALA D 253 14.75 33.18 39.02
CA ALA D 253 15.47 33.04 37.75
C ALA D 253 16.33 31.79 37.71
N ARG D 254 17.11 31.57 38.76
CA ARG D 254 18.06 30.44 38.78
C ARG D 254 17.34 29.12 39.06
N THR D 255 16.10 29.18 39.54
CA THR D 255 15.27 27.99 39.62
C THR D 255 14.94 27.47 38.23
N VAL D 256 14.64 28.39 37.30
CA VAL D 256 14.17 28.01 35.96
C VAL D 256 15.32 27.44 35.13
N PHE D 257 16.54 27.95 35.31
CA PHE D 257 17.70 27.30 34.69
C PHE D 257 17.93 25.89 35.24
N GLY D 258 17.65 25.69 36.53
CA GLY D 258 17.87 24.37 37.11
C GLY D 258 16.90 23.33 36.59
N VAL D 259 15.61 23.68 36.52
CA VAL D 259 14.59 22.71 36.13
C VAL D 259 14.67 22.38 34.64
N THR D 260 14.87 23.40 33.80
CA THR D 260 14.81 23.19 32.35
C THR D 260 16.05 22.47 31.83
N THR D 261 17.22 22.68 32.45
CA THR D 261 18.43 22.02 31.98
C THR D 261 18.45 20.55 32.39
N VAL D 262 17.83 20.22 33.52
CA VAL D 262 17.61 18.82 33.87
C VAL D 262 16.64 18.18 32.90
N LEU D 263 15.55 18.89 32.57
CA LEU D 263 14.54 18.35 31.66
C LEU D 263 15.05 18.23 30.23
N THR D 264 15.84 19.18 29.74
CA THR D 264 16.36 19.07 28.38
C THR D 264 17.52 18.09 28.28
N MET D 265 18.08 17.66 29.42
CA MET D 265 19.09 16.61 29.40
C MET D 265 18.45 15.23 29.41
N THR D 266 17.38 15.07 30.20
CA THR D 266 16.68 13.79 30.26
C THR D 266 15.98 13.47 28.95
N THR D 267 15.48 14.50 28.27
CA THR D 267 14.90 14.30 26.94
C THR D 267 15.97 13.88 25.95
N LEU D 268 17.17 14.43 26.07
CA LEU D 268 18.29 14.01 25.22
C LEU D 268 18.78 12.61 25.58
N SER D 269 18.55 12.19 26.82
CA SER D 269 18.95 10.85 27.25
C SER D 269 18.07 9.79 26.60
N ILE D 270 16.77 10.04 26.55
CA ILE D 270 15.84 9.08 25.90
C ILE D 270 16.13 9.05 24.41
N SER D 271 16.39 10.22 23.80
CA SER D 271 16.71 10.28 22.35
C SER D 271 17.98 9.50 22.03
N ALA D 272 18.98 9.53 22.91
CA ALA D 272 20.25 8.87 22.56
C ALA D 272 20.00 7.38 22.33
N ARG D 273 19.39 6.71 23.31
CA ARG D 273 19.19 5.24 23.22
C ARG D 273 18.19 4.94 22.10
N ASN D 274 17.48 5.96 21.61
CA ASN D 274 16.43 5.75 20.58
C ASN D 274 17.09 5.49 19.23
N SER D 275 18.42 5.42 19.19
CA SER D 275 19.16 5.13 17.93
C SER D 275 19.86 3.78 18.01
N LEU D 276 19.43 2.91 18.95
CA LEU D 276 20.08 1.59 19.13
C LEU D 276 19.07 0.59 19.72
N PRO D 277 19.27 -0.74 19.54
CA PRO D 277 18.36 -1.74 20.10
C PRO D 277 18.34 -1.73 21.64
N LYS D 278 17.27 -2.26 22.24
CA LYS D 278 17.15 -2.27 23.73
C LYS D 278 18.16 -3.26 24.31
N VAL D 279 19.45 -2.92 24.27
CA VAL D 279 20.47 -3.80 24.83
C VAL D 279 20.68 -3.46 26.31
N ALA D 280 21.30 -4.41 27.01
CA ALA D 280 21.55 -4.27 28.44
C ALA D 280 22.81 -3.47 28.73
N TYR D 281 23.84 -3.61 27.89
CA TYR D 281 25.10 -2.91 28.12
C TYR D 281 24.96 -1.43 27.81
N ALA D 282 25.61 -0.61 28.62
CA ALA D 282 25.60 0.83 28.41
C ALA D 282 26.61 1.21 27.34
N THR D 283 26.15 1.97 26.34
CA THR D 283 27.01 2.40 25.25
C THR D 283 27.96 3.49 25.74
N ALA D 284 28.96 3.82 24.92
CA ALA D 284 29.84 4.93 25.25
C ALA D 284 29.28 6.24 24.71
N MET D 285 28.00 6.47 24.94
CA MET D 285 27.28 7.69 24.63
C MET D 285 26.35 8.08 25.76
N ASP D 286 25.81 7.08 26.46
CA ASP D 286 25.11 7.33 27.71
C ASP D 286 26.10 7.70 28.81
N TRP D 287 27.36 7.28 28.70
CA TRP D 287 28.38 7.71 29.64
C TRP D 287 28.85 9.13 29.40
N PHE D 288 28.52 9.73 28.26
CA PHE D 288 28.69 11.17 28.09
C PHE D 288 27.53 11.96 28.69
N ILE D 289 26.30 11.49 28.50
CA ILE D 289 25.13 12.22 28.99
C ILE D 289 25.04 12.15 30.50
N ALA D 290 25.36 10.98 31.09
CA ALA D 290 25.27 10.83 32.54
C ALA D 290 26.26 11.72 33.27
N VAL D 291 27.46 11.91 32.72
CA VAL D 291 28.39 12.89 33.27
C VAL D 291 27.88 14.30 33.00
N CYS D 292 27.32 14.54 31.81
CA CYS D 292 26.70 15.82 31.53
C CYS D 292 25.45 16.05 32.37
N TYR D 293 24.73 14.98 32.73
CA TYR D 293 23.63 15.12 33.68
C TYR D 293 24.15 15.38 35.09
N ALA D 294 25.35 14.87 35.39
CA ALA D 294 25.94 15.10 36.71
C ALA D 294 26.35 16.55 36.90
N PHE D 295 26.86 17.20 35.84
CA PHE D 295 27.26 18.59 35.95
C PHE D 295 26.03 19.50 36.03
N VAL D 296 24.95 19.13 35.35
CA VAL D 296 23.73 19.93 35.38
C VAL D 296 23.05 19.82 36.74
N PHE D 297 23.01 18.61 37.31
CA PHE D 297 22.41 18.42 38.63
C PHE D 297 23.23 19.09 39.72
N SER D 298 24.55 19.06 39.61
CA SER D 298 25.40 19.69 40.62
C SER D 298 25.34 21.21 40.54
N ALA D 299 24.93 21.74 39.38
CA ALA D 299 24.65 23.17 39.28
C ALA D 299 23.43 23.55 40.12
N LEU D 300 22.42 22.67 40.15
CA LEU D 300 21.23 22.92 40.95
C LEU D 300 21.50 22.74 42.43
N ILE D 301 22.36 21.77 42.78
CA ILE D 301 22.74 21.57 44.18
C ILE D 301 23.57 22.75 44.68
N GLU D 302 24.39 23.33 43.80
CA GLU D 302 25.18 24.52 44.13
C GLU D 302 24.28 25.71 44.43
N PHE D 303 23.25 25.90 43.60
CA PHE D 303 22.29 26.98 43.84
C PHE D 303 21.44 26.69 45.08
N ALA D 304 21.13 25.41 45.32
CA ALA D 304 20.43 25.03 46.54
C ALA D 304 21.33 25.22 47.77
N THR D 305 22.65 25.10 47.58
CA THR D 305 23.56 25.42 48.66
C THR D 305 23.66 26.92 48.89
N VAL D 306 23.60 27.71 47.80
CA VAL D 306 23.58 29.16 47.92
C VAL D 306 22.27 29.61 48.58
N ASN D 307 21.16 28.98 48.19
CA ASN D 307 19.85 29.32 48.75
C ASN D 307 19.74 28.94 50.23
N TYR D 308 20.56 28.01 50.71
CA TYR D 308 20.58 27.72 52.14
C TYR D 308 21.33 28.80 52.91
N PHE D 309 22.34 29.41 52.28
CA PHE D 309 23.18 30.40 52.93
C PHE D 309 22.94 31.82 52.41
N THR D 310 21.70 32.13 52.04
CA THR D 310 21.33 33.50 51.68
C THR D 310 20.47 34.10 52.78
N LYS D 311 20.72 35.37 53.09
CA LYS D 311 20.00 36.08 54.15
C LYS D 311 19.74 37.53 53.75
N VAL D 386 27.97 39.30 47.49
CA VAL D 386 28.16 38.24 46.50
C VAL D 386 28.76 37.03 47.21
N SER D 387 28.16 35.86 47.02
CA SER D 387 28.60 34.66 47.70
C SER D 387 29.96 34.20 47.21
N LYS D 388 30.82 33.81 48.16
CA LYS D 388 32.13 33.29 47.79
C LYS D 388 32.03 31.89 47.20
N ILE D 389 30.96 31.16 47.53
CA ILE D 389 30.76 29.83 46.97
C ILE D 389 30.31 29.94 45.51
N ASP D 390 29.66 31.05 45.15
CA ASP D 390 29.24 31.25 43.77
C ASP D 390 30.43 31.52 42.85
N ARG D 391 31.44 32.24 43.35
CA ARG D 391 32.60 32.53 42.52
C ARG D 391 33.51 31.32 42.34
N MET D 392 33.55 30.42 43.32
CA MET D 392 34.34 29.20 43.22
C MET D 392 33.68 28.14 42.35
N SER D 393 32.42 28.33 41.96
CA SER D 393 31.76 27.48 40.99
C SER D 393 31.69 28.11 39.61
N ARG D 394 32.12 29.36 39.48
CA ARG D 394 32.23 30.02 38.18
C ARG D 394 33.49 29.64 37.42
N ILE D 395 34.43 28.95 38.07
CA ILE D 395 35.71 28.60 37.46
C ILE D 395 35.83 27.09 37.36
N VAL D 396 35.59 26.40 38.48
CA VAL D 396 35.88 24.97 38.63
C VAL D 396 34.99 24.14 37.70
N PHE D 397 33.68 24.35 37.74
CA PHE D 397 32.75 23.62 36.87
C PHE D 397 32.96 23.87 35.37
N PRO D 398 33.27 25.09 34.88
CA PRO D 398 33.72 25.18 33.48
C PRO D 398 35.00 24.42 33.17
N VAL D 399 35.94 24.31 34.10
CA VAL D 399 37.21 23.66 33.79
C VAL D 399 37.29 22.21 34.26
N LEU D 400 36.35 21.76 35.11
CA LEU D 400 36.28 20.34 35.39
C LEU D 400 35.51 19.60 34.30
N PHE D 401 34.57 20.28 33.66
CA PHE D 401 33.91 19.74 32.48
C PHE D 401 34.85 19.76 31.28
N GLY D 402 35.75 20.75 31.24
CA GLY D 402 36.70 20.83 30.14
C GLY D 402 37.71 19.70 30.15
N THR D 403 38.14 19.27 31.33
CA THR D 403 39.11 18.17 31.42
C THR D 403 38.46 16.84 31.06
N PHE D 404 37.15 16.70 31.31
CA PHE D 404 36.45 15.48 30.95
C PHE D 404 36.34 15.32 29.44
N ASN D 405 36.17 16.43 28.71
CA ASN D 405 36.16 16.36 27.26
C ASN D 405 37.55 16.12 26.70
N LEU D 406 38.59 16.42 27.48
CA LEU D 406 39.96 16.12 27.08
C LEU D 406 40.38 14.70 27.46
N VAL D 407 39.53 13.98 28.18
CA VAL D 407 39.75 12.57 28.51
C VAL D 407 38.84 11.67 27.68
N TYR D 408 37.56 12.03 27.57
CA TYR D 408 36.61 11.22 26.80
C TYR D 408 36.89 11.30 25.31
N TRP D 409 37.10 12.52 24.78
CA TRP D 409 37.46 12.65 23.38
C TRP D 409 38.98 12.70 23.19
N ALA D 410 39.69 11.77 23.85
CA ALA D 410 41.09 11.51 23.55
C ALA D 410 41.33 10.00 23.61
N THR D 411 40.46 9.30 24.34
CA THR D 411 40.62 7.86 24.51
C THR D 411 39.97 7.10 23.38
N TYR D 412 38.69 7.39 23.10
CA TYR D 412 37.95 6.72 22.05
C TYR D 412 38.39 7.22 20.67
N LEU D 413 38.23 8.51 20.43
CA LEU D 413 38.61 9.10 19.16
C LEU D 413 40.13 9.30 19.08
N GLY E 25 24.76 -42.73 -15.13
CA GLY E 25 23.90 -43.69 -15.78
C GLY E 25 23.35 -44.73 -14.83
N ASP E 26 24.13 -45.04 -13.78
CA ASP E 26 23.70 -46.05 -12.81
C ASP E 26 22.78 -45.45 -11.76
N VAL E 27 23.01 -44.19 -11.39
CA VAL E 27 22.18 -43.56 -10.35
C VAL E 27 20.84 -43.13 -10.93
N THR E 28 20.84 -42.67 -12.18
CA THR E 28 19.60 -42.18 -12.78
C THR E 28 18.62 -43.30 -13.09
N VAL E 29 19.11 -44.51 -13.38
CA VAL E 29 18.17 -45.62 -13.57
C VAL E 29 17.64 -46.09 -12.22
N ILE E 30 18.42 -45.92 -11.15
CA ILE E 30 17.93 -46.21 -9.80
C ILE E 30 16.79 -45.24 -9.45
N LEU E 31 16.98 -43.95 -9.76
CA LEU E 31 15.94 -42.96 -9.46
C LEU E 31 14.71 -43.15 -10.35
N ASN E 32 14.92 -43.54 -11.61
CA ASN E 32 13.79 -43.81 -12.50
C ASN E 32 13.07 -45.09 -12.12
N ASN E 33 13.75 -46.04 -11.48
CA ASN E 33 13.06 -47.20 -10.95
C ASN E 33 12.30 -46.85 -9.68
N LEU E 34 12.82 -45.92 -8.87
CA LEU E 34 12.13 -45.53 -7.64
C LEU E 34 10.85 -44.77 -7.93
N LEU E 35 10.87 -43.87 -8.92
CA LEU E 35 9.72 -43.00 -9.12
C LEU E 35 8.60 -43.60 -9.95
N GLU E 36 8.79 -44.77 -10.54
CA GLU E 36 7.73 -45.35 -11.36
C GLU E 36 6.79 -46.18 -10.51
N GLY E 37 5.50 -46.05 -10.79
CA GLY E 37 4.46 -46.64 -9.96
C GLY E 37 4.39 -46.05 -8.57
N TYR E 38 4.76 -44.77 -8.43
CA TYR E 38 4.83 -44.11 -7.14
C TYR E 38 3.70 -43.08 -7.06
N ASP E 39 2.96 -43.11 -5.96
CA ASP E 39 1.94 -42.11 -5.66
C ASP E 39 2.39 -41.33 -4.43
N ASN E 40 2.68 -40.05 -4.62
CA ASN E 40 2.99 -39.18 -3.49
C ASN E 40 1.74 -38.70 -2.78
N LYS E 41 0.55 -39.03 -3.29
CA LYS E 41 -0.68 -38.67 -2.60
C LYS E 41 -0.90 -39.53 -1.37
N LEU E 42 -0.30 -40.72 -1.31
CA LEU E 42 -0.50 -41.65 -0.22
C LEU E 42 0.74 -41.69 0.67
N ARG E 43 0.53 -41.63 1.98
CA ARG E 43 1.60 -41.88 2.93
C ARG E 43 2.03 -43.34 2.87
N PRO E 44 3.27 -43.64 3.25
CA PRO E 44 3.69 -45.05 3.30
C PRO E 44 2.92 -45.83 4.35
N ASP E 45 2.52 -47.05 3.98
CA ASP E 45 1.67 -47.95 4.77
C ASP E 45 0.36 -47.26 5.16
N ILE E 46 -0.45 -46.97 4.14
CA ILE E 46 -1.67 -46.17 4.32
C ILE E 46 -2.71 -46.94 5.15
N GLY E 47 -2.86 -48.23 4.91
CA GLY E 47 -3.83 -49.01 5.65
C GLY E 47 -3.21 -50.07 6.51
N VAL E 48 -1.96 -49.85 6.94
CA VAL E 48 -1.22 -50.84 7.70
C VAL E 48 -0.91 -50.34 9.10
N LYS E 49 -0.16 -49.24 9.19
CA LYS E 49 0.29 -48.72 10.47
C LYS E 49 0.57 -47.23 10.31
N PRO E 50 0.58 -46.47 11.40
CA PRO E 50 0.96 -45.06 11.30
C PRO E 50 2.41 -44.87 10.89
N THR E 51 2.68 -43.74 10.25
CA THR E 51 4.02 -43.41 9.80
C THR E 51 4.79 -42.74 10.94
N LEU E 52 5.78 -43.44 11.47
CA LEU E 52 6.57 -42.94 12.59
C LEU E 52 7.64 -41.99 12.05
N ILE E 53 7.58 -40.73 12.47
CA ILE E 53 8.46 -39.69 11.97
C ILE E 53 9.33 -39.20 13.12
N HIS E 54 10.63 -39.37 12.99
CA HIS E 54 11.59 -38.90 13.98
C HIS E 54 12.01 -37.48 13.61
N THR E 55 11.64 -36.51 14.43
CA THR E 55 11.94 -35.12 14.14
C THR E 55 13.16 -34.68 14.91
N ASP E 56 13.77 -33.60 14.41
CA ASP E 56 15.01 -33.07 14.96
C ASP E 56 15.10 -31.61 14.57
N MET E 57 15.69 -30.80 15.43
CA MET E 57 15.76 -29.36 15.23
C MET E 57 17.13 -28.83 15.63
N TYR E 58 17.69 -27.98 14.78
CA TYR E 58 18.95 -27.30 15.06
C TYR E 58 18.70 -25.81 14.96
N VAL E 59 18.68 -25.13 16.10
CA VAL E 59 18.33 -23.71 16.15
C VAL E 59 19.54 -22.90 15.72
N ASN E 60 19.37 -22.13 14.64
CA ASN E 60 20.48 -21.29 14.12
C ASN E 60 20.65 -20.08 15.04
N SER E 61 19.61 -19.23 15.12
CA SER E 61 19.66 -18.04 16.00
C SER E 61 18.23 -17.64 16.40
N ILE E 62 17.94 -17.61 17.70
CA ILE E 62 16.61 -17.13 18.15
C ILE E 62 16.58 -15.61 17.96
N GLY E 63 15.57 -15.10 17.25
CA GLY E 63 15.52 -13.65 16.94
C GLY E 63 14.94 -12.81 18.06
N PRO E 64 14.51 -11.56 17.78
CA PRO E 64 13.99 -10.66 18.83
C PRO E 64 12.63 -11.10 19.33
N VAL E 65 12.46 -11.09 20.65
CA VAL E 65 11.17 -11.48 21.28
C VAL E 65 10.28 -10.24 21.37
N ASN E 66 9.55 -9.90 20.31
CA ASN E 66 8.62 -8.76 20.32
C ASN E 66 7.56 -9.01 21.38
N ALA E 67 7.24 -7.99 22.17
CA ALA E 67 6.26 -8.12 23.26
C ALA E 67 4.97 -7.40 22.85
N ILE E 68 5.13 -6.27 22.18
CA ILE E 68 3.95 -5.45 21.78
C ILE E 68 3.20 -6.23 20.71
N ASN E 69 3.81 -7.28 20.20
CA ASN E 69 3.10 -8.14 19.24
C ASN E 69 3.02 -9.55 19.85
N MET E 70 3.50 -9.72 21.08
CA MET E 70 3.50 -11.05 21.74
C MET E 70 3.97 -12.11 20.73
N GLU E 71 5.26 -12.14 20.41
CA GLU E 71 5.77 -13.08 19.36
C GLU E 71 7.28 -13.23 19.49
N TYR E 72 7.89 -14.11 18.70
CA TYR E 72 9.37 -14.26 18.67
C TYR E 72 9.78 -14.83 17.33
N THR E 73 10.97 -14.49 16.83
CA THR E 73 11.47 -15.07 15.60
C THR E 73 12.48 -16.16 15.92
N ILE E 74 12.43 -17.26 15.18
CA ILE E 74 13.36 -18.37 15.36
C ILE E 74 13.78 -18.88 13.99
N ASP E 75 15.07 -19.19 13.85
CA ASP E 75 15.65 -19.71 12.61
C ASP E 75 16.20 -21.09 12.90
N ILE E 76 15.69 -22.11 12.20
CA ILE E 76 15.99 -23.50 12.51
C ILE E 76 16.36 -24.25 11.24
N PHE E 77 16.92 -25.44 11.43
CA PHE E 77 17.09 -26.45 10.40
C PHE E 77 16.18 -27.61 10.79
N PHE E 78 14.93 -27.55 10.33
CA PHE E 78 13.94 -28.54 10.73
C PHE E 78 14.20 -29.86 10.00
N ALA E 79 14.47 -30.92 10.76
CA ALA E 79 14.79 -32.23 10.20
C ALA E 79 13.67 -33.21 10.51
N GLN E 80 13.45 -34.15 9.60
CA GLN E 80 12.43 -35.17 9.74
C GLN E 80 12.98 -36.49 9.22
N THR E 81 12.65 -37.58 9.89
CA THR E 81 13.15 -38.89 9.51
C THR E 81 12.04 -39.92 9.58
N TRP E 82 11.74 -40.55 8.45
CA TRP E 82 10.70 -41.58 8.42
C TRP E 82 11.15 -42.70 7.50
N TYR E 83 10.24 -43.61 7.18
CA TYR E 83 10.56 -44.78 6.37
C TYR E 83 9.56 -44.91 5.25
N ASP E 84 10.06 -45.22 4.04
CA ASP E 84 9.20 -45.49 2.87
C ASP E 84 9.80 -46.69 2.17
N ARG E 85 9.07 -47.80 2.15
CA ARG E 85 9.59 -49.04 1.58
C ARG E 85 9.48 -49.03 0.07
N ARG E 86 8.73 -48.08 -0.48
CA ARG E 86 8.76 -47.86 -1.92
C ARG E 86 10.10 -47.29 -2.37
N LEU E 87 10.77 -46.55 -1.50
CA LEU E 87 12.09 -45.99 -1.76
C LEU E 87 13.20 -46.92 -1.30
N LYS E 88 13.14 -48.18 -1.72
CA LYS E 88 14.10 -49.20 -1.33
C LYS E 88 14.82 -49.68 -2.58
N PHE E 89 16.15 -49.57 -2.57
CA PHE E 89 16.98 -49.97 -3.69
C PHE E 89 18.16 -50.80 -3.19
N ASN E 90 18.64 -51.73 -4.02
CA ASN E 90 19.85 -52.52 -3.67
C ASN E 90 20.98 -52.16 -4.64
N SER E 91 22.14 -51.73 -4.11
CA SER E 91 23.31 -51.35 -4.93
C SER E 91 24.51 -51.04 -4.02
N THR E 92 25.63 -50.61 -4.58
CA THR E 92 26.82 -50.24 -3.78
C THR E 92 26.54 -48.94 -3.06
N ILE E 93 26.05 -47.95 -3.80
CA ILE E 93 25.67 -46.65 -3.18
C ILE E 93 24.82 -46.98 -1.96
N LYS E 94 25.20 -46.44 -0.80
CA LYS E 94 24.47 -46.72 0.45
C LYS E 94 23.53 -45.56 0.76
N VAL E 95 23.87 -44.37 0.26
CA VAL E 95 23.09 -43.17 0.55
C VAL E 95 23.00 -42.36 -0.74
N LEU E 96 21.81 -41.82 -1.02
CA LEU E 96 21.57 -40.99 -2.20
C LEU E 96 21.41 -39.55 -1.73
N ARG E 97 22.50 -38.79 -1.71
CA ARG E 97 22.46 -37.39 -1.32
C ARG E 97 21.95 -36.54 -2.48
N LEU E 98 20.78 -35.92 -2.30
CA LEU E 98 20.02 -35.30 -3.38
C LEU E 98 19.62 -33.89 -2.98
N ASN E 99 19.21 -33.11 -3.98
CA ASN E 99 18.83 -31.71 -3.79
C ASN E 99 17.31 -31.59 -3.68
N SER E 100 16.80 -30.35 -3.72
CA SER E 100 15.38 -30.09 -3.52
C SER E 100 14.54 -30.37 -4.75
N ASN E 101 15.13 -30.80 -5.86
CA ASN E 101 14.38 -31.15 -7.05
C ASN E 101 13.46 -32.35 -6.80
N MET E 102 13.95 -33.33 -6.06
CA MET E 102 13.21 -34.57 -5.84
C MET E 102 12.31 -34.49 -4.57
N VAL E 103 12.27 -33.32 -3.92
CA VAL E 103 11.39 -33.13 -2.76
C VAL E 103 9.93 -33.23 -3.16
N GLY E 104 9.51 -32.55 -4.22
CA GLY E 104 8.12 -32.55 -4.60
C GLY E 104 7.62 -33.81 -5.29
N LYS E 105 8.52 -34.76 -5.56
CA LYS E 105 8.16 -35.99 -6.26
C LYS E 105 8.00 -37.18 -5.32
N ILE E 106 8.19 -36.99 -4.01
CA ILE E 106 7.95 -38.04 -3.02
C ILE E 106 6.97 -37.50 -1.99
N TRP E 107 6.51 -38.42 -1.13
CA TRP E 107 5.55 -38.05 -0.07
C TRP E 107 6.30 -37.38 1.07
N ILE E 108 5.94 -36.16 1.42
CA ILE E 108 6.59 -35.48 2.57
C ILE E 108 5.46 -35.11 3.54
N PRO E 109 5.58 -35.39 4.85
CA PRO E 109 4.57 -35.16 5.89
C PRO E 109 4.17 -33.70 5.96
N ASP E 110 2.92 -33.47 6.34
CA ASP E 110 2.35 -32.13 6.35
C ASP E 110 2.55 -31.44 7.71
N THR E 111 3.82 -31.33 8.10
CA THR E 111 4.17 -30.76 9.38
C THR E 111 4.01 -29.24 9.32
N PHE E 112 3.25 -28.69 10.26
CA PHE E 112 3.08 -27.26 10.37
C PHE E 112 3.21 -26.83 11.82
N PHE E 113 3.57 -25.56 12.01
CA PHE E 113 3.79 -25.02 13.33
C PHE E 113 2.52 -24.32 13.80
N ARG E 114 1.91 -24.85 14.86
CA ARG E 114 0.54 -24.49 15.22
C ARG E 114 0.41 -23.09 15.80
N ASN E 115 1.51 -22.49 16.27
CA ASN E 115 1.44 -21.15 16.83
C ASN E 115 2.34 -20.19 16.06
N SER E 116 2.47 -20.38 14.76
CA SER E 116 3.27 -19.52 13.90
C SER E 116 2.36 -18.49 13.24
N LYS E 117 2.61 -17.21 13.52
CA LYS E 117 1.80 -16.16 12.93
C LYS E 117 2.09 -16.00 11.44
N LYS E 118 3.36 -15.91 11.06
CA LYS E 118 3.77 -15.97 9.67
C LYS E 118 5.20 -16.47 9.63
N ALA E 119 5.48 -17.31 8.63
CA ALA E 119 6.78 -17.94 8.52
C ALA E 119 7.00 -18.40 7.09
N ASP E 120 8.26 -18.65 6.74
CA ASP E 120 8.59 -19.02 5.39
C ASP E 120 9.91 -19.77 5.35
N ALA E 121 10.09 -20.56 4.30
CA ALA E 121 11.38 -21.16 3.99
C ALA E 121 12.25 -20.16 3.24
N HIS E 122 13.43 -20.61 2.84
CA HIS E 122 14.40 -19.77 2.16
C HIS E 122 14.68 -20.34 0.77
N TRP E 123 14.79 -19.47 -0.23
CA TRP E 123 14.74 -19.89 -1.62
C TRP E 123 15.95 -19.41 -2.42
N ILE E 124 16.90 -18.74 -1.77
CA ILE E 124 18.04 -18.14 -2.46
C ILE E 124 19.30 -18.92 -2.10
N THR E 125 20.03 -19.38 -3.11
CA THR E 125 19.83 -19.21 -4.55
C THR E 125 19.00 -20.33 -5.14
N THR E 126 18.75 -21.34 -4.33
CA THR E 126 17.99 -22.55 -4.61
C THR E 126 17.11 -22.75 -3.39
N PRO E 127 15.97 -23.47 -3.53
CA PRO E 127 15.21 -23.87 -2.33
C PRO E 127 16.05 -24.61 -1.30
N ASN E 128 16.13 -24.03 -0.10
CA ASN E 128 17.04 -24.49 0.95
C ASN E 128 16.49 -25.76 1.60
N ARG E 129 16.62 -26.87 0.87
CA ARG E 129 16.07 -28.14 1.31
C ARG E 129 17.07 -29.26 1.01
N MET E 130 17.01 -30.30 1.83
CA MET E 130 17.91 -31.45 1.73
C MET E 130 17.07 -32.71 1.64
N LEU E 131 17.56 -33.71 0.90
CA LEU E 131 16.86 -34.97 0.76
C LEU E 131 17.91 -36.07 0.62
N ARG E 132 17.92 -37.01 1.56
CA ARG E 132 18.84 -38.14 1.53
C ARG E 132 18.07 -39.43 1.76
N ILE E 133 18.30 -40.41 0.89
CA ILE E 133 17.56 -41.68 0.91
C ILE E 133 18.56 -42.82 1.05
N TRP E 134 18.44 -43.60 2.12
CA TRP E 134 19.28 -44.77 2.34
C TRP E 134 18.75 -45.95 1.54
N ASN E 135 19.48 -47.06 1.58
CA ASN E 135 19.09 -48.21 0.78
C ASN E 135 18.00 -49.05 1.41
N ASP E 136 17.66 -48.82 2.68
CA ASP E 136 16.56 -49.53 3.31
C ASP E 136 15.24 -48.76 3.26
N GLY E 137 15.34 -47.43 3.11
CA GLY E 137 14.11 -46.62 2.98
C GLY E 137 14.10 -45.45 3.95
N ARG E 138 15.23 -45.19 4.62
CA ARG E 138 15.32 -44.01 5.52
C ARG E 138 15.20 -42.75 4.67
N VAL E 139 14.16 -41.94 4.92
CA VAL E 139 13.98 -40.67 4.16
C VAL E 139 14.31 -39.50 5.09
N LEU E 140 15.46 -38.86 4.87
CA LEU E 140 15.86 -37.70 5.72
C LEU E 140 15.57 -36.40 4.96
N TYR E 141 14.57 -35.63 5.43
CA TYR E 141 14.21 -34.35 4.78
C TYR E 141 14.53 -33.20 5.74
N THR E 142 15.43 -32.30 5.35
CA THR E 142 15.83 -31.17 6.22
C THR E 142 15.65 -29.85 5.45
N LEU E 143 14.95 -28.88 6.04
CA LEU E 143 14.75 -27.59 5.40
C LEU E 143 15.01 -26.48 6.40
N ARG E 144 15.19 -25.27 5.87
CA ARG E 144 15.57 -24.09 6.64
C ARG E 144 14.38 -23.14 6.75
N LEU E 145 13.97 -22.83 7.98
CA LEU E 145 12.76 -22.08 8.24
C LEU E 145 13.04 -20.89 9.14
N THR E 146 12.28 -19.82 8.95
CA THR E 146 12.32 -18.65 9.82
C THR E 146 10.90 -18.39 10.31
N ILE E 147 10.68 -18.61 11.61
CA ILE E 147 9.32 -18.71 12.15
C ILE E 147 9.08 -17.60 13.16
N ASP E 148 8.05 -16.80 12.91
CA ASP E 148 7.51 -15.87 13.91
C ASP E 148 6.46 -16.62 14.71
N ALA E 149 6.86 -17.12 15.86
CA ALA E 149 5.96 -17.93 16.67
C ALA E 149 5.26 -17.03 17.65
N GLU E 150 4.45 -17.59 18.55
CA GLU E 150 3.66 -16.75 19.47
C GLU E 150 3.86 -17.21 20.90
N CYS E 151 4.20 -16.30 21.82
CA CYS E 151 4.23 -16.71 23.25
C CYS E 151 3.62 -15.58 24.07
N GLN E 152 2.45 -15.83 24.68
CA GLN E 152 1.76 -14.77 25.44
C GLN E 152 2.66 -14.37 26.59
N LEU E 153 3.16 -13.13 26.58
CA LEU E 153 4.17 -12.76 27.61
C LEU E 153 3.44 -12.49 28.94
N GLN E 154 3.72 -13.32 29.95
CA GLN E 154 3.11 -13.08 31.28
C GLN E 154 3.31 -11.60 31.59
N LEU E 155 2.26 -10.80 31.48
CA LEU E 155 2.49 -9.34 31.66
C LEU E 155 2.45 -8.97 33.15
N HIS E 156 3.16 -9.71 34.02
CA HIS E 156 3.21 -9.29 35.40
C HIS E 156 4.67 -9.34 35.81
N ASN E 157 4.97 -8.66 36.92
CA ASN E 157 6.33 -8.53 37.48
C ASN E 157 7.28 -7.80 36.54
N PHE E 158 6.78 -7.12 35.53
CA PHE E 158 7.63 -6.43 34.55
C PHE E 158 8.27 -5.20 35.20
N PRO E 159 9.58 -4.98 34.99
CA PRO E 159 10.53 -5.70 34.14
C PRO E 159 11.39 -6.76 34.82
N MET E 160 11.00 -7.21 36.01
CA MET E 160 11.70 -8.31 36.68
C MET E 160 11.03 -9.64 36.39
N ASP E 161 10.83 -9.96 35.11
CA ASP E 161 10.03 -11.12 34.76
C ASP E 161 10.89 -12.16 34.07
N GLU E 162 10.28 -13.34 33.90
CA GLU E 162 10.92 -14.50 33.23
C GLU E 162 9.86 -15.19 32.36
N HIS E 163 10.21 -15.72 31.18
CA HIS E 163 9.18 -16.28 30.25
C HIS E 163 9.54 -17.64 29.66
N SER E 164 8.51 -18.35 29.21
CA SER E 164 8.73 -19.64 28.54
C SER E 164 7.97 -19.61 27.22
N CYS E 165 8.69 -19.58 26.11
CA CYS E 165 8.00 -19.42 24.81
C CYS E 165 7.96 -20.76 24.11
N PRO E 166 6.79 -21.19 23.59
CA PRO E 166 6.65 -22.48 22.97
C PRO E 166 6.78 -22.53 21.45
N LEU E 167 7.12 -23.70 20.93
CA LEU E 167 7.12 -23.88 19.48
C LEU E 167 6.43 -25.22 19.22
N GLU E 168 5.14 -25.17 18.93
CA GLU E 168 4.32 -26.37 18.79
C GLU E 168 4.17 -26.71 17.31
N PHE E 169 4.48 -27.94 16.95
CA PHE E 169 4.30 -28.39 15.57
C PHE E 169 3.60 -29.74 15.55
N SER E 170 2.82 -29.96 14.50
CA SER E 170 2.08 -31.19 14.32
C SER E 170 1.73 -31.34 12.85
N SER E 171 1.16 -32.48 12.51
CA SER E 171 0.62 -32.64 11.17
C SER E 171 -0.69 -31.88 11.03
N TYR E 172 -1.08 -31.59 9.79
CA TYR E 172 -2.34 -30.88 9.54
C TYR E 172 -3.49 -31.84 9.27
N GLY E 173 -3.32 -32.74 8.31
CA GLY E 173 -4.42 -33.58 7.89
C GLY E 173 -4.40 -34.99 8.43
N TYR E 174 -3.24 -35.47 8.84
CA TYR E 174 -3.10 -36.86 9.26
C TYR E 174 -3.24 -36.97 10.77
N PRO E 175 -4.22 -37.70 11.27
CA PRO E 175 -4.39 -37.84 12.72
C PRO E 175 -3.39 -38.78 13.38
N ARG E 176 -3.62 -39.08 14.67
CA ARG E 176 -2.75 -39.96 15.44
C ARG E 176 -2.71 -41.38 14.87
N GLU E 177 -3.77 -41.81 14.20
CA GLU E 177 -3.78 -43.15 13.63
C GLU E 177 -3.06 -43.23 12.30
N GLU E 178 -2.54 -42.13 11.77
CA GLU E 178 -1.87 -42.12 10.48
C GLU E 178 -0.45 -41.57 10.52
N ILE E 179 -0.20 -40.53 11.31
CA ILE E 179 1.16 -40.04 11.53
C ILE E 179 1.39 -39.92 13.03
N VAL E 180 2.44 -40.57 13.51
CA VAL E 180 2.88 -40.48 14.90
C VAL E 180 4.26 -39.83 14.89
N TYR E 181 4.41 -38.72 15.60
CA TYR E 181 5.70 -38.09 15.76
C TYR E 181 6.40 -38.64 17.00
N GLN E 182 7.70 -38.89 16.87
CA GLN E 182 8.51 -39.31 18.02
C GLN E 182 9.77 -38.47 18.02
N TRP E 183 10.17 -37.96 19.18
CA TRP E 183 11.39 -37.19 19.25
C TRP E 183 12.61 -38.10 19.14
N LYS E 184 13.55 -37.72 18.30
CA LYS E 184 14.84 -38.39 18.24
C LYS E 184 15.62 -38.01 19.49
N ARG E 185 16.59 -38.87 19.87
CA ARG E 185 17.33 -38.70 21.12
C ARG E 185 18.59 -37.87 20.87
N SER E 186 18.44 -36.96 19.90
CA SER E 186 19.47 -35.92 19.60
C SER E 186 18.57 -34.75 19.21
N SER E 187 17.44 -34.56 19.92
CA SER E 187 16.38 -33.60 19.53
C SER E 187 16.83 -32.14 19.35
N VAL E 188 17.44 -31.50 20.35
CA VAL E 188 17.71 -30.05 20.19
C VAL E 188 19.19 -29.73 20.45
N GLU E 189 19.74 -28.76 19.70
CA GLU E 189 21.14 -28.33 19.90
C GLU E 189 21.25 -26.85 19.50
N VAL E 190 21.16 -25.94 20.47
CA VAL E 190 21.35 -24.48 20.16
C VAL E 190 22.69 -24.35 19.44
N GLY E 191 22.78 -23.41 18.50
CA GLY E 191 24.05 -23.18 17.76
C GLY E 191 25.12 -22.60 18.67
N ASP E 192 25.01 -21.32 19.04
CA ASP E 192 26.07 -20.66 19.85
C ASP E 192 25.44 -19.88 21.01
N THR E 193 24.22 -19.36 20.84
CA THR E 193 23.58 -18.51 21.88
C THR E 193 24.53 -17.35 22.21
N ARG E 194 25.31 -16.90 21.23
CA ARG E 194 26.25 -15.77 21.44
C ARG E 194 25.87 -14.63 20.50
N SER E 195 25.68 -14.95 19.21
CA SER E 195 25.27 -13.91 18.22
C SER E 195 23.73 -13.78 18.24
N TRP E 196 23.07 -14.55 19.11
CA TRP E 196 21.58 -14.51 19.17
C TRP E 196 21.10 -13.08 19.42
N ARG E 197 20.07 -12.65 18.69
CA ARG E 197 19.56 -11.29 18.82
C ARG E 197 18.72 -11.08 20.08
N LEU E 198 18.90 -11.91 21.10
CA LEU E 198 18.24 -11.69 22.38
C LEU E 198 18.96 -10.60 23.15
N TYR E 199 18.49 -9.36 23.02
CA TYR E 199 19.16 -8.23 23.67
C TYR E 199 18.76 -8.14 25.13
N GLN E 200 17.46 -7.98 25.40
CA GLN E 200 17.00 -7.82 26.77
C GLN E 200 16.72 -9.16 27.43
N PHE E 201 16.80 -10.24 26.66
CA PHE E 201 16.54 -11.58 27.16
C PHE E 201 17.82 -12.40 27.17
N SER E 202 17.79 -13.52 27.88
CA SER E 202 18.91 -14.45 27.93
C SER E 202 18.38 -15.87 27.85
N PHE E 203 19.00 -16.69 27.03
CA PHE E 203 18.54 -18.05 26.81
C PHE E 203 18.92 -18.92 28.00
N VAL E 204 17.93 -19.36 28.76
CA VAL E 204 18.20 -20.14 29.97
C VAL E 204 18.29 -21.62 29.66
N GLY E 205 17.25 -22.19 29.04
CA GLY E 205 17.23 -23.61 28.78
C GLY E 205 16.08 -23.97 27.86
N LEU E 206 15.89 -25.27 27.68
CA LEU E 206 14.86 -25.78 26.79
C LEU E 206 14.40 -27.16 27.26
N ARG E 207 13.24 -27.58 26.73
CA ARG E 207 12.67 -28.90 27.09
C ARG E 207 11.81 -29.38 25.93
N ASN E 208 12.22 -30.45 25.24
CA ASN E 208 11.40 -31.00 24.13
C ASN E 208 10.21 -31.75 24.74
N THR E 209 8.99 -31.48 24.25
CA THR E 209 7.77 -32.10 24.84
C THR E 209 6.85 -32.60 23.72
N THR E 210 5.95 -33.53 24.03
CA THR E 210 4.97 -34.04 23.03
C THR E 210 3.63 -34.31 23.72
N GLU E 211 2.53 -34.25 22.97
CA GLU E 211 1.17 -34.50 23.53
C GLU E 211 0.20 -34.79 22.38
N VAL E 212 -1.03 -35.18 22.71
CA VAL E 212 -2.06 -35.45 21.65
C VAL E 212 -3.23 -34.46 21.83
N VAL E 213 -3.53 -33.67 20.80
CA VAL E 213 -4.64 -32.68 20.87
C VAL E 213 -5.91 -33.31 20.28
N LYS E 214 -7.08 -32.90 20.75
CA LYS E 214 -8.36 -33.41 20.21
C LYS E 214 -9.09 -32.27 19.49
N THR E 215 -9.09 -32.28 18.16
CA THR E 215 -9.72 -31.23 17.38
C THR E 215 -11.04 -31.76 16.82
N THR E 216 -11.65 -30.97 15.93
CA THR E 216 -12.91 -31.39 15.33
C THR E 216 -12.74 -32.38 14.20
N SER E 217 -11.50 -32.65 13.76
CA SER E 217 -11.25 -33.59 12.69
C SER E 217 -10.44 -34.80 13.10
N GLY E 218 -10.14 -34.97 14.37
CA GLY E 218 -9.44 -36.14 14.84
C GLY E 218 -8.53 -35.80 16.00
N ASP E 219 -7.67 -36.77 16.33
CA ASP E 219 -6.67 -36.63 17.39
C ASP E 219 -5.29 -36.51 16.76
N TYR E 220 -4.54 -35.49 17.15
CA TYR E 220 -3.26 -35.17 16.53
C TYR E 220 -2.16 -35.15 17.57
N VAL E 221 -1.00 -35.70 17.21
CA VAL E 221 0.18 -35.67 18.07
C VAL E 221 0.86 -34.33 17.89
N VAL E 222 0.98 -33.58 18.97
CA VAL E 222 1.52 -32.22 18.95
C VAL E 222 2.81 -32.21 19.76
N MET E 223 3.88 -31.69 19.16
CA MET E 223 5.17 -31.62 19.80
C MET E 223 5.55 -30.17 20.06
N SER E 224 5.81 -29.85 21.32
CA SER E 224 6.12 -28.49 21.74
C SER E 224 7.56 -28.43 22.22
N VAL E 225 8.23 -27.34 21.88
CA VAL E 225 9.56 -27.02 22.39
C VAL E 225 9.45 -25.71 23.15
N TYR E 226 9.58 -25.83 24.46
CA TYR E 226 9.46 -24.62 25.31
C TYR E 226 10.86 -24.01 25.46
N PHE E 227 11.03 -22.78 25.01
CA PHE E 227 12.35 -22.10 25.09
C PHE E 227 12.32 -21.19 26.33
N ASP E 228 13.20 -21.44 27.30
CA ASP E 228 13.12 -20.66 28.56
C ASP E 228 13.92 -19.37 28.45
N LEU E 229 13.30 -18.23 28.74
CA LEU E 229 13.97 -16.93 28.62
C LEU E 229 13.68 -16.09 29.84
N SER E 230 14.68 -15.34 30.28
CA SER E 230 14.55 -14.44 31.42
C SER E 230 15.05 -13.06 31.03
N ARG E 231 14.36 -12.03 31.50
CA ARG E 231 14.74 -10.65 31.17
C ARG E 231 15.98 -10.25 31.95
N ARG E 232 16.96 -9.68 31.26
CA ARG E 232 18.21 -9.27 31.86
C ARG E 232 18.08 -7.88 32.47
N ASN F 1 -36.02 14.92 -14.45
CA ASN F 1 -35.33 14.27 -15.55
C ASN F 1 -34.28 15.21 -16.16
N ILE F 2 -33.67 14.76 -17.25
CA ILE F 2 -32.74 15.57 -18.03
C ILE F 2 -33.56 16.33 -19.06
N VAL F 3 -33.49 17.65 -19.05
CA VAL F 3 -34.29 18.49 -19.91
C VAL F 3 -33.38 19.07 -21.00
N MET F 4 -33.69 18.78 -22.25
CA MET F 4 -32.97 19.32 -23.39
C MET F 4 -33.65 20.59 -23.85
N THR F 5 -32.88 21.69 -23.93
CA THR F 5 -33.43 23.01 -24.20
C THR F 5 -32.76 23.65 -25.41
N GLN F 6 -32.72 22.94 -26.53
CA GLN F 6 -32.01 23.43 -27.71
C GLN F 6 -32.69 24.67 -28.30
N SER F 7 -31.86 25.62 -28.71
CA SER F 7 -32.26 26.94 -29.20
C SER F 7 -31.53 27.22 -30.52
N PRO F 8 -32.15 28.00 -31.42
CA PRO F 8 -33.49 28.60 -31.40
C PRO F 8 -34.51 27.70 -32.08
N LYS F 9 -35.70 28.21 -32.39
CA LYS F 9 -36.69 27.37 -33.06
C LYS F 9 -36.35 27.15 -34.53
N SER F 10 -35.94 28.21 -35.22
CA SER F 10 -35.70 28.12 -36.66
C SER F 10 -34.68 29.18 -37.06
N MET F 11 -33.85 28.82 -38.04
CA MET F 11 -32.84 29.71 -38.59
C MET F 11 -33.05 29.84 -40.09
N SER F 12 -33.04 31.09 -40.59
CA SER F 12 -33.36 31.39 -41.98
C SER F 12 -32.18 32.11 -42.61
N MET F 13 -31.27 31.35 -43.21
CA MET F 13 -30.14 31.91 -43.94
C MET F 13 -30.05 31.26 -45.31
N SER F 14 -29.06 31.70 -46.10
CA SER F 14 -28.90 31.27 -47.47
C SER F 14 -27.97 30.05 -47.55
N VAL F 15 -27.53 29.71 -48.76
CA VAL F 15 -26.71 28.54 -49.01
C VAL F 15 -25.26 28.99 -49.21
N GLY F 16 -24.36 28.42 -48.43
CA GLY F 16 -22.95 28.63 -48.60
C GLY F 16 -22.22 29.32 -47.46
N GLU F 17 -22.77 29.31 -46.25
CA GLU F 17 -22.17 29.99 -45.11
C GLU F 17 -22.23 29.09 -43.89
N ARG F 18 -21.54 29.53 -42.83
CA ARG F 18 -21.45 28.75 -41.60
C ARG F 18 -22.65 29.04 -40.71
N VAL F 19 -23.28 27.98 -40.23
CA VAL F 19 -24.40 28.08 -39.30
C VAL F 19 -24.19 27.07 -38.16
N THR F 20 -24.42 27.53 -36.93
CA THR F 20 -24.23 26.70 -35.75
C THR F 20 -25.55 26.55 -35.01
N LEU F 21 -25.66 25.47 -34.26
CA LEU F 21 -26.79 25.18 -33.40
C LEU F 21 -26.32 25.16 -31.95
N SER F 22 -27.24 24.83 -31.04
CA SER F 22 -26.91 24.77 -29.63
C SER F 22 -27.89 23.84 -28.93
N CYS F 23 -27.40 23.14 -27.91
CA CYS F 23 -28.24 22.29 -27.07
C CYS F 23 -27.71 22.34 -25.65
N LYS F 24 -28.50 22.91 -24.74
CA LYS F 24 -28.12 23.04 -23.34
C LYS F 24 -28.81 21.95 -22.53
N ALA F 25 -28.06 21.33 -21.63
CA ALA F 25 -28.57 20.28 -20.76
C ALA F 25 -28.83 20.83 -19.37
N SER F 26 -29.89 20.33 -18.73
CA SER F 26 -30.22 20.78 -17.38
C SER F 26 -29.25 20.19 -16.36
N GLU F 27 -28.91 18.92 -16.50
CA GLU F 27 -27.97 18.22 -15.63
C GLU F 27 -26.84 17.67 -16.49
N TYR F 28 -25.93 16.93 -15.87
CA TYR F 28 -24.76 16.40 -16.57
C TYR F 28 -25.17 15.31 -17.54
N VAL F 29 -24.87 15.51 -18.81
CA VAL F 29 -24.76 14.42 -19.78
C VAL F 29 -23.37 14.50 -20.39
N GLY F 30 -22.56 13.48 -20.17
CA GLY F 30 -21.17 13.60 -20.54
C GLY F 30 -20.81 12.93 -21.86
N THR F 31 -20.78 13.71 -22.93
CA THR F 31 -20.48 13.24 -24.30
C THR F 31 -21.38 12.07 -24.70
N TYR F 32 -22.67 12.18 -24.35
CA TYR F 32 -23.64 11.14 -24.67
C TYR F 32 -24.83 11.69 -25.45
N VAL F 33 -24.71 12.90 -25.99
CA VAL F 33 -25.78 13.51 -26.77
C VAL F 33 -25.77 12.97 -28.17
N SER F 34 -26.81 13.25 -28.94
CA SER F 34 -26.85 12.82 -30.33
C SER F 34 -27.66 13.81 -31.13
N TRP F 35 -27.37 13.86 -32.43
CA TRP F 35 -28.01 14.79 -33.34
C TRP F 35 -28.65 14.02 -34.49
N TYR F 36 -29.91 14.31 -34.77
CA TYR F 36 -30.65 13.65 -35.84
C TYR F 36 -31.28 14.70 -36.73
N GLN F 37 -31.39 14.38 -38.02
CA GLN F 37 -32.10 15.24 -38.95
C GLN F 37 -33.48 14.67 -39.24
N GLN F 38 -34.41 15.56 -39.56
CA GLN F 38 -35.81 15.21 -39.76
C GLN F 38 -36.28 15.91 -41.04
N LYS F 39 -36.16 15.22 -42.17
CA LYS F 39 -36.74 15.72 -43.40
C LYS F 39 -38.26 15.61 -43.34
N PRO F 40 -38.97 16.42 -44.13
CA PRO F 40 -40.43 16.24 -44.22
C PRO F 40 -40.79 14.89 -44.82
N GLU F 41 -41.71 14.19 -44.14
CA GLU F 41 -42.17 12.84 -44.49
C GLU F 41 -41.01 11.84 -44.56
N GLN F 42 -40.24 11.77 -43.47
CA GLN F 42 -39.04 10.95 -43.43
C GLN F 42 -38.74 10.57 -41.98
N SER F 43 -38.24 9.35 -41.79
CA SER F 43 -37.78 8.94 -40.47
C SER F 43 -36.48 9.65 -40.12
N PRO F 44 -36.19 9.82 -38.82
CA PRO F 44 -34.91 10.44 -38.44
C PRO F 44 -33.71 9.58 -38.79
N LYS F 45 -32.62 10.26 -39.13
CA LYS F 45 -31.34 9.62 -39.41
C LYS F 45 -30.31 10.18 -38.44
N LEU F 46 -29.43 9.30 -37.95
CA LEU F 46 -28.41 9.73 -36.99
C LEU F 46 -27.33 10.52 -37.70
N LEU F 47 -26.84 11.58 -37.04
CA LEU F 47 -25.74 12.35 -37.59
C LEU F 47 -24.50 12.26 -36.71
N ILE F 48 -24.61 12.61 -35.43
CA ILE F 48 -23.49 12.62 -34.51
C ILE F 48 -23.84 11.72 -33.34
N TYR F 49 -22.91 10.84 -32.96
CA TYR F 49 -22.98 10.11 -31.71
C TYR F 49 -21.85 10.57 -30.81
N GLY F 50 -21.88 10.14 -29.55
CA GLY F 50 -20.91 10.60 -28.59
C GLY F 50 -21.11 12.06 -28.25
N ALA F 51 -20.12 12.90 -28.51
CA ALA F 51 -20.30 14.35 -28.54
C ALA F 51 -20.00 14.91 -29.92
N SER F 52 -18.82 14.59 -30.46
CA SER F 52 -18.46 14.95 -31.83
C SER F 52 -17.82 13.72 -32.46
N ASN F 53 -18.66 12.84 -33.00
CA ASN F 53 -18.22 11.67 -33.74
C ASN F 53 -19.06 11.59 -35.01
N ARG F 54 -18.40 11.67 -36.15
CA ARG F 54 -19.11 11.64 -37.43
C ARG F 54 -19.54 10.22 -37.74
N TYR F 55 -20.84 10.04 -37.97
CA TYR F 55 -21.37 8.73 -38.36
C TYR F 55 -21.00 8.43 -39.82
N THR F 56 -21.12 7.16 -40.19
CA THR F 56 -20.80 6.73 -41.55
C THR F 56 -21.85 7.26 -42.53
N GLY F 57 -21.37 7.81 -43.65
CA GLY F 57 -22.23 8.44 -44.62
C GLY F 57 -22.48 9.91 -44.38
N VAL F 58 -22.11 10.43 -43.22
CA VAL F 58 -22.25 11.86 -42.95
C VAL F 58 -21.12 12.60 -43.66
N PRO F 59 -21.44 13.68 -44.40
CA PRO F 59 -20.37 14.48 -45.03
C PRO F 59 -19.52 15.19 -43.99
N ASP F 60 -18.33 15.60 -44.44
CA ASP F 60 -17.32 16.16 -43.54
C ASP F 60 -17.69 17.56 -43.04
N ARG F 61 -18.67 18.21 -43.67
CA ARG F 61 -19.07 19.56 -43.25
C ARG F 61 -19.80 19.57 -41.92
N PHE F 62 -20.32 18.43 -41.47
CA PHE F 62 -21.12 18.36 -40.25
C PHE F 62 -20.16 18.10 -39.08
N THR F 63 -19.82 19.15 -38.34
CA THR F 63 -18.87 19.06 -37.24
C THR F 63 -19.56 19.44 -35.95
N GLY F 64 -19.75 18.47 -35.06
CA GLY F 64 -20.29 18.70 -33.74
C GLY F 64 -19.21 19.11 -32.77
N SER F 65 -19.65 19.47 -31.57
CA SER F 65 -18.75 19.82 -30.48
C SER F 65 -19.49 19.61 -29.17
N GLY F 66 -18.74 19.22 -28.14
CA GLY F 66 -19.36 18.82 -26.89
C GLY F 66 -18.55 19.22 -25.68
N SER F 67 -19.21 19.12 -24.53
CA SER F 67 -18.62 19.45 -23.24
C SER F 67 -19.43 18.69 -22.18
N ALA F 68 -19.30 19.11 -20.91
CA ALA F 68 -20.07 18.46 -19.85
C ALA F 68 -21.53 18.88 -19.89
N THR F 69 -21.81 20.14 -20.21
CA THR F 69 -23.19 20.63 -20.18
C THR F 69 -23.60 21.35 -21.46
N ASP F 70 -22.71 22.14 -22.05
CA ASP F 70 -23.03 22.91 -23.25
C ASP F 70 -22.63 22.14 -24.50
N PHE F 71 -23.56 22.06 -25.45
CA PHE F 71 -23.34 21.32 -26.69
C PHE F 71 -23.75 22.18 -27.88
N THR F 72 -23.11 21.92 -29.02
CA THR F 72 -23.37 22.67 -30.23
C THR F 72 -23.08 21.81 -31.45
N LEU F 73 -23.67 22.21 -32.58
CA LEU F 73 -23.44 21.54 -33.86
C LEU F 73 -23.20 22.62 -34.91
N THR F 74 -22.01 22.61 -35.51
CA THR F 74 -21.61 23.62 -36.48
C THR F 74 -21.67 23.03 -37.88
N ILE F 75 -22.28 23.77 -38.80
CA ILE F 75 -22.40 23.37 -40.19
C ILE F 75 -21.57 24.33 -41.04
N GLY F 76 -20.66 23.79 -41.84
CA GLY F 76 -19.85 24.61 -42.72
C GLY F 76 -20.31 24.53 -44.16
N SER F 77 -20.74 25.68 -44.72
CA SER F 77 -21.25 25.82 -46.07
C SER F 77 -22.45 24.89 -46.31
N VAL F 78 -23.54 25.20 -45.61
CA VAL F 78 -24.77 24.43 -45.70
C VAL F 78 -25.38 24.60 -47.09
N GLN F 79 -25.82 23.50 -47.69
CA GLN F 79 -26.36 23.48 -49.02
C GLN F 79 -27.90 23.43 -48.97
N ALA F 80 -28.51 23.35 -50.17
CA ALA F 80 -29.96 23.38 -50.25
C ALA F 80 -30.59 22.05 -49.85
N GLU F 81 -29.86 20.94 -49.99
CA GLU F 81 -30.40 19.64 -49.66
C GLU F 81 -30.36 19.34 -48.16
N ASP F 82 -29.76 20.22 -47.35
CA ASP F 82 -29.72 20.08 -45.91
C ASP F 82 -30.88 20.79 -45.23
N LEU F 83 -31.84 21.31 -46.00
CA LEU F 83 -32.97 22.07 -45.46
C LEU F 83 -33.96 21.15 -44.76
N ALA F 84 -33.65 20.76 -43.52
CA ALA F 84 -34.49 19.85 -42.76
C ALA F 84 -34.55 20.36 -41.32
N ASP F 85 -35.11 19.53 -40.44
CA ASP F 85 -35.24 19.84 -39.02
C ASP F 85 -34.29 18.97 -38.21
N TYR F 86 -33.63 19.59 -37.23
CA TYR F 86 -32.58 18.92 -36.47
C TYR F 86 -33.01 18.72 -35.03
N HIS F 87 -32.71 17.54 -34.48
CA HIS F 87 -33.14 17.15 -33.14
C HIS F 87 -31.91 16.87 -32.29
N CYS F 88 -31.99 17.18 -31.01
CA CYS F 88 -30.92 16.93 -30.05
C CYS F 88 -31.43 15.98 -28.98
N GLY F 89 -30.68 14.89 -28.76
CA GLY F 89 -31.04 13.90 -27.77
C GLY F 89 -29.97 13.74 -26.71
N GLN F 90 -30.23 12.82 -25.78
CA GLN F 90 -29.24 12.40 -24.79
C GLN F 90 -29.55 10.98 -24.39
N SER F 91 -28.53 10.26 -23.92
CA SER F 91 -28.76 8.93 -23.39
C SER F 91 -27.86 8.60 -22.19
N TYR F 92 -27.36 9.61 -21.48
CA TYR F 92 -26.64 9.35 -20.24
C TYR F 92 -27.58 8.80 -19.18
N SER F 93 -28.84 9.23 -19.21
CA SER F 93 -29.91 8.68 -18.39
C SER F 93 -30.92 8.09 -19.36
N TYR F 94 -32.13 7.81 -18.90
CA TYR F 94 -33.22 7.45 -19.80
C TYR F 94 -33.42 8.55 -20.83
N PRO F 95 -33.60 8.22 -22.10
CA PRO F 95 -33.42 9.21 -23.16
C PRO F 95 -34.54 10.23 -23.24
N THR F 96 -34.14 11.49 -23.40
CA THR F 96 -35.04 12.60 -23.65
C THR F 96 -34.62 13.27 -24.95
N PHE F 97 -35.31 14.35 -25.30
CA PHE F 97 -35.08 15.01 -26.58
C PHE F 97 -35.34 16.51 -26.43
N GLY F 98 -34.89 17.27 -27.42
CA GLY F 98 -35.14 18.69 -27.49
C GLY F 98 -36.38 19.00 -28.29
N ALA F 99 -36.63 20.31 -28.45
CA ALA F 99 -37.79 20.76 -29.20
C ALA F 99 -37.59 20.58 -30.70
N GLY F 100 -36.48 21.07 -31.23
CA GLY F 100 -36.16 20.92 -32.63
C GLY F 100 -35.78 22.23 -33.29
N THR F 101 -34.68 22.23 -34.04
CA THR F 101 -34.23 23.40 -34.78
C THR F 101 -34.48 23.13 -36.27
N LYS F 102 -35.16 24.05 -36.92
CA LYS F 102 -35.44 23.94 -38.35
C LYS F 102 -34.49 24.84 -39.14
N LEU F 103 -34.54 24.69 -40.46
CA LEU F 103 -33.76 25.53 -41.35
C LEU F 103 -34.69 26.13 -42.40
N GLU F 104 -34.41 27.38 -42.79
CA GLU F 104 -35.21 28.07 -43.79
C GLU F 104 -34.28 28.85 -44.71
N LEU F 105 -34.82 29.28 -45.84
CA LEU F 105 -34.06 30.07 -46.81
C LEU F 105 -34.07 31.55 -46.45
N VAL G 2 -30.28 -4.92 -40.34
CA VAL G 2 -29.91 -3.65 -40.93
C VAL G 2 -31.13 -2.88 -41.39
N GLN G 3 -32.30 -3.52 -41.32
CA GLN G 3 -33.56 -2.91 -41.71
C GLN G 3 -34.59 -3.15 -40.62
N LEU G 4 -35.30 -2.10 -40.23
CA LEU G 4 -36.37 -2.17 -39.25
C LEU G 4 -37.68 -1.85 -39.95
N GLN G 5 -38.50 -2.88 -40.19
CA GLN G 5 -39.74 -2.73 -40.93
C GLN G 5 -40.93 -2.75 -39.97
N GLN G 6 -41.78 -1.73 -40.06
CA GLN G 6 -42.89 -1.57 -39.15
C GLN G 6 -44.19 -2.03 -39.81
N SER G 7 -45.30 -1.82 -39.11
CA SER G 7 -46.62 -2.18 -39.60
C SER G 7 -47.19 -1.06 -40.47
N GLY G 8 -48.49 -1.15 -40.77
CA GLY G 8 -49.15 -0.11 -41.54
C GLY G 8 -49.78 0.95 -40.65
N ALA G 9 -50.40 1.93 -41.30
CA ALA G 9 -51.08 3.00 -40.59
C ALA G 9 -52.36 2.48 -39.93
N GLU G 10 -52.70 3.05 -38.78
CA GLU G 10 -53.85 2.62 -38.00
C GLU G 10 -54.83 3.76 -37.81
N LEU G 11 -56.12 3.43 -37.86
CA LEU G 11 -57.20 4.38 -37.63
C LEU G 11 -58.25 3.68 -36.80
N VAL G 12 -58.33 4.03 -35.51
CA VAL G 12 -59.27 3.44 -34.58
C VAL G 12 -60.02 4.56 -33.86
N LYS G 13 -61.17 4.20 -33.29
CA LYS G 13 -61.93 5.14 -32.47
C LYS G 13 -61.21 5.40 -31.15
N PRO G 14 -61.41 6.58 -30.54
CA PRO G 14 -60.85 6.82 -29.21
C PRO G 14 -61.45 5.92 -28.16
N GLY G 15 -60.62 5.56 -27.18
CA GLY G 15 -61.01 4.66 -26.11
C GLY G 15 -60.75 3.19 -26.36
N ALA G 16 -60.36 2.82 -27.58
CA ALA G 16 -60.11 1.44 -27.93
C ALA G 16 -58.64 1.09 -27.70
N SER G 17 -58.21 -0.06 -28.22
CA SER G 17 -56.83 -0.50 -28.13
C SER G 17 -56.31 -0.81 -29.52
N VAL G 18 -55.01 -0.58 -29.72
CA VAL G 18 -54.35 -0.81 -31.00
C VAL G 18 -53.06 -1.56 -30.76
N LYS G 19 -52.82 -2.59 -31.58
CA LYS G 19 -51.59 -3.35 -31.55
C LYS G 19 -50.65 -2.79 -32.61
N LEU G 20 -49.41 -2.50 -32.22
CA LEU G 20 -48.46 -1.85 -33.10
C LEU G 20 -47.11 -2.56 -32.97
N SER G 21 -46.43 -2.75 -34.09
CA SER G 21 -45.33 -3.71 -34.11
C SER G 21 -44.26 -3.28 -35.12
N CYS G 22 -43.06 -3.82 -34.92
CA CYS G 22 -41.99 -3.70 -35.90
C CYS G 22 -41.06 -4.90 -35.80
N THR G 23 -40.66 -5.41 -36.96
CA THR G 23 -39.83 -6.60 -37.07
C THR G 23 -38.42 -6.19 -37.47
N ALA G 24 -37.43 -6.66 -36.72
CA ALA G 24 -36.04 -6.29 -36.96
C ALA G 24 -35.33 -7.39 -37.72
N SER G 25 -34.59 -7.01 -38.75
CA SER G 25 -33.92 -7.94 -39.64
C SER G 25 -32.46 -7.56 -39.81
N GLY G 26 -31.65 -8.56 -40.16
CA GLY G 26 -30.22 -8.38 -40.34
C GLY G 26 -29.39 -8.58 -39.10
N PHE G 27 -30.03 -8.78 -37.95
CA PHE G 27 -29.34 -8.95 -36.67
C PHE G 27 -30.30 -9.67 -35.73
N ASN G 28 -29.95 -9.70 -34.44
CA ASN G 28 -30.83 -10.22 -33.41
C ASN G 28 -31.08 -9.15 -32.35
N ILE G 29 -32.30 -9.11 -31.83
CA ILE G 29 -32.68 -8.08 -30.87
C ILE G 29 -32.21 -8.40 -29.46
N LYS G 30 -31.67 -9.59 -29.23
CA LYS G 30 -31.15 -9.94 -27.90
C LYS G 30 -29.91 -9.16 -27.54
N ASP G 31 -29.15 -8.69 -28.53
CA ASP G 31 -27.92 -7.95 -28.26
C ASP G 31 -28.21 -6.53 -27.81
N THR G 32 -28.89 -5.75 -28.64
CA THR G 32 -29.09 -4.33 -28.43
C THR G 32 -30.44 -4.05 -27.79
N TYR G 33 -30.52 -2.90 -27.12
CA TYR G 33 -31.77 -2.44 -26.54
C TYR G 33 -32.72 -1.96 -27.62
N MET G 34 -34.01 -2.04 -27.35
CA MET G 34 -35.05 -1.59 -28.25
C MET G 34 -35.79 -0.42 -27.62
N TYR G 35 -35.89 0.68 -28.36
CA TYR G 35 -36.46 1.92 -27.86
C TYR G 35 -37.73 2.22 -28.65
N TRP G 36 -38.72 2.81 -27.98
CA TRP G 36 -39.91 3.32 -28.64
C TRP G 36 -40.01 4.81 -28.42
N VAL G 37 -40.49 5.55 -29.42
CA VAL G 37 -40.48 7.00 -29.40
C VAL G 37 -41.75 7.52 -30.08
N LYS G 38 -42.23 8.68 -29.62
CA LYS G 38 -43.46 9.28 -30.11
C LYS G 38 -43.15 10.62 -30.76
N GLN G 39 -43.62 10.80 -31.99
CA GLN G 39 -43.43 12.06 -32.72
C GLN G 39 -44.81 12.63 -33.03
N ARG G 40 -45.20 13.65 -32.26
CA ARG G 40 -46.41 14.39 -32.58
C ARG G 40 -46.16 15.27 -33.81
N PRO G 41 -47.19 15.55 -34.60
CA PRO G 41 -47.00 16.46 -35.74
C PRO G 41 -46.64 17.88 -35.31
N GLU G 42 -45.62 18.43 -35.97
CA GLU G 42 -45.04 19.75 -35.69
C GLU G 42 -44.58 19.87 -34.23
N GLN G 43 -44.01 18.79 -33.70
CA GLN G 43 -43.49 18.76 -32.34
C GLN G 43 -42.19 17.97 -32.34
N GLY G 44 -41.53 17.94 -31.18
CA GLY G 44 -40.32 17.16 -31.02
C GLY G 44 -40.60 15.71 -30.67
N LEU G 45 -39.53 14.94 -30.54
CA LEU G 45 -39.65 13.53 -30.24
C LEU G 45 -39.86 13.32 -28.74
N GLU G 46 -40.70 12.34 -28.40
CA GLU G 46 -40.95 11.96 -27.02
C GLU G 46 -40.70 10.47 -26.86
N TRP G 47 -39.79 10.11 -25.97
CA TRP G 47 -39.43 8.72 -25.77
C TRP G 47 -40.54 7.99 -25.01
N ILE G 48 -40.92 6.82 -25.52
CA ILE G 48 -42.02 6.05 -24.94
C ILE G 48 -41.48 5.19 -23.80
N GLY G 49 -40.56 4.29 -24.11
CA GLY G 49 -40.10 3.34 -23.11
C GLY G 49 -38.92 2.53 -23.62
N ARG G 50 -38.53 1.57 -22.78
CA ARG G 50 -37.34 0.75 -22.99
C ARG G 50 -37.74 -0.71 -22.82
N ILE G 51 -37.03 -1.60 -23.51
CA ILE G 51 -37.17 -3.03 -23.29
C ILE G 51 -35.83 -3.70 -23.56
N ASP G 52 -35.44 -4.61 -22.68
CA ASP G 52 -34.25 -5.44 -22.87
C ASP G 52 -34.72 -6.83 -23.26
N PRO G 53 -34.64 -7.21 -24.54
CA PRO G 53 -35.22 -8.49 -24.97
C PRO G 53 -34.49 -9.71 -24.44
N ALA G 54 -33.20 -9.61 -24.13
CA ALA G 54 -32.48 -10.74 -23.54
C ALA G 54 -32.87 -10.96 -22.09
N ASN G 55 -33.42 -9.92 -21.44
CA ASN G 55 -33.77 -10.00 -20.04
C ASN G 55 -35.26 -9.88 -19.77
N GLY G 56 -36.01 -9.18 -20.63
CA GLY G 56 -37.40 -8.90 -20.38
C GLY G 56 -37.65 -7.67 -19.53
N ASP G 57 -36.61 -7.02 -19.03
CA ASP G 57 -36.77 -5.83 -18.22
C ASP G 57 -37.23 -4.65 -19.06
N THR G 58 -38.20 -3.91 -18.54
CA THR G 58 -38.76 -2.76 -19.23
C THR G 58 -38.73 -1.55 -18.31
N LYS G 59 -38.50 -0.39 -18.89
CA LYS G 59 -38.52 0.88 -18.16
C LYS G 59 -39.32 1.88 -18.98
N TYR G 60 -40.20 2.62 -18.32
CA TYR G 60 -41.14 3.47 -19.01
C TYR G 60 -41.01 4.92 -18.54
N ASP G 61 -41.40 5.82 -19.44
CA ASP G 61 -41.58 7.22 -19.09
C ASP G 61 -42.70 7.34 -18.07
N PRO G 62 -42.50 8.11 -16.98
CA PRO G 62 -43.56 8.26 -15.97
C PRO G 62 -44.85 8.89 -16.49
N LYS G 63 -44.80 9.66 -17.57
CA LYS G 63 -46.03 10.12 -18.20
C LYS G 63 -46.64 9.06 -19.12
N PHE G 64 -45.90 8.01 -19.46
CA PHE G 64 -46.40 6.92 -20.28
C PHE G 64 -46.57 5.63 -19.49
N GLN G 65 -46.51 5.69 -18.16
CA GLN G 65 -46.68 4.50 -17.35
C GLN G 65 -48.15 4.13 -17.27
N GLY G 66 -48.44 2.85 -17.49
CA GLY G 66 -49.81 2.35 -17.42
C GLY G 66 -50.58 2.29 -18.72
N LYS G 67 -50.54 3.38 -19.49
CA LYS G 67 -51.29 3.42 -20.74
C LYS G 67 -50.56 2.74 -21.89
N ALA G 68 -49.29 2.36 -21.71
CA ALA G 68 -48.53 1.72 -22.77
C ALA G 68 -47.57 0.72 -22.16
N THR G 69 -47.41 -0.42 -22.84
CA THR G 69 -46.42 -1.41 -22.42
C THR G 69 -45.82 -2.05 -23.65
N ILE G 70 -44.60 -2.56 -23.50
CA ILE G 70 -43.80 -3.09 -24.60
C ILE G 70 -43.52 -4.56 -24.35
N THR G 71 -43.78 -5.39 -25.35
CA THR G 71 -43.50 -6.81 -25.32
C THR G 71 -42.60 -7.19 -26.49
N THR G 72 -42.04 -8.40 -26.41
CA THR G 72 -41.15 -8.88 -27.46
C THR G 72 -41.15 -10.40 -27.47
N ASP G 73 -40.62 -10.97 -28.53
CA ASP G 73 -40.41 -12.41 -28.62
C ASP G 73 -39.09 -12.70 -29.31
N THR G 74 -38.61 -13.94 -29.15
CA THR G 74 -37.30 -14.32 -29.63
C THR G 74 -37.32 -14.88 -31.05
N PHE G 75 -38.31 -15.72 -31.36
CA PHE G 75 -38.31 -16.45 -32.63
C PHE G 75 -38.60 -15.52 -33.80
N SER G 76 -39.61 -14.66 -33.68
CA SER G 76 -39.98 -13.77 -34.77
C SER G 76 -39.06 -12.56 -34.89
N ASN G 77 -38.23 -12.30 -33.86
CA ASN G 77 -37.29 -11.17 -33.80
C ASN G 77 -38.03 -9.84 -33.96
N THR G 78 -39.08 -9.68 -33.16
CA THR G 78 -40.07 -8.65 -33.36
C THR G 78 -40.41 -8.01 -32.01
N ALA G 79 -40.57 -6.68 -32.00
CA ALA G 79 -41.00 -5.95 -30.83
C ALA G 79 -42.43 -5.45 -31.03
N TYR G 80 -43.19 -5.35 -29.94
CA TYR G 80 -44.61 -5.04 -30.00
C TYR G 80 -44.95 -3.91 -29.04
N LEU G 81 -45.98 -3.15 -29.42
CA LEU G 81 -46.56 -2.11 -28.57
C LEU G 81 -48.02 -2.44 -28.25
N GLN G 82 -48.39 -2.17 -27.01
CA GLN G 82 -49.78 -2.23 -26.57
C GLN G 82 -50.18 -0.84 -26.11
N LEU G 83 -51.22 -0.29 -26.74
CA LEU G 83 -51.74 1.03 -26.38
C LEU G 83 -53.17 0.86 -25.88
N SER G 84 -53.49 1.49 -24.75
CA SER G 84 -54.81 1.40 -24.16
C SER G 84 -55.33 2.79 -23.85
N SER G 85 -56.65 2.97 -24.00
CA SER G 85 -57.38 4.21 -23.75
C SER G 85 -56.84 5.36 -24.60
N LEU G 86 -56.98 5.19 -25.91
CA LEU G 86 -56.49 6.18 -26.86
C LEU G 86 -57.33 7.45 -26.81
N THR G 87 -56.64 8.59 -26.86
CA THR G 87 -57.28 9.90 -26.78
C THR G 87 -56.92 10.74 -27.99
N SER G 88 -57.28 12.03 -27.96
CA SER G 88 -57.00 12.91 -29.10
C SER G 88 -55.53 13.27 -29.20
N GLU G 89 -54.82 13.35 -28.07
CA GLU G 89 -53.42 13.71 -28.05
C GLU G 89 -52.49 12.55 -28.39
N ASP G 90 -53.01 11.34 -28.56
CA ASP G 90 -52.20 10.21 -28.97
C ASP G 90 -52.09 10.07 -30.47
N THR G 91 -52.68 10.99 -31.24
CA THR G 91 -52.60 10.97 -32.69
C THR G 91 -51.21 11.43 -33.10
N ALA G 92 -50.32 10.48 -33.34
CA ALA G 92 -48.93 10.76 -33.63
C ALA G 92 -48.36 9.64 -34.50
N VAL G 93 -47.09 9.74 -34.83
CA VAL G 93 -46.39 8.70 -35.57
C VAL G 93 -45.33 8.10 -34.66
N TYR G 94 -45.21 6.77 -34.69
CA TYR G 94 -44.37 6.03 -33.76
C TYR G 94 -43.22 5.37 -34.49
N TYR G 95 -42.03 5.42 -33.88
CA TYR G 95 -40.84 4.75 -34.40
C TYR G 95 -40.27 3.84 -33.32
N CYS G 96 -39.67 2.74 -33.75
CA CYS G 96 -38.89 1.88 -32.88
C CYS G 96 -37.41 2.03 -33.22
N ALA G 97 -36.58 2.23 -32.19
CA ALA G 97 -35.19 2.58 -32.37
C ALA G 97 -34.28 1.50 -31.81
N ARG G 98 -33.29 1.11 -32.61
CA ARG G 98 -32.21 0.25 -32.15
C ARG G 98 -31.15 1.05 -31.41
N LYS G 99 -30.77 0.58 -30.24
CA LYS G 99 -29.62 1.17 -29.56
C LYS G 99 -28.35 0.81 -30.32
N GLY G 100 -27.56 1.82 -30.67
CA GLY G 100 -26.38 1.64 -31.48
C GLY G 100 -25.10 1.90 -30.73
N LEU G 101 -24.15 2.52 -31.43
CA LEU G 101 -22.84 2.76 -30.85
C LEU G 101 -22.89 3.96 -29.91
N ARG G 102 -22.45 3.73 -28.67
CA ARG G 102 -22.43 4.73 -27.59
C ARG G 102 -23.81 5.32 -27.31
N TRP G 103 -24.83 4.44 -27.32
CA TRP G 103 -26.20 4.74 -26.89
C TRP G 103 -26.81 5.90 -27.69
N ALA G 104 -27.01 5.66 -28.98
CA ALA G 104 -27.24 6.76 -29.89
C ALA G 104 -28.49 6.65 -30.75
N MET G 105 -29.26 5.57 -30.64
CA MET G 105 -30.46 5.29 -31.46
C MET G 105 -30.10 5.28 -32.96
N ASP G 106 -29.31 4.26 -33.30
CA ASP G 106 -28.79 4.02 -34.64
C ASP G 106 -29.87 3.89 -35.71
N TYR G 107 -30.65 2.83 -35.66
CA TYR G 107 -31.62 2.52 -36.70
C TYR G 107 -33.02 2.94 -36.27
N TRP G 108 -33.83 3.31 -37.25
CA TRP G 108 -35.19 3.76 -37.02
C TRP G 108 -36.13 3.10 -38.01
N GLY G 109 -37.37 2.90 -37.60
CA GLY G 109 -38.37 2.36 -38.49
C GLY G 109 -38.97 3.44 -39.37
N GLN G 110 -39.75 2.99 -40.37
CA GLN G 110 -40.32 3.92 -41.33
C GLN G 110 -41.44 4.77 -40.74
N GLY G 111 -42.08 4.31 -39.67
CA GLY G 111 -43.07 5.12 -39.00
C GLY G 111 -44.51 4.69 -39.23
N THR G 112 -45.20 4.34 -38.14
CA THR G 112 -46.63 4.05 -38.16
C THR G 112 -47.37 5.20 -37.53
N SER G 113 -48.26 5.83 -38.29
CA SER G 113 -49.06 6.94 -37.79
C SER G 113 -50.43 6.41 -37.38
N VAL G 114 -50.83 6.72 -36.15
CA VAL G 114 -52.15 6.36 -35.64
C VAL G 114 -53.04 7.59 -35.63
N THR G 115 -54.34 7.37 -35.83
CA THR G 115 -55.30 8.46 -35.91
C THR G 115 -56.56 8.07 -35.14
N VAL G 116 -57.09 9.00 -34.35
CA VAL G 116 -58.35 8.80 -33.65
C VAL G 116 -59.40 9.71 -34.26
N SER G 117 -60.65 9.40 -33.98
CA SER G 117 -61.78 10.16 -34.53
C SER G 117 -62.89 10.33 -33.50
C1 NAG H . 0.95 -1.40 -38.53
C2 NAG H . 0.40 -0.80 -39.81
C3 NAG H . 1.54 -0.09 -40.56
C4 NAG H . 2.24 0.91 -39.65
C5 NAG H . 2.70 0.22 -38.38
C6 NAG H . 3.24 1.21 -37.37
C7 NAG H . 0.38 -2.66 -41.45
C8 NAG H . -0.38 -3.12 -42.65
N2 NAG H . -0.25 -1.75 -40.70
O3 NAG H . 0.95 0.55 -41.69
O4 NAG H . 3.46 1.36 -40.25
O5 NAG H . 1.61 -0.45 -37.72
O6 NAG H . 2.22 2.11 -36.97
O7 NAG H . 1.49 -3.08 -41.18
C1 NAG H . 3.42 2.08 -41.50
C2 NAG H . 3.98 3.48 -41.25
C3 NAG H . 4.02 4.24 -42.58
C4 NAG H . 4.85 3.46 -43.60
C5 NAG H . 4.26 2.06 -43.75
C6 NAG H . 5.07 1.18 -44.67
C7 NAG H . 1.97 4.65 -40.41
C8 NAG H . 1.51 5.69 -39.44
N2 NAG H . 3.24 4.24 -40.27
O3 NAG H . 4.54 5.55 -42.39
O4 NAG H . 4.82 4.13 -44.85
O5 NAG H . 4.21 1.40 -42.46
O6 NAG H . 6.45 1.19 -44.33
O7 NAG H . 1.22 4.19 -41.27
C1 NAG I . -23.81 -7.72 14.57
C2 NAG I . -24.60 -8.76 15.35
C3 NAG I . -25.41 -9.61 14.38
C4 NAG I . -26.28 -8.74 13.49
C5 NAG I . -25.43 -7.70 12.78
C6 NAG I . -26.25 -6.70 12.02
C7 NAG I . -23.80 -9.76 17.44
C8 NAG I . -22.68 -10.50 18.09
N2 NAG I . -23.72 -9.62 16.12
O3 NAG I . -26.21 -10.53 15.09
O4 NAG I . -26.89 -9.55 12.50
O5 NAG I . -24.67 -6.95 13.75
O6 NAG I . -27.24 -6.10 12.86
O7 NAG I . -24.75 -9.32 18.08
C1 NAG I . -28.31 -9.49 12.60
C2 NAG I . -28.84 -10.27 11.39
C3 NAG I . -30.33 -10.48 11.54
C4 NAG I . -30.65 -11.15 12.87
C5 NAG I . -30.06 -10.33 14.01
C6 NAG I . -30.21 -11.03 15.34
C7 NAG I . -27.44 -9.34 9.60
C8 NAG I . -27.41 -8.36 8.47
N2 NAG I . -28.63 -9.59 10.13
O3 NAG I . -30.72 -11.30 10.44
O4 NAG I . -32.07 -11.18 13.08
O5 NAG I . -28.65 -10.13 13.82
O6 NAG I . -29.64 -12.33 15.28
O7 NAG I . -26.42 -9.89 10.01
C1 BMA I . -32.68 -12.27 12.35
C2 BMA I . -33.42 -13.14 13.32
C3 BMA I . -34.14 -14.25 12.58
C4 BMA I . -35.05 -13.65 11.53
C5 BMA I . -34.25 -12.74 10.60
C6 BMA I . -35.10 -11.99 9.61
O2 BMA I . -34.33 -12.36 14.08
O3 BMA I . -34.90 -15.01 13.53
O4 BMA I . -35.67 -14.69 10.78
O5 BMA I . -33.55 -11.75 11.36
O6 BMA I . -35.83 -12.86 8.74
C1 NAG J . -3.50 -16.78 -4.70
C2 NAG J . -3.06 -18.14 -4.16
C3 NAG J . -1.60 -18.04 -3.73
C4 NAG J . -0.73 -17.55 -4.88
C5 NAG J . -1.27 -16.22 -5.38
C6 NAG J . -0.57 -15.74 -6.63
C7 NAG J . -5.12 -18.97 -3.11
C8 NAG J . -5.85 -19.06 -1.80
N2 NAG J . -3.85 -18.60 -3.04
O3 NAG J . -1.15 -19.32 -3.28
O4 NAG J . 0.59 -17.36 -4.36
O5 NAG J . -2.65 -16.35 -5.75
O6 NAG J . -0.62 -16.74 -7.65
O7 NAG J . -5.66 -19.23 -4.18
C1 NAG J . 1.55 -17.90 -5.27
C2 NAG J . 2.97 -17.50 -4.83
C3 NAG J . 3.94 -18.01 -5.90
C4 NAG J . 3.78 -19.51 -6.02
C5 NAG J . 2.35 -19.83 -6.41
C6 NAG J . 2.07 -21.31 -6.51
C7 NAG J . 2.69 -15.36 -3.64
C8 NAG J . 2.76 -13.88 -3.80
N2 NAG J . 3.20 -16.09 -4.63
O3 NAG J . 5.26 -17.65 -5.55
O4 NAG J . 4.69 -20.01 -7.00
O5 NAG J . 1.47 -19.31 -5.40
O6 NAG J . 2.31 -21.96 -5.27
O7 NAG J . 2.20 -15.88 -2.64
C1 BMA J . 5.52 -20.97 -6.32
C2 BMA J . 6.01 -21.97 -7.34
C3 BMA J . 6.93 -22.98 -6.71
C4 BMA J . 8.03 -22.29 -5.94
C5 BMA J . 7.48 -21.27 -4.96
C6 BMA J . 8.55 -20.42 -4.33
O2 BMA J . 6.67 -21.30 -8.40
O3 BMA J . 7.49 -23.74 -7.76
O4 BMA J . 8.76 -23.25 -5.19
O5 BMA J . 6.59 -20.36 -5.62
O6 BMA J . 7.97 -19.49 -3.45
C1 MAN J . 7.80 -25.08 -7.38
C2 MAN J . 9.00 -25.45 -8.20
C3 MAN J . 8.67 -25.38 -9.67
C4 MAN J . 7.50 -26.31 -9.96
C5 MAN J . 6.32 -25.91 -9.08
C6 MAN J . 5.15 -26.85 -9.22
O2 MAN J . 9.43 -26.76 -7.85
O3 MAN J . 9.80 -25.73 -10.47
O4 MAN J . 7.14 -26.22 -11.33
O5 MAN J . 6.72 -25.97 -7.69
O6 MAN J . 5.48 -28.16 -8.78
C1 MAN J . 10.71 -26.69 -7.22
C2 MAN J . 11.30 -28.07 -7.26
C3 MAN J . 10.52 -29.01 -6.35
C4 MAN J . 10.49 -28.45 -4.94
C5 MAN J . 9.91 -27.04 -4.96
C6 MAN J . 9.95 -26.38 -3.61
O2 MAN J . 12.67 -28.00 -6.88
O3 MAN J . 11.10 -30.30 -6.36
O4 MAN J . 9.69 -29.26 -4.10
O5 MAN J . 10.66 -26.22 -5.86
O6 MAN J . 9.16 -25.20 -3.61
C1 MAN J . 8.94 -18.53 -3.01
C2 MAN J . 8.33 -17.86 -1.82
C3 MAN J . 7.04 -17.20 -2.21
C4 MAN J . 7.32 -16.20 -3.31
C5 MAN J . 7.97 -16.92 -4.48
C6 MAN J . 8.33 -16.02 -5.63
O2 MAN J . 9.20 -16.88 -1.27
O3 MAN J . 6.50 -16.55 -1.06
O4 MAN J . 6.12 -15.58 -3.76
O5 MAN J . 9.17 -17.56 -4.04
O6 MAN J . 8.59 -16.79 -6.81
C1 MAN J . 5.20 -17.08 -0.83
C2 MAN J . 4.53 -16.19 0.18
C3 MAN J . 5.18 -16.35 1.53
C4 MAN J . 5.12 -17.80 1.96
C5 MAN J . 5.78 -18.67 0.90
C6 MAN J . 5.68 -20.14 1.21
O2 MAN J . 3.14 -16.50 0.25
O3 MAN J . 4.51 -15.52 2.48
O4 MAN J . 5.79 -18.00 3.19
O5 MAN J . 5.14 -18.45 -0.38
O6 MAN J . 6.49 -20.49 2.33
C1 NAG K . 22.62 13.93 -14.35
C2 NAG K . 22.91 14.93 -15.47
C3 NAG K . 23.34 14.20 -16.74
C4 NAG K . 24.49 13.23 -16.45
C5 NAG K . 24.17 12.34 -15.26
C6 NAG K . 25.34 11.51 -14.80
C7 NAG K . 20.56 15.54 -16.14
C8 NAG K . 19.64 16.71 -16.31
N2 NAG K . 21.80 15.85 -15.72
O3 NAG K . 23.74 15.15 -17.72
O4 NAG K . 24.69 12.36 -17.56
O5 NAG K . 23.77 13.13 -14.12
O6 NAG K . 25.68 11.79 -13.45
O7 NAG K . 20.19 14.40 -16.37
C1 NAG K . 25.84 12.66 -18.35
C2 NAG K . 26.50 11.35 -18.79
C3 NAG K . 27.62 11.61 -19.80
C4 NAG K . 27.11 12.44 -20.96
C5 NAG K . 26.54 13.75 -20.42
C6 NAG K . 25.95 14.65 -21.48
C7 NAG K . 26.70 9.32 -17.42
C8 NAG K . 27.33 8.70 -16.21
N2 NAG K . 27.00 10.59 -17.65
O3 NAG K . 28.15 10.37 -20.25
O4 NAG K . 28.17 12.71 -21.89
O5 NAG K . 25.47 13.43 -19.50
O6 NAG K . 24.66 14.19 -21.88
O7 NAG K . 25.95 8.69 -18.17
C1 BMA K . 27.89 11.99 -23.13
C2 BMA K . 28.51 12.79 -24.30
C3 BMA K . 28.21 12.05 -25.62
C4 BMA K . 28.62 10.56 -25.55
C5 BMA K . 28.06 9.87 -24.27
C6 BMA K . 28.59 8.46 -24.07
O2 BMA K . 29.91 12.86 -24.18
O3 BMA K . 28.84 12.68 -26.71
O4 BMA K . 28.14 9.88 -26.71
O5 BMA K . 28.42 10.67 -23.11
O6 BMA K . 29.83 8.33 -24.76
C1 NAG L . -14.76 -41.53 9.35
C2 NAG L . -14.54 -42.21 10.70
C3 NAG L . -15.89 -42.62 11.28
C4 NAG L . -16.79 -41.41 11.39
C5 NAG L . -16.93 -40.77 10.02
C6 NAG L . -17.72 -39.48 10.05
C7 NAG L . -13.77 -44.41 9.83
C8 NAG L . -12.55 -45.26 9.65
N2 NAG L . -13.62 -43.34 10.60
O3 NAG L . -15.68 -43.22 12.56
O4 NAG L . -18.09 -41.83 11.83
O5 NAG L . -15.63 -40.42 9.50
O6 NAG L . -17.20 -38.60 11.04
O7 NAG L . -14.84 -44.70 9.29
C1 NAG L . -18.43 -41.25 13.09
C2 NAG L . -19.94 -41.40 13.31
C3 NAG L . -20.31 -40.79 14.64
C4 NAG L . -19.49 -41.40 15.76
C5 NAG L . -18.01 -41.24 15.44
C6 NAG L . -17.12 -41.92 16.45
C7 NAG L . -20.71 -39.55 11.86
C8 NAG L . -21.54 -39.22 10.67
N2 NAG L . -20.70 -40.84 12.23
O3 NAG L . -21.70 -40.96 14.87
O4 NAG L . -19.79 -40.75 16.99
O5 NAG L . -17.70 -41.83 14.16
O6 NAG L . -17.19 -41.26 17.71
O7 NAG L . -20.08 -38.69 12.47
N ABU M . -20.89 -12.22 -4.19
CD ABU M . -20.94 -12.73 -5.58
CB ABU M . -21.19 -11.61 -6.55
CG ABU M . -21.10 -12.10 -7.99
C ABU M . -21.36 -11.04 -9.03
O ABU M . -21.27 -11.37 -10.23
OXT ABU M . -21.66 -9.89 -8.64
C1 PIO N . 1.21 56.91 29.73
O1 PIO N . 1.60 55.77 28.94
P1 PIO N . 0.46 54.76 28.37
C2 PIO N . 1.71 58.17 29.05
O2 PIO N . 3.13 58.13 28.91
C3 PIO N . 1.30 59.40 29.87
O3 PIO N . 1.81 60.58 29.25
C4 PIO N . 1.83 59.28 31.29
O4 PIO N . 1.31 60.38 32.06
P4 PIO N . 2.24 61.63 32.54
C5 PIO N . 1.41 57.99 31.95
O5 PIO N . 2.05 57.90 33.24
P5 PIO N . 1.32 57.34 34.58
C6 PIO N . 1.80 56.77 31.12
O6 PIO N . 1.31 55.58 31.74
O11 PIO N . 1.00 53.39 28.22
O12 PIO N . -0.83 54.94 29.07
O13 PIO N . 0.30 55.41 26.92
C1A PIO N . -1.30 56.33 24.27
O1A PIO N . -1.49 57.40 24.80
C1B PIO N . 2.02 55.07 21.99
O1B PIO N . 1.49 55.92 21.32
C1C PIO N . 1.44 55.57 26.05
C2A PIO N . -2.35 55.52 23.57
C2B PIO N . 2.38 53.69 21.50
C2C PIO N . 1.02 56.40 24.87
O2C PIO N . -0.11 55.73 24.22
C3A PIO N . -1.89 55.00 22.22
C3B PIO N . 1.26 53.03 20.70
C3C PIO N . 2.12 56.53 23.85
O3C PIO N . 2.38 55.24 23.26
O41 PIO N . 3.06 61.10 33.69
O42 PIO N . 1.30 62.73 32.94
O43 PIO N . 3.09 62.00 31.33
C4A PIO N . -2.85 53.99 21.60
C4B PIO N . 1.62 51.62 20.25
O51 PIO N . 2.41 57.23 35.62
O52 PIO N . 0.74 55.99 34.20
O53 PIO N . 0.26 58.35 34.93
C5A PIO N . -2.42 53.49 20.24
C5B PIO N . 0.49 50.87 19.57
C6A PIO N . -3.22 52.29 19.75
C6B PIO N . 0.81 49.40 19.28
C7A PIO N . -3.11 51.07 20.65
C7B PIO N . -0.34 48.59 18.72
C8A PIO N . -3.84 49.86 20.10
C8B PIO N . -0.01 47.13 18.55
N POV O . -23.01 16.46 5.55
P POV O . -19.48 18.18 8.95
C1 POV O . -20.40 19.09 11.25
C2 POV O . -20.28 20.55 11.67
C3 POV O . -19.45 21.40 10.72
C210 POV O . -17.91 23.77 22.14
C310 POV O . -16.47 31.75 15.42
C11 POV O . -21.35 17.20 7.36
O11 POV O . -20.53 19.02 9.80
C211 POV O . -16.52 24.22 22.47
C311 POV O . -14.98 31.75 15.71
C12 POV O . -21.79 17.28 5.92
O12 POV O . -20.25 18.13 7.56
C212 POV O . -16.18 24.03 23.94
C312 POV O . -14.49 32.96 16.49
C13 POV O . -22.74 15.00 5.79
O13 POV O . -18.22 18.96 8.78
C213 POV O . -14.92 23.21 24.19
C313 POV O . -15.13 33.10 17.86
C14 POV O . -24.18 16.88 6.38
O14 POV O . -19.42 16.81 9.50
C214 POV O . -13.67 23.78 23.55
C314 POV O . -14.52 34.20 18.72
C15 POV O . -23.34 16.66 4.11
C215 POV O . -12.43 22.92 23.75
C315 POV O . -14.62 35.58 18.11
C216 POV O . -11.20 23.42 23.02
C316 POV O . -14.00 36.65 18.99
C217 POV O . -9.98 22.54 23.21
C218 POV O . -8.74 23.08 22.53
C21 POV O . -18.68 20.29 13.56
O21 POV O . -19.89 20.72 13.08
C22 POV O . -18.56 20.59 15.02
O22 POV O . -17.83 19.76 12.91
C23 POV O . -17.65 19.60 15.74
C24 POV O . -17.14 20.11 17.08
C25 POV O . -18.23 20.42 18.08
C26 POV O . -17.70 20.69 19.49
C27 POV O . -16.80 21.91 19.59
C28 POV O . -17.55 23.24 19.70
C29 POV O . -18.35 23.34 20.97
C31 POV O . -18.52 23.59 10.72
O31 POV O . -18.85 22.51 11.43
C32 POV O . -17.89 24.64 11.58
O32 POV O . -18.72 23.68 9.53
C33 POV O . -18.01 26.04 11.00
C34 POV O . -16.96 26.98 11.56
C35 POV O . -16.99 27.14 13.07
C36 POV O . -15.81 27.91 13.62
C37 POV O . -15.91 28.25 15.10
C38 POV O . -17.02 29.25 15.41
C39 POV O . -16.96 30.55 14.62
N ABU P . 25.08 -6.78 -17.43
CD ABU P . 25.13 -7.65 -16.24
CB ABU P . 26.42 -8.43 -16.18
CG ABU P . 26.45 -9.36 -14.98
C ABU P . 27.80 -10.00 -14.72
O ABU P . 28.37 -10.58 -15.67
OXT ABU P . 28.27 -9.91 -13.56
C1 PIO Q . 27.99 34.12 53.02
O1 PIO Q . 27.51 32.82 52.63
P1 PIO Q . 28.17 32.02 51.38
C2 PIO Q . 29.14 33.95 54.01
O2 PIO Q . 28.70 33.19 55.13
C3 PIO Q . 29.66 35.31 54.46
O3 PIO Q . 30.72 35.14 55.39
C4 PIO Q . 28.52 36.11 55.08
O4 PIO Q . 29.02 37.42 55.42
P4 PIO Q . 29.04 37.94 56.97
C5 PIO Q . 27.36 36.26 54.11
O5 PIO Q . 26.29 36.95 54.79
P5 PIO Q . 25.83 38.46 54.39
C6 PIO Q . 26.85 34.91 53.64
O6 PIO Q . 25.80 35.08 52.70
O11 PIO Q . 27.14 31.18 50.72
O12 PIO Q . 29.02 32.89 50.54
O13 PIO Q . 29.14 31.07 52.20
C1A PIO Q . 32.03 28.68 52.50
O1A PIO Q . 32.46 28.86 53.60
C1B PIO Q . 29.32 25.52 52.80
O1B PIO Q . 29.70 25.04 53.83
C1C PIO Q . 28.64 29.81 52.71
C2A PIO Q . 32.85 28.36 51.28
C2B PIO Q . 29.05 24.75 51.53
C2C PIO Q . 29.78 29.01 53.27
O2C PIO Q . 30.72 28.74 52.19
C3A PIO Q . 32.34 27.15 50.53
C3B PIO Q . 29.91 23.50 51.41
C3C PIO Q . 29.32 27.67 53.78
O3C PIO Q . 29.09 26.82 52.64
O41 PIO Q . 30.47 37.80 57.43
O42 PIO Q . 28.09 37.01 57.71
O43 PIO Q . 28.56 39.38 56.95
C4A PIO Q . 33.33 26.63 49.48
C4B PIO Q . 29.46 22.58 50.28
O51 PIO Q . 25.44 39.12 55.70
O52 PIO Q . 24.66 38.31 53.44
O53 PIO Q . 27.04 39.10 53.74
C5A PIO Q . 32.84 25.40 48.73
C5B PIO Q . 29.56 23.20 48.89
C6A PIO Q . 33.90 24.76 47.87
C6B PIO Q . 29.07 22.28 47.77
C7A PIO Q . 34.53 25.68 46.85
C7B PIO Q . 29.20 22.87 46.39
C8A PIO Q . 35.59 25.00 46.02
C8B PIO Q . 28.77 21.91 45.30
C1 NAG R . 10.22 -14.87 -12.11
C2 NAG R . 10.22 -16.04 -11.13
C3 NAG R . 9.95 -17.32 -11.91
C4 NAG R . 8.64 -17.19 -12.66
C5 NAG R . 8.70 -15.97 -13.57
C6 NAG R . 7.41 -15.71 -14.29
C7 NAG R . 11.55 -16.02 -9.08
C8 NAG R . 12.83 -15.48 -8.53
N2 NAG R . 11.48 -16.12 -10.40
O3 NAG R . 9.93 -18.43 -11.02
O4 NAG R . 8.40 -18.36 -13.44
O5 NAG R . 8.98 -14.78 -12.80
O6 NAG R . 6.33 -15.62 -13.36
O7 NAG R . 10.62 -16.36 -8.35
N POV S . 35.82 11.53 5.50
P POV S . 33.61 12.30 10.01
C1 POV S . 33.07 14.63 11.13
C2 POV S . 33.73 15.56 12.13
C3 POV S . 33.58 15.11 13.56
C210 POV S . 28.43 24.41 16.62
C310 POV S . 34.84 20.54 22.60
C11 POV S . 35.11 12.34 7.84
O11 POV S . 34.07 13.73 10.59
C211 POV S . 28.13 25.56 17.53
C311 POV S . 33.56 20.47 23.39
C12 POV S . 35.69 11.24 6.98
O12 POV S . 34.89 11.81 9.18
C212 POV S . 26.91 26.33 17.12
C312 POV S . 33.63 21.07 24.76
C13 POV S . 34.52 12.02 4.97
O13 POV S . 33.43 11.34 11.16
C213 POV S . 25.74 25.46 16.73
C313 POV S . 33.68 22.58 24.80
C14 POV S . 36.86 12.56 5.28
O14 POV S . 32.48 12.53 9.05
C214 POV S . 25.24 24.55 17.82
C314 POV S . 33.37 23.18 26.14
C15 POV S . 36.21 10.29 4.78
C215 POV S . 24.03 23.74 17.45
C315 POV S . 34.26 22.67 27.24
C216 POV S . 23.30 23.14 18.61
C316 POV S . 33.83 23.10 28.61
C217 POV S . 21.92 22.64 18.27
C218 POV S . 21.05 22.40 19.47
C21 POV S . 31.94 17.19 12.05
O21 POV S . 33.26 16.93 12.00
C22 POV S . 31.51 17.88 13.31
O22 POV S . 31.19 16.97 11.15
C23 POV S . 30.05 18.20 13.33
C24 POV S . 29.75 19.50 14.05
C25 POV S . 30.41 20.72 13.43
C26 POV S . 29.46 21.79 13.00
C27 POV S . 28.89 22.64 14.13
C28 POV S . 29.92 23.06 15.12
C29 POV S . 29.51 24.28 15.91
C31 POV S . 34.68 15.39 15.64
O31 POV S . 34.61 15.75 14.36
C32 POV S . 35.35 16.45 16.47
O32 POV S . 34.28 14.33 16.05
C33 POV S . 35.23 16.19 17.94
C34 POV S . 33.90 16.62 18.51
C35 POV S . 33.65 18.11 18.41
C36 POV S . 32.65 18.64 19.41
C37 POV S . 32.83 20.10 19.76
C38 POV S . 34.23 20.49 20.12
C39 POV S . 34.83 19.76 21.31
C1 NAG T . 12.77 -35.05 24.87
C2 NAG T . 14.03 -35.36 25.66
C3 NAG T . 14.33 -36.85 25.52
C4 NAG T . 13.13 -37.69 25.94
C5 NAG T . 11.91 -37.26 25.13
C6 NAG T . 10.64 -37.95 25.59
C7 NAG T . 15.63 -33.52 25.94
C8 NAG T . 14.78 -33.03 27.07
N2 NAG T . 15.13 -34.54 25.22
O3 NAG T . 15.48 -37.19 26.29
O4 NAG T . 13.39 -39.06 25.70
O5 NAG T . 11.67 -35.85 25.28
O6 NAG T . 10.32 -37.60 26.93
O7 NAG T . 16.70 -33.02 25.67
#